data_6GW3
#
_entry.id   6GW3
#
_cell.length_a   71.560
_cell.length_b   123.288
_cell.length_c   87.939
_cell.angle_alpha   90.00
_cell.angle_beta   109.55
_cell.angle_gamma   90.00
#
_symmetry.space_group_name_H-M   'P 1 21 1'
#
loop_
_entity.id
_entity.type
_entity.pdbx_description
1 polymer '3,5,7-trioxododecanoyl-CoA synthase'
2 polymer '3,5,7-trioxododecanoyl-CoA synthase,3,5,7-trioxododecanoyl-CoA synthase'
3 non-polymer 'COENZYME A'
4 non-polymer DI(HYDROXYETHYL)ETHER
5 water water
#
loop_
_entity_poly.entity_id
_entity_poly.type
_entity_poly.pdbx_seq_one_letter_code
_entity_poly.pdbx_strand_id
1 'polypeptide(L)'
;GAMANHLRAEGPASVLAIGTANPENILLQDEFPDYYFRVTKSEHMTQLKEKFRKICDKSMIRKRNCFLNEEHLKQNPRLV
EHEMQTLDARQDMLVVEVPKLGKDACAKAIKEWGQPKSKITHLIFTSASTTDMPGADYHCAKLLGLSPSVKRVMMYQLG
(CSD)YGGGTVLRIAKDIAENNKGARVLAVCCDIMACLFRGPSESDLELLVGQAIFGDGAAAVIVGAEPDESVGERPIFE
LVSTGQTILPNSEGTIGGHIREAGLIFDLHKDVPMLISNNIEKCLIEAFTPIGISDWNSIFWITHPGGKAILDKVEEKLH
LKSDKFVDSRHVLSEHGNMSSSTVLFVMDELRKRSLEEGKSTTGDGFEWGVLFGFGPGLTVERVVVRSVPIKY
;
A,B,C
2 'polypeptide(L)'
;GAMANHLRAEGPASVLAIGTANPENILLQDEFPDYYFRVTKSEHMTQLKEKFRKICDKSMIRKRNCFLNEEHLKQNPRLV
EHEMQTLDARQDMLVVEVPKLGAMANHLRAEGPASVLAIGTANPENILLQDEFPDYYFRVTKSEHMTQLKEKFRKICDKS
MIRKRNCFLNEEHLKQNPRLVEHEMQTLDARQDMLVVEVPKLGKDACAKAIKEWGQPKSKITHLIFTSASTTDMPGADYH
CAKLLGLSPSVKRVMMYQLG(CSD)YGGGTVLRIAKDIAENNKGARVLAVCCDIMACLFRGPSESDLELLVGQAIFGDGA
AAVIVGAEPDESVGERPIFELVSTGQTILPNSEGTIGGHIREAGLIFDLHKDVPMLISNNIEKCLIEAFTPIGISDWNSI
FWITHPGGKAILDKVEEKLHLKSDKFVDSRHVLSEHGNMSSSTVLFVMDELRKRSLEEGKSTTGDGFEWGVLFGFGPGLT
VERVVVRSVPIKY
;
D
#
loop_
_chem_comp.id
_chem_comp.type
_chem_comp.name
_chem_comp.formula
COA non-polymer 'COENZYME A' 'C21 H36 N7 O16 P3 S'
PEG non-polymer DI(HYDROXYETHYL)ETHER 'C4 H10 O3'
#
# COMPACT_ATOMS: atom_id res chain seq x y z
N HIS A 6 -6.92 -29.72 -8.47
CA HIS A 6 -7.13 -28.68 -9.56
C HIS A 6 -5.75 -28.14 -10.01
N LEU A 7 -5.29 -28.33 -11.28
CA LEU A 7 -3.87 -28.10 -11.60
C LEU A 7 -3.69 -26.64 -12.02
N ARG A 8 -2.94 -25.91 -11.22
CA ARG A 8 -2.59 -24.52 -11.51
C ARG A 8 -1.24 -24.53 -12.20
N ALA A 9 -0.92 -23.39 -12.83
CA ALA A 9 0.38 -23.20 -13.43
C ALA A 9 1.43 -22.68 -12.45
N GLU A 10 2.72 -22.85 -12.79
CA GLU A 10 3.81 -22.30 -12.02
C GLU A 10 4.41 -21.04 -12.75
N GLY A 11 4.86 -20.07 -11.98
CA GLY A 11 5.46 -18.91 -12.52
C GLY A 11 4.46 -18.01 -13.27
N PRO A 12 4.98 -16.92 -13.78
CA PRO A 12 4.11 -15.80 -14.22
C PRO A 12 3.55 -16.00 -15.60
N ALA A 13 2.42 -15.37 -15.86
CA ALA A 13 1.88 -15.28 -17.20
C ALA A 13 2.74 -14.32 -18.05
N SER A 14 2.91 -14.65 -19.34
CA SER A 14 3.59 -13.77 -20.28
C SER A 14 2.76 -13.60 -21.56
N VAL A 15 2.97 -12.43 -22.21
CA VAL A 15 2.52 -12.21 -23.59
C VAL A 15 3.43 -12.97 -24.53
N LEU A 16 2.87 -13.91 -25.32
CA LEU A 16 3.60 -14.82 -26.22
C LEU A 16 3.50 -14.38 -27.71
N ALA A 17 2.56 -13.51 -28.04
CA ALA A 17 2.35 -13.07 -29.44
C ALA A 17 1.45 -11.84 -29.44
N ILE A 18 1.61 -10.99 -30.47
CA ILE A 18 0.80 -9.76 -30.65
C ILE A 18 0.45 -9.65 -32.13
N GLY A 19 -0.81 -9.38 -32.45
CA GLY A 19 -1.23 -9.12 -33.82
C GLY A 19 -2.17 -7.90 -33.86
N THR A 20 -2.10 -7.14 -34.97
CA THR A 20 -2.91 -5.94 -35.11
C THR A 20 -3.56 -5.84 -36.49
N ALA A 21 -4.66 -5.10 -36.61
CA ALA A 21 -5.38 -4.89 -37.86
C ALA A 21 -6.10 -3.56 -37.87
N ASN A 22 -6.29 -3.00 -39.09
CA ASN A 22 -7.07 -1.75 -39.23
C ASN A 22 -7.87 -1.79 -40.54
N PRO A 23 -8.98 -1.02 -40.63
CA PRO A 23 -9.65 -0.85 -41.94
C PRO A 23 -8.72 -0.21 -42.96
N GLU A 24 -8.89 -0.57 -44.24
CA GLU A 24 -7.97 -0.09 -45.30
C GLU A 24 -8.07 1.42 -45.54
N ASN A 25 -9.29 1.97 -45.44
CA ASN A 25 -9.50 3.40 -45.80
C ASN A 25 -8.78 4.31 -44.80
N ILE A 26 -8.11 5.36 -45.32
CA ILE A 26 -7.29 6.29 -44.47
C ILE A 26 -7.83 7.73 -44.59
N LEU A 27 -7.94 8.39 -43.43
CA LEU A 27 -8.17 9.84 -43.34
C LEU A 27 -6.81 10.54 -43.15
N LEU A 28 -6.36 11.32 -44.14
N LEU A 28 -6.34 11.31 -44.14
CA LEU A 28 -5.19 12.19 -43.98
CA LEU A 28 -5.17 12.20 -43.96
C LEU A 28 -5.57 13.44 -43.19
C LEU A 28 -5.60 13.43 -43.17
N GLN A 29 -4.93 13.67 -42.04
CA GLN A 29 -5.34 14.77 -41.14
C GLN A 29 -5.26 16.15 -41.81
N ASP A 30 -4.30 16.37 -42.75
CA ASP A 30 -4.20 17.64 -43.49
C ASP A 30 -5.51 17.95 -44.26
N GLU A 31 -6.21 16.92 -44.71
CA GLU A 31 -7.43 17.06 -45.52
C GLU A 31 -8.70 16.99 -44.66
N PHE A 32 -8.58 16.63 -43.36
CA PHE A 32 -9.78 16.26 -42.57
C PHE A 32 -10.70 17.44 -42.27
N PRO A 33 -10.20 18.63 -41.92
CA PRO A 33 -11.17 19.76 -41.70
C PRO A 33 -12.05 20.04 -42.88
N ASP A 34 -11.47 20.06 -44.08
CA ASP A 34 -12.23 20.34 -45.29
C ASP A 34 -13.20 19.14 -45.63
N TYR A 35 -12.74 17.91 -45.50
CA TYR A 35 -13.57 16.73 -45.70
C TYR A 35 -14.76 16.72 -44.73
N TYR A 36 -14.51 16.89 -43.43
CA TYR A 36 -15.55 16.79 -42.41
C TYR A 36 -16.60 17.87 -42.64
N PHE A 37 -16.18 19.13 -42.85
CA PHE A 37 -17.20 20.21 -43.03
C PHE A 37 -17.96 20.11 -44.37
N ARG A 38 -17.35 19.51 -45.38
CA ARG A 38 -18.04 19.24 -46.65
C ARG A 38 -19.09 18.11 -46.54
N VAL A 39 -18.70 16.93 -46.04
CA VAL A 39 -19.63 15.78 -45.99
C VAL A 39 -20.79 16.02 -44.99
N THR A 40 -20.56 16.84 -43.96
CA THR A 40 -21.59 17.24 -43.00
C THR A 40 -22.43 18.46 -43.45
N LYS A 41 -22.17 18.98 -44.64
CA LYS A 41 -22.99 20.07 -45.22
C LYS A 41 -22.96 21.33 -44.36
N SER A 42 -21.77 21.61 -43.80
CA SER A 42 -21.55 22.64 -42.80
C SER A 42 -20.48 23.68 -43.22
N GLU A 43 -20.33 23.86 -44.53
CA GLU A 43 -19.31 24.82 -45.05
C GLU A 43 -19.60 26.28 -44.69
N HIS A 44 -20.84 26.58 -44.34
CA HIS A 44 -21.20 27.94 -43.90
C HIS A 44 -20.56 28.32 -42.57
N MET A 45 -20.09 27.33 -41.77
CA MET A 45 -19.54 27.56 -40.44
C MET A 45 -18.03 27.89 -40.56
N THR A 46 -17.74 29.02 -41.18
CA THR A 46 -16.36 29.33 -41.59
C THR A 46 -15.41 29.52 -40.38
N GLN A 47 -15.87 30.23 -39.35
CA GLN A 47 -15.01 30.44 -38.17
C GLN A 47 -14.79 29.11 -37.41
N LEU A 48 -15.86 28.29 -37.24
CA LEU A 48 -15.72 27.02 -36.53
C LEU A 48 -14.78 26.07 -37.29
N LYS A 49 -14.84 26.08 -38.63
CA LYS A 49 -13.95 25.24 -39.45
C LYS A 49 -12.47 25.62 -39.19
N GLU A 50 -12.17 26.90 -39.11
CA GLU A 50 -10.76 27.29 -38.83
C GLU A 50 -10.33 26.94 -37.40
N LYS A 51 -11.23 27.03 -36.40
CA LYS A 51 -10.92 26.53 -35.05
C LYS A 51 -10.62 25.02 -35.09
N PHE A 52 -11.43 24.28 -35.86
CA PHE A 52 -11.23 22.85 -35.98
C PHE A 52 -9.91 22.51 -36.65
N ARG A 53 -9.54 23.30 -37.69
CA ARG A 53 -8.21 23.10 -38.31
C ARG A 53 -7.05 23.25 -37.29
N LYS A 54 -7.17 24.21 -36.37
CA LYS A 54 -6.12 24.37 -35.35
C LYS A 54 -6.10 23.19 -34.34
N ILE A 55 -7.27 22.66 -33.96
CA ILE A 55 -7.32 21.44 -33.16
C ILE A 55 -6.63 20.25 -33.86
N CYS A 56 -6.94 20.06 -35.16
CA CYS A 56 -6.37 18.96 -35.93
C CYS A 56 -4.86 19.14 -36.07
N ASP A 57 -4.41 20.36 -36.31
CA ASP A 57 -2.94 20.64 -36.46
C ASP A 57 -2.17 20.39 -35.16
N LYS A 58 -2.77 20.76 -34.04
CA LYS A 58 -2.13 20.59 -32.72
C LYS A 58 -2.21 19.16 -32.17
N SER A 59 -3.08 18.31 -32.75
CA SER A 59 -3.31 16.96 -32.23
C SER A 59 -2.12 16.01 -32.39
N MET A 60 -1.18 16.34 -33.31
CA MET A 60 -0.04 15.47 -33.65
C MET A 60 -0.45 14.11 -34.22
N ILE A 61 -1.66 14.05 -34.77
CA ILE A 61 -2.18 12.92 -35.50
C ILE A 61 -2.07 13.27 -37.00
N ARG A 62 -1.33 12.47 -37.76
CA ARG A 62 -1.13 12.71 -39.19
C ARG A 62 -2.09 11.89 -40.05
N LYS A 63 -2.48 10.70 -39.65
CA LYS A 63 -3.44 9.86 -40.34
C LYS A 63 -4.17 8.90 -39.39
N ARG A 64 -5.35 8.47 -39.81
CA ARG A 64 -6.17 7.52 -39.09
C ARG A 64 -6.81 6.54 -40.08
N ASN A 65 -6.92 5.28 -39.69
CA ASN A 65 -7.75 4.33 -40.45
C ASN A 65 -9.22 4.52 -40.04
N CYS A 66 -10.13 4.37 -41.00
CA CYS A 66 -11.56 4.65 -40.77
C CYS A 66 -12.46 3.81 -41.71
N PHE A 67 -13.21 2.85 -41.14
CA PHE A 67 -14.14 2.06 -41.91
C PHE A 67 -15.24 2.89 -42.57
N LEU A 68 -15.80 3.86 -41.82
CA LEU A 68 -16.87 4.67 -42.37
C LEU A 68 -16.37 5.51 -43.54
N ASN A 69 -17.07 5.47 -44.69
CA ASN A 69 -16.63 6.17 -45.90
C ASN A 69 -17.73 7.06 -46.45
N GLU A 70 -17.40 7.87 -47.45
CA GLU A 70 -18.35 8.83 -47.96
C GLU A 70 -19.58 8.16 -48.62
N GLU A 71 -19.41 6.97 -49.20
CA GLU A 71 -20.55 6.26 -49.75
CA GLU A 71 -20.55 6.25 -49.76
C GLU A 71 -21.55 5.80 -48.67
N HIS A 72 -21.05 5.39 -47.50
CA HIS A 72 -21.98 5.14 -46.35
C HIS A 72 -22.80 6.42 -46.04
N LEU A 73 -22.14 7.59 -46.03
CA LEU A 73 -22.81 8.85 -45.69
C LEU A 73 -23.83 9.29 -46.75
N LYS A 74 -23.53 9.04 -48.04
CA LYS A 74 -24.49 9.32 -49.12
C LYS A 74 -25.69 8.35 -49.05
N GLN A 75 -25.44 7.09 -48.68
CA GLN A 75 -26.53 6.07 -48.54
C GLN A 75 -27.45 6.40 -47.33
N ASN A 76 -26.87 6.97 -46.26
CA ASN A 76 -27.69 7.36 -45.09
C ASN A 76 -27.28 8.75 -44.57
N PRO A 77 -27.87 9.80 -45.16
CA PRO A 77 -27.47 11.16 -44.74
C PRO A 77 -27.87 11.53 -43.28
N ARG A 78 -28.73 10.73 -42.62
CA ARG A 78 -28.97 10.96 -41.19
C ARG A 78 -27.69 10.88 -40.36
N LEU A 79 -26.66 10.12 -40.84
CA LEU A 79 -25.40 9.98 -40.13
C LEU A 79 -24.55 11.27 -40.07
N VAL A 80 -24.83 12.25 -40.94
CA VAL A 80 -24.05 13.53 -40.95
C VAL A 80 -24.77 14.65 -40.19
N GLU A 81 -26.01 14.43 -39.75
CA GLU A 81 -26.71 15.38 -38.91
C GLU A 81 -26.01 15.50 -37.56
N HIS A 82 -26.22 16.64 -36.89
CA HIS A 82 -25.63 16.83 -35.54
C HIS A 82 -26.16 15.82 -34.52
N GLU A 83 -27.50 15.65 -34.51
CA GLU A 83 -28.15 14.75 -33.51
C GLU A 83 -29.41 14.22 -34.12
N MET A 84 -29.42 12.95 -34.42
CA MET A 84 -30.55 12.32 -35.13
C MET A 84 -30.59 10.84 -34.71
N GLN A 85 -31.81 10.27 -34.69
CA GLN A 85 -31.98 8.86 -34.30
C GLN A 85 -31.31 7.96 -35.37
N THR A 86 -30.22 7.34 -35.02
CA THR A 86 -29.34 6.60 -35.93
C THR A 86 -28.69 5.38 -35.30
N LEU A 87 -28.99 5.06 -34.02
CA LEU A 87 -28.37 3.91 -33.40
C LEU A 87 -28.59 2.59 -34.20
N ASP A 88 -29.80 2.40 -34.69
CA ASP A 88 -30.10 1.11 -35.34
C ASP A 88 -29.20 0.93 -36.61
N ALA A 89 -29.04 2.02 -37.38
CA ALA A 89 -28.13 1.95 -38.57
C ALA A 89 -26.68 1.70 -38.18
N ARG A 90 -26.20 2.36 -37.13
CA ARG A 90 -24.84 2.16 -36.65
C ARG A 90 -24.62 0.71 -36.18
N GLN A 91 -25.55 0.22 -35.35
CA GLN A 91 -25.49 -1.17 -34.87
C GLN A 91 -25.51 -2.20 -36.04
N ASP A 92 -26.37 -1.96 -37.02
CA ASP A 92 -26.46 -2.92 -38.16
C ASP A 92 -25.08 -3.08 -38.83
N MET A 93 -24.31 -2.00 -38.95
CA MET A 93 -22.94 -2.08 -39.45
C MET A 93 -21.97 -2.73 -38.46
N LEU A 94 -22.01 -2.29 -37.23
CA LEU A 94 -20.97 -2.58 -36.26
C LEU A 94 -21.05 -4.00 -35.65
N VAL A 95 -22.28 -4.56 -35.54
CA VAL A 95 -22.36 -5.94 -35.00
C VAL A 95 -21.68 -6.92 -35.97
N VAL A 96 -21.57 -6.56 -37.27
CA VAL A 96 -20.84 -7.37 -38.27
C VAL A 96 -19.32 -6.98 -38.25
N GLU A 97 -19.02 -5.68 -38.38
CA GLU A 97 -17.63 -5.30 -38.62
C GLU A 97 -16.70 -5.42 -37.43
N VAL A 98 -17.20 -5.25 -36.19
CA VAL A 98 -16.37 -5.36 -34.98
C VAL A 98 -15.78 -6.80 -34.85
N PRO A 99 -16.61 -7.89 -34.83
CA PRO A 99 -15.98 -9.19 -34.72
C PRO A 99 -15.06 -9.54 -35.93
N LYS A 100 -15.40 -9.03 -37.16
CA LYS A 100 -14.61 -9.33 -38.34
C LYS A 100 -13.18 -8.72 -38.17
N LEU A 101 -13.07 -7.44 -37.80
CA LEU A 101 -11.76 -6.82 -37.64
C LEU A 101 -11.01 -7.42 -36.45
N GLY A 102 -11.74 -7.76 -35.37
CA GLY A 102 -11.09 -8.48 -34.25
C GLY A 102 -10.52 -9.84 -34.67
N LYS A 103 -11.27 -10.63 -35.47
CA LYS A 103 -10.74 -11.89 -35.98
C LYS A 103 -9.46 -11.67 -36.81
N ASP A 104 -9.42 -10.59 -37.63
CA ASP A 104 -8.23 -10.36 -38.42
C ASP A 104 -6.97 -10.15 -37.50
N ALA A 105 -7.10 -9.41 -36.39
CA ALA A 105 -5.99 -9.22 -35.46
C ALA A 105 -5.62 -10.57 -34.78
N CYS A 106 -6.65 -11.33 -34.37
CA CYS A 106 -6.43 -12.61 -33.74
C CYS A 106 -5.66 -13.59 -34.66
N ALA A 107 -6.03 -13.63 -35.96
CA ALA A 107 -5.34 -14.53 -36.88
C ALA A 107 -3.85 -14.19 -36.99
N LYS A 108 -3.50 -12.90 -36.96
CA LYS A 108 -2.06 -12.50 -37.00
C LYS A 108 -1.33 -12.93 -35.72
N ALA A 109 -1.98 -12.78 -34.54
CA ALA A 109 -1.36 -13.26 -33.29
C ALA A 109 -1.15 -14.78 -33.28
N ILE A 110 -2.16 -15.53 -33.77
CA ILE A 110 -2.06 -16.97 -33.86
C ILE A 110 -0.91 -17.41 -34.77
N LYS A 111 -0.76 -16.74 -35.92
CA LYS A 111 0.35 -17.06 -36.84
C LYS A 111 1.70 -16.88 -36.16
N GLU A 112 1.92 -15.77 -35.45
CA GLU A 112 3.19 -15.59 -34.73
C GLU A 112 3.43 -16.70 -33.66
N TRP A 113 2.40 -16.96 -32.85
CA TRP A 113 2.47 -17.96 -31.81
C TRP A 113 2.86 -19.32 -32.36
N GLY A 114 2.27 -19.72 -33.50
CA GLY A 114 2.67 -20.91 -34.25
C GLY A 114 2.10 -22.25 -33.76
N GLN A 115 1.18 -22.23 -32.78
CA GLN A 115 0.58 -23.43 -32.20
C GLN A 115 -0.83 -23.67 -32.81
N PRO A 116 -1.36 -24.90 -32.69
CA PRO A 116 -2.69 -25.17 -33.24
C PRO A 116 -3.76 -24.35 -32.49
N LYS A 117 -4.75 -23.85 -33.21
CA LYS A 117 -5.79 -23.01 -32.61
C LYS A 117 -6.69 -23.81 -31.63
N SER A 118 -6.66 -25.15 -31.72
CA SER A 118 -7.36 -25.97 -30.72
C SER A 118 -6.71 -25.90 -29.32
N LYS A 119 -5.50 -25.36 -29.19
CA LYS A 119 -4.85 -25.17 -27.89
C LYS A 119 -5.31 -23.85 -27.19
N ILE A 120 -6.08 -23.00 -27.87
CA ILE A 120 -6.65 -21.82 -27.21
C ILE A 120 -7.83 -22.29 -26.28
N THR A 121 -7.71 -21.98 -24.98
CA THR A 121 -8.69 -22.43 -23.98
C THR A 121 -9.68 -21.32 -23.58
N HIS A 122 -9.32 -20.06 -23.76
CA HIS A 122 -10.10 -18.90 -23.31
C HIS A 122 -10.01 -17.77 -24.34
N LEU A 123 -11.10 -16.97 -24.46
CA LEU A 123 -11.13 -15.79 -25.37
C LEU A 123 -11.76 -14.62 -24.60
N ILE A 124 -11.02 -13.54 -24.51
CA ILE A 124 -11.49 -12.28 -23.89
C ILE A 124 -11.71 -11.28 -25.05
N PHE A 125 -12.84 -10.59 -25.09
CA PHE A 125 -13.13 -9.61 -26.15
C PHE A 125 -13.63 -8.31 -25.47
N THR A 126 -13.05 -7.15 -25.86
CA THR A 126 -13.60 -5.86 -25.43
C THR A 126 -13.82 -4.92 -26.62
N SER A 127 -14.93 -4.18 -26.58
CA SER A 127 -15.23 -3.09 -27.53
C SER A 127 -16.17 -2.10 -26.87
N ALA A 128 -15.98 -0.79 -27.13
CA ALA A 128 -16.93 0.23 -26.69
C ALA A 128 -17.86 0.70 -27.83
N SER A 129 -17.75 0.12 -29.03
CA SER A 129 -18.40 0.65 -30.24
C SER A 129 -19.79 0.08 -30.48
N THR A 130 -20.19 -0.98 -29.77
CA THR A 130 -21.40 -1.79 -30.07
C THR A 130 -21.70 -2.61 -28.80
N THR A 131 -22.85 -3.28 -28.82
CA THR A 131 -23.25 -4.26 -27.80
C THR A 131 -24.31 -5.13 -28.42
N ASP A 132 -24.32 -6.44 -28.10
CA ASP A 132 -25.31 -7.41 -28.68
C ASP A 132 -25.25 -8.72 -27.92
N MET A 133 -26.31 -9.51 -28.05
CA MET A 133 -26.38 -10.92 -27.50
C MET A 133 -26.90 -11.87 -28.55
N PRO A 134 -26.15 -12.98 -28.80
CA PRO A 134 -24.78 -13.24 -28.42
C PRO A 134 -23.80 -12.16 -28.96
N GLY A 135 -22.62 -12.06 -28.31
CA GLY A 135 -21.71 -10.95 -28.55
C GLY A 135 -20.63 -11.18 -29.60
N ALA A 136 -19.77 -10.16 -29.71
CA ALA A 136 -18.63 -10.22 -30.60
C ALA A 136 -17.68 -11.38 -30.29
N ASP A 137 -17.60 -11.77 -28.99
CA ASP A 137 -16.79 -12.95 -28.58
C ASP A 137 -17.27 -14.24 -29.29
N TYR A 138 -18.61 -14.47 -29.30
CA TYR A 138 -19.22 -15.59 -29.97
C TYR A 138 -18.87 -15.60 -31.48
N HIS A 139 -19.09 -14.45 -32.13
CA HIS A 139 -18.83 -14.40 -33.58
C HIS A 139 -17.34 -14.54 -33.92
N CYS A 140 -16.48 -13.90 -33.13
CA CYS A 140 -15.04 -14.02 -33.36
C CYS A 140 -14.58 -15.47 -33.22
N ALA A 141 -15.02 -16.15 -32.15
CA ALA A 141 -14.72 -17.58 -31.97
C ALA A 141 -15.18 -18.43 -33.15
N LYS A 142 -16.38 -18.19 -33.67
CA LYS A 142 -16.93 -18.94 -34.79
C LYS A 142 -16.12 -18.67 -36.10
N LEU A 143 -15.77 -17.39 -36.36
CA LEU A 143 -15.00 -17.04 -37.57
C LEU A 143 -13.60 -17.66 -37.52
N LEU A 144 -13.02 -17.80 -36.33
CA LEU A 144 -11.68 -18.42 -36.16
C LEU A 144 -11.75 -19.96 -36.20
N GLY A 145 -12.93 -20.55 -35.98
CA GLY A 145 -13.01 -22.01 -35.84
C GLY A 145 -12.42 -22.55 -34.52
N LEU A 146 -12.59 -21.79 -33.45
CA LEU A 146 -12.17 -22.24 -32.13
C LEU A 146 -13.07 -23.43 -31.65
N SER A 147 -12.57 -24.12 -30.64
CA SER A 147 -13.42 -25.14 -29.93
C SER A 147 -14.72 -24.49 -29.43
N PRO A 148 -15.89 -25.20 -29.54
CA PRO A 148 -17.14 -24.64 -28.99
C PRO A 148 -17.06 -24.47 -27.45
N SER A 149 -16.13 -25.17 -26.80
CA SER A 149 -15.94 -25.13 -25.36
C SER A 149 -14.83 -24.16 -24.91
N VAL A 150 -14.40 -23.26 -25.80
CA VAL A 150 -13.56 -22.14 -25.38
C VAL A 150 -14.34 -21.31 -24.35
N LYS A 151 -13.66 -20.94 -23.24
CA LYS A 151 -14.29 -20.18 -22.14
C LYS A 151 -14.14 -18.67 -22.44
N ARG A 152 -15.29 -18.01 -22.67
CA ARG A 152 -15.29 -16.61 -23.19
C ARG A 152 -15.53 -15.61 -22.05
N VAL A 153 -14.94 -14.43 -22.21
CA VAL A 153 -15.09 -13.32 -21.23
C VAL A 153 -15.41 -12.08 -22.15
N MET A 154 -16.68 -11.75 -22.27
CA MET A 154 -17.16 -10.60 -23.04
C MET A 154 -17.26 -9.37 -22.16
N MET A 155 -16.56 -8.24 -22.58
CA MET A 155 -16.53 -7.01 -21.79
C MET A 155 -16.85 -5.80 -22.70
N TYR A 156 -18.14 -5.56 -22.92
CA TYR A 156 -18.62 -4.40 -23.68
C TYR A 156 -18.49 -3.09 -22.86
N GLN A 157 -18.21 -1.97 -23.58
CA GLN A 157 -18.32 -0.64 -22.98
C GLN A 157 -17.38 -0.45 -21.79
N LEU A 158 -16.12 -0.85 -21.94
CA LEU A 158 -15.12 -0.44 -20.97
C LEU A 158 -14.56 0.99 -21.33
N GLY A 159 -14.15 1.14 -22.56
CA GLY A 159 -13.56 2.40 -23.04
C GLY A 159 -12.05 2.32 -22.95
N CSD A 160 -11.43 3.53 -22.82
CA CSD A 160 -10.01 3.65 -23.18
CB CSD A 160 -9.63 5.13 -23.35
SG CSD A 160 -9.99 5.86 -24.93
C CSD A 160 -9.04 2.97 -22.25
O CSD A 160 -7.84 2.90 -22.58
OD1 CSD A 160 -9.33 7.26 -24.86
OD2 CSD A 160 -11.42 6.03 -24.89
N TYR A 161 -9.46 2.52 -21.04
CA TYR A 161 -8.61 1.77 -20.14
C TYR A 161 -8.59 0.25 -20.42
N GLY A 162 -9.44 -0.24 -21.35
CA GLY A 162 -9.70 -1.66 -21.49
C GLY A 162 -8.55 -2.53 -21.95
N GLY A 163 -7.52 -1.95 -22.63
CA GLY A 163 -6.32 -2.72 -22.97
C GLY A 163 -5.58 -3.24 -21.75
N GLY A 164 -5.52 -2.38 -20.69
CA GLY A 164 -5.01 -2.83 -19.43
C GLY A 164 -5.95 -3.91 -18.77
N THR A 165 -7.28 -3.70 -18.80
CA THR A 165 -8.19 -4.66 -18.20
C THR A 165 -8.04 -6.07 -18.77
N VAL A 166 -7.93 -6.21 -20.12
CA VAL A 166 -7.90 -7.56 -20.67
C VAL A 166 -6.60 -8.30 -20.24
N LEU A 167 -5.46 -7.57 -20.09
CA LEU A 167 -4.24 -8.19 -19.56
C LEU A 167 -4.42 -8.61 -18.09
N ARG A 168 -5.08 -7.77 -17.28
CA ARG A 168 -5.32 -8.11 -15.87
C ARG A 168 -6.18 -9.41 -15.75
N ILE A 169 -7.24 -9.51 -16.57
CA ILE A 169 -8.12 -10.70 -16.55
C ILE A 169 -7.32 -11.94 -17.04
N ALA A 170 -6.56 -11.77 -18.12
CA ALA A 170 -5.81 -12.90 -18.70
C ALA A 170 -4.78 -13.45 -17.70
N LYS A 171 -4.12 -12.55 -16.91
CA LYS A 171 -3.06 -12.97 -15.97
C LYS A 171 -3.59 -14.03 -14.96
N ASP A 172 -4.73 -13.74 -14.32
CA ASP A 172 -5.26 -14.68 -13.32
C ASP A 172 -5.74 -16.01 -13.93
N ILE A 173 -6.37 -15.93 -15.12
CA ILE A 173 -6.78 -17.17 -15.80
C ILE A 173 -5.58 -18.04 -16.16
N ALA A 174 -4.57 -17.42 -16.79
CA ALA A 174 -3.41 -18.21 -17.23
C ALA A 174 -2.59 -18.84 -16.09
N GLU A 175 -2.47 -18.08 -14.97
CA GLU A 175 -1.72 -18.59 -13.83
C GLU A 175 -2.49 -19.65 -13.00
N ASN A 176 -3.82 -19.57 -12.97
CA ASN A 176 -4.60 -20.51 -12.17
C ASN A 176 -4.91 -21.83 -12.88
N ASN A 177 -4.58 -21.97 -14.17
CA ASN A 177 -4.97 -23.15 -14.97
C ASN A 177 -3.79 -23.66 -15.81
N LYS A 178 -3.20 -24.79 -15.36
CA LYS A 178 -2.05 -25.34 -16.09
C LYS A 178 -2.48 -25.63 -17.52
N GLY A 179 -1.63 -25.16 -18.47
CA GLY A 179 -1.91 -25.38 -19.91
C GLY A 179 -2.81 -24.34 -20.55
N ALA A 180 -3.40 -23.43 -19.77
CA ALA A 180 -4.34 -22.46 -20.39
C ALA A 180 -3.58 -21.51 -21.35
N ARG A 181 -4.23 -21.21 -22.46
CA ARG A 181 -3.70 -20.24 -23.46
C ARG A 181 -4.85 -19.29 -23.80
N VAL A 182 -4.67 -18.03 -23.41
CA VAL A 182 -5.73 -17.02 -23.45
C VAL A 182 -5.53 -16.10 -24.66
N LEU A 183 -6.53 -16.04 -25.53
CA LEU A 183 -6.57 -15.07 -26.64
C LEU A 183 -7.36 -13.86 -26.14
N ALA A 184 -6.75 -12.68 -26.12
CA ALA A 184 -7.42 -11.47 -25.66
C ALA A 184 -7.36 -10.42 -26.76
N VAL A 185 -8.54 -9.88 -27.12
CA VAL A 185 -8.65 -8.94 -28.26
C VAL A 185 -9.48 -7.71 -27.90
N CYS A 186 -9.03 -6.58 -28.40
CA CYS A 186 -9.74 -5.29 -28.30
C CYS A 186 -10.08 -4.82 -29.75
N CYS A 187 -11.21 -4.17 -29.95
CA CYS A 187 -11.56 -3.66 -31.29
C CYS A 187 -12.54 -2.52 -31.21
N ASP A 188 -12.24 -1.38 -31.87
CA ASP A 188 -13.16 -0.25 -31.97
C ASP A 188 -13.21 0.36 -33.37
N ILE A 189 -14.41 0.81 -33.74
N ILE A 189 -14.41 0.82 -33.74
CA ILE A 189 -14.73 1.42 -35.05
CA ILE A 189 -14.72 1.41 -35.04
C ILE A 189 -15.59 2.67 -34.80
C ILE A 189 -15.58 2.66 -34.78
N MET A 190 -15.07 3.83 -35.18
CA MET A 190 -15.59 5.12 -34.72
CA MET A 190 -15.57 5.16 -34.75
C MET A 190 -16.85 5.63 -35.42
N ALA A 191 -17.38 4.80 -36.37
CA ALA A 191 -18.71 5.01 -36.90
C ALA A 191 -19.76 5.09 -35.77
N CYS A 192 -19.49 4.47 -34.61
CA CYS A 192 -20.41 4.57 -33.47
C CYS A 192 -20.67 5.99 -32.99
N LEU A 193 -19.71 6.93 -33.16
CA LEU A 193 -19.75 8.28 -32.58
C LEU A 193 -19.65 9.42 -33.61
N PHE A 194 -19.55 9.11 -34.90
CA PHE A 194 -19.43 10.14 -35.93
C PHE A 194 -20.76 10.92 -36.03
N ARG A 195 -20.73 12.24 -35.99
CA ARG A 195 -21.90 13.07 -36.26
C ARG A 195 -21.44 14.49 -36.57
N GLY A 196 -22.38 15.27 -37.09
CA GLY A 196 -22.07 16.63 -37.62
C GLY A 196 -21.94 17.68 -36.51
N PRO A 197 -21.46 18.85 -36.88
CA PRO A 197 -21.07 19.90 -35.90
C PRO A 197 -22.22 20.81 -35.48
N SER A 198 -22.09 21.42 -34.29
CA SER A 198 -22.91 22.56 -33.95
C SER A 198 -22.00 23.73 -33.66
N GLU A 199 -22.58 24.94 -33.70
CA GLU A 199 -21.77 26.15 -33.76
C GLU A 199 -20.95 26.35 -32.52
N SER A 200 -21.38 25.86 -31.36
CA SER A 200 -20.63 26.17 -30.14
C SER A 200 -19.83 24.95 -29.60
N ASP A 201 -20.04 23.77 -30.15
CA ASP A 201 -19.70 22.49 -29.42
C ASP A 201 -18.27 22.00 -29.77
N LEU A 202 -17.27 22.55 -29.07
CA LEU A 202 -15.87 22.17 -29.29
C LEU A 202 -15.53 20.80 -28.70
N GLU A 203 -16.19 20.39 -27.64
CA GLU A 203 -15.97 19.06 -27.05
C GLU A 203 -16.22 17.93 -28.05
N LEU A 204 -17.36 18.01 -28.78
CA LEU A 204 -17.66 17.08 -29.85
C LEU A 204 -16.52 17.06 -30.92
N LEU A 205 -16.05 18.26 -31.28
CA LEU A 205 -15.02 18.33 -32.33
C LEU A 205 -13.71 17.70 -31.90
N VAL A 206 -13.31 17.84 -30.62
CA VAL A 206 -12.09 17.17 -30.14
C VAL A 206 -12.15 15.65 -30.46
N GLY A 207 -13.27 15.00 -30.09
CA GLY A 207 -13.43 13.60 -30.43
C GLY A 207 -13.40 13.31 -31.93
N GLN A 208 -14.08 14.14 -32.73
CA GLN A 208 -14.08 13.95 -34.20
C GLN A 208 -12.64 14.05 -34.83
N ALA A 209 -11.75 14.81 -34.16
CA ALA A 209 -10.36 15.00 -34.61
C ALA A 209 -9.45 13.82 -34.18
N ILE A 210 -9.70 13.17 -33.03
CA ILE A 210 -8.72 12.26 -32.46
C ILE A 210 -9.04 10.76 -32.59
N PHE A 211 -10.35 10.36 -32.68
CA PHE A 211 -10.62 8.93 -32.61
C PHE A 211 -10.48 8.22 -33.98
N GLY A 212 -9.78 7.09 -33.97
CA GLY A 212 -9.54 6.30 -35.17
C GLY A 212 -9.85 4.80 -34.92
N ASP A 213 -9.69 3.98 -35.98
CA ASP A 213 -10.16 2.58 -35.92
C ASP A 213 -9.03 1.58 -35.84
N GLY A 214 -9.22 0.48 -35.11
CA GLY A 214 -8.23 -0.56 -35.04
C GLY A 214 -8.64 -1.72 -34.13
N ALA A 215 -7.90 -2.84 -34.27
CA ALA A 215 -8.00 -4.02 -33.36
C ALA A 215 -6.62 -4.54 -33.04
N ALA A 216 -6.46 -5.09 -31.83
CA ALA A 216 -5.19 -5.69 -31.43
C ALA A 216 -5.50 -6.92 -30.58
N ALA A 217 -4.73 -7.98 -30.78
CA ALA A 217 -4.89 -9.25 -30.04
C ALA A 217 -3.55 -9.73 -29.47
N VAL A 218 -3.59 -10.35 -28.28
CA VAL A 218 -2.44 -11.00 -27.69
C VAL A 218 -2.78 -12.47 -27.33
N ILE A 219 -1.75 -13.33 -27.31
CA ILE A 219 -1.84 -14.65 -26.66
C ILE A 219 -1.10 -14.56 -25.35
N VAL A 220 -1.74 -14.96 -24.22
CA VAL A 220 -1.15 -14.93 -22.89
C VAL A 220 -1.11 -16.38 -22.33
N GLY A 221 0.04 -16.75 -21.75
CA GLY A 221 0.15 -18.07 -21.09
C GLY A 221 1.27 -18.11 -20.08
N ALA A 222 1.10 -18.96 -19.06
CA ALA A 222 2.20 -19.31 -18.18
C ALA A 222 2.95 -20.56 -18.67
N GLU A 223 4.16 -20.79 -18.17
CA GLU A 223 5.03 -21.96 -18.55
C GLU A 223 5.20 -22.11 -20.07
N PRO A 224 5.74 -21.08 -20.73
CA PRO A 224 5.99 -21.20 -22.19
C PRO A 224 6.86 -22.40 -22.52
N ASP A 225 6.54 -23.09 -23.61
CA ASP A 225 7.28 -24.31 -24.03
C ASP A 225 8.16 -23.98 -25.24
N GLU A 226 9.42 -23.71 -24.97
CA GLU A 226 10.35 -23.32 -26.05
C GLU A 226 10.55 -24.42 -27.10
N SER A 227 10.38 -25.68 -26.69
CA SER A 227 10.61 -26.78 -27.62
C SER A 227 9.63 -26.90 -28.76
N VAL A 228 8.43 -26.33 -28.60
CA VAL A 228 7.43 -26.28 -29.64
C VAL A 228 7.40 -24.91 -30.32
N GLY A 229 8.29 -24.00 -29.93
CA GLY A 229 8.40 -22.70 -30.58
C GLY A 229 7.67 -21.53 -29.88
N GLU A 230 7.19 -21.67 -28.65
CA GLU A 230 6.64 -20.54 -27.88
C GLU A 230 7.82 -19.68 -27.37
N ARG A 231 7.61 -18.36 -27.36
CA ARG A 231 8.65 -17.39 -26.99
C ARG A 231 7.94 -16.22 -26.24
N PRO A 232 8.25 -16.00 -24.93
CA PRO A 232 7.73 -14.80 -24.25
C PRO A 232 8.29 -13.49 -24.76
N ILE A 233 7.45 -12.46 -24.72
CA ILE A 233 7.81 -11.09 -25.13
C ILE A 233 7.87 -10.15 -23.89
N PHE A 234 6.82 -10.20 -23.05
CA PHE A 234 6.75 -9.41 -21.81
C PHE A 234 6.12 -10.33 -20.73
N GLU A 235 6.64 -10.28 -19.51
N GLU A 235 6.64 -10.27 -19.50
CA GLU A 235 6.02 -10.92 -18.33
CA GLU A 235 6.03 -10.93 -18.32
C GLU A 235 5.08 -9.99 -17.63
C GLU A 235 5.08 -9.98 -17.62
N LEU A 236 3.89 -10.49 -17.24
CA LEU A 236 2.92 -9.73 -16.50
C LEU A 236 3.12 -9.92 -14.98
N VAL A 237 3.64 -8.91 -14.26
CA VAL A 237 4.11 -9.04 -12.88
C VAL A 237 3.05 -8.74 -11.84
N SER A 238 2.39 -7.56 -11.95
CA SER A 238 1.37 -7.14 -10.95
C SER A 238 0.41 -6.18 -11.60
N THR A 239 -0.79 -6.07 -11.04
CA THR A 239 -1.82 -5.22 -11.60
C THR A 239 -2.50 -4.34 -10.57
N GLY A 240 -3.06 -3.22 -11.03
CA GLY A 240 -3.92 -2.35 -10.23
C GLY A 240 -4.98 -1.70 -11.11
N GLN A 241 -6.12 -1.40 -10.50
CA GLN A 241 -7.15 -0.55 -11.13
C GLN A 241 -7.59 0.46 -10.04
N THR A 242 -7.63 1.76 -10.35
CA THR A 242 -8.09 2.73 -9.37
CA THR A 242 -7.94 2.82 -9.41
C THR A 242 -8.91 3.86 -10.03
N ILE A 243 -9.78 4.43 -9.20
CA ILE A 243 -10.56 5.62 -9.53
C ILE A 243 -9.87 6.85 -8.95
N LEU A 244 -9.49 7.82 -9.83
CA LEU A 244 -8.78 9.03 -9.35
C LEU A 244 -9.69 9.92 -8.48
N PRO A 245 -9.12 10.55 -7.45
CA PRO A 245 -9.90 11.51 -6.68
C PRO A 245 -10.33 12.73 -7.53
N ASN A 246 -11.44 13.33 -7.18
CA ASN A 246 -11.88 14.59 -7.75
C ASN A 246 -12.04 14.52 -9.28
N SER A 247 -12.51 13.39 -9.81
CA SER A 247 -12.47 13.14 -11.27
C SER A 247 -13.87 12.66 -11.82
N GLU A 248 -14.96 12.78 -10.99
CA GLU A 248 -16.25 12.27 -11.44
C GLU A 248 -16.72 12.96 -12.71
N GLY A 249 -17.25 12.16 -13.67
CA GLY A 249 -17.87 12.70 -14.85
C GLY A 249 -16.91 13.20 -15.93
N THR A 250 -15.58 13.14 -15.73
CA THR A 250 -14.63 13.78 -16.62
C THR A 250 -14.40 13.02 -17.93
N ILE A 251 -14.62 11.69 -17.94
CA ILE A 251 -14.59 10.87 -19.16
C ILE A 251 -15.81 9.98 -19.16
N GLY A 252 -16.68 10.14 -20.15
CA GLY A 252 -17.96 9.32 -20.20
C GLY A 252 -18.32 8.98 -21.61
N GLY A 253 -19.19 7.99 -21.74
CA GLY A 253 -19.69 7.57 -23.04
C GLY A 253 -21.00 6.84 -22.89
N HIS A 254 -22.02 7.25 -23.62
CA HIS A 254 -23.41 6.82 -23.38
C HIS A 254 -24.03 6.26 -24.67
N ILE A 255 -24.70 5.12 -24.57
CA ILE A 255 -25.40 4.49 -25.71
C ILE A 255 -26.80 5.01 -25.75
N ARG A 256 -27.08 5.85 -26.75
CA ARG A 256 -28.30 6.61 -26.91
C ARG A 256 -28.93 6.37 -28.31
N GLU A 257 -30.14 6.86 -28.48
CA GLU A 257 -30.82 6.76 -29.76
C GLU A 257 -29.97 7.47 -30.90
N ALA A 258 -29.24 8.52 -30.55
CA ALA A 258 -28.39 9.28 -31.50
C ALA A 258 -27.04 8.65 -31.75
N GLY A 259 -26.72 7.50 -31.15
CA GLY A 259 -25.43 6.87 -31.22
C GLY A 259 -24.66 6.90 -29.92
N LEU A 260 -23.34 6.80 -29.98
CA LEU A 260 -22.46 6.93 -28.81
C LEU A 260 -22.16 8.42 -28.58
N ILE A 261 -22.62 8.93 -27.44
CA ILE A 261 -22.46 10.32 -27.03
C ILE A 261 -21.41 10.38 -25.94
N PHE A 262 -20.36 11.18 -26.12
CA PHE A 262 -19.19 11.18 -25.16
C PHE A 262 -18.98 12.53 -24.46
N ASP A 263 -18.34 12.42 -23.29
CA ASP A 263 -18.01 13.55 -22.40
C ASP A 263 -16.52 13.51 -22.22
N LEU A 264 -15.85 14.68 -22.44
CA LEU A 264 -14.41 14.82 -22.29
C LEU A 264 -14.10 16.16 -21.64
N HIS A 265 -13.73 16.19 -20.37
CA HIS A 265 -13.52 17.45 -19.64
C HIS A 265 -12.08 18.00 -19.94
N LYS A 266 -11.97 19.33 -20.00
CA LYS A 266 -10.66 19.98 -20.23
C LYS A 266 -9.61 19.64 -19.16
N ASP A 267 -10.04 19.24 -17.95
CA ASP A 267 -9.09 18.94 -16.84
C ASP A 267 -8.46 17.56 -16.92
N VAL A 268 -8.83 16.72 -17.90
CA VAL A 268 -8.33 15.32 -17.97
C VAL A 268 -6.77 15.22 -17.97
N PRO A 269 -6.04 16.03 -18.81
CA PRO A 269 -4.56 15.92 -18.76
C PRO A 269 -3.96 16.28 -17.38
N MET A 270 -4.47 17.33 -16.74
CA MET A 270 -4.00 17.71 -15.41
CA MET A 270 -4.01 17.70 -15.40
C MET A 270 -4.33 16.62 -14.35
N LEU A 271 -5.53 16.05 -14.43
CA LEU A 271 -5.92 15.03 -13.43
C LEU A 271 -5.01 13.80 -13.54
N ILE A 272 -4.72 13.34 -14.76
CA ILE A 272 -3.82 12.19 -14.92
C ILE A 272 -2.43 12.51 -14.40
N SER A 273 -1.88 13.66 -14.87
CA SER A 273 -0.51 14.01 -14.49
C SER A 273 -0.34 14.25 -12.99
N ASN A 274 -1.36 14.83 -12.29
CA ASN A 274 -1.25 15.10 -10.88
C ASN A 274 -1.39 13.89 -9.98
N ASN A 275 -1.87 12.78 -10.52
CA ASN A 275 -2.10 11.53 -9.75
C ASN A 275 -1.20 10.38 -10.13
N ILE A 276 -0.42 10.49 -11.21
CA ILE A 276 0.26 9.28 -11.74
C ILE A 276 1.46 8.87 -10.83
N GLU A 277 2.09 9.82 -10.15
CA GLU A 277 3.23 9.44 -9.27
C GLU A 277 2.74 8.53 -8.13
N LYS A 278 1.55 8.77 -7.54
CA LYS A 278 1.06 7.87 -6.50
C LYS A 278 0.89 6.45 -7.04
N CYS A 279 0.41 6.32 -8.28
CA CYS A 279 0.30 4.99 -8.91
C CYS A 279 1.67 4.28 -9.01
N LEU A 280 2.68 5.05 -9.47
CA LEU A 280 4.02 4.49 -9.59
C LEU A 280 4.66 4.08 -8.26
N ILE A 281 4.50 4.92 -7.24
CA ILE A 281 4.99 4.57 -5.90
C ILE A 281 4.35 3.26 -5.35
N GLU A 282 3.04 3.12 -5.51
CA GLU A 282 2.33 1.90 -5.08
C GLU A 282 2.82 0.68 -5.80
N ALA A 283 3.06 0.82 -7.11
CA ALA A 283 3.48 -0.33 -7.99
C ALA A 283 4.93 -0.75 -7.70
N PHE A 284 5.84 0.25 -7.51
CA PHE A 284 7.26 -0.04 -7.59
C PHE A 284 8.02 -0.08 -6.24
N THR A 285 7.44 0.51 -5.18
CA THR A 285 8.10 0.39 -3.86
C THR A 285 8.32 -1.09 -3.44
N PRO A 286 7.33 -1.99 -3.64
CA PRO A 286 7.64 -3.41 -3.33
C PRO A 286 8.83 -4.03 -4.08
N ILE A 287 9.18 -3.48 -5.26
CA ILE A 287 10.23 -3.99 -6.15
C ILE A 287 11.54 -3.26 -5.88
N GLY A 288 11.53 -2.23 -5.05
CA GLY A 288 12.72 -1.44 -4.76
C GLY A 288 13.09 -0.36 -5.80
N ILE A 289 12.14 0.08 -6.62
CA ILE A 289 12.39 1.08 -7.67
C ILE A 289 11.70 2.42 -7.36
N SER A 290 12.46 3.50 -7.53
CA SER A 290 11.98 4.87 -7.40
C SER A 290 12.32 5.81 -8.59
N ASP A 291 13.17 5.35 -9.51
CA ASP A 291 13.63 6.23 -10.61
C ASP A 291 12.76 5.92 -11.86
N TRP A 292 11.84 6.81 -12.22
CA TRP A 292 10.93 6.57 -13.32
C TRP A 292 11.62 6.63 -14.69
N ASN A 293 12.84 7.15 -14.73
CA ASN A 293 13.66 7.08 -15.97
C ASN A 293 14.47 5.77 -16.11
N SER A 294 14.38 4.88 -15.12
CA SER A 294 15.12 3.61 -15.12
C SER A 294 14.24 2.41 -15.57
N ILE A 295 13.01 2.69 -16.01
CA ILE A 295 12.05 1.69 -16.47
C ILE A 295 11.61 2.10 -17.90
N PHE A 296 11.06 1.13 -18.67
CA PHE A 296 10.35 1.44 -19.92
C PHE A 296 8.85 1.70 -19.68
N TRP A 297 8.21 2.41 -20.60
CA TRP A 297 6.83 2.82 -20.51
C TRP A 297 6.01 2.38 -21.70
N ILE A 298 4.81 1.81 -21.46
CA ILE A 298 3.82 1.47 -22.50
C ILE A 298 2.54 2.21 -22.17
N THR A 299 2.33 3.40 -22.75
CA THR A 299 1.32 4.35 -22.27
C THR A 299 0.27 4.64 -23.32
N HIS A 300 -1.00 4.52 -22.94
CA HIS A 300 -2.14 4.87 -23.77
C HIS A 300 -2.07 6.33 -24.16
N PRO A 301 -1.94 6.64 -25.49
CA PRO A 301 -1.85 8.09 -25.92
C PRO A 301 -3.21 8.70 -26.11
N GLY A 302 -3.94 8.91 -25.00
CA GLY A 302 -5.33 9.39 -25.09
C GLY A 302 -5.42 10.73 -25.82
N GLY A 303 -4.38 11.54 -25.69
CA GLY A 303 -4.15 12.77 -26.51
C GLY A 303 -2.74 13.22 -26.27
N LYS A 304 -2.26 14.07 -27.18
N LYS A 304 -2.26 14.08 -27.17
CA LYS A 304 -0.91 14.60 -27.07
CA LYS A 304 -0.92 14.61 -27.04
C LYS A 304 -0.70 15.34 -25.71
C LYS A 304 -0.72 15.29 -25.67
N ALA A 305 -1.73 16.04 -25.23
CA ALA A 305 -1.59 16.78 -23.96
C ALA A 305 -1.38 15.87 -22.77
N ILE A 306 -1.98 14.67 -22.75
CA ILE A 306 -1.77 13.78 -21.61
C ILE A 306 -0.25 13.38 -21.58
N LEU A 307 0.32 13.01 -22.73
CA LEU A 307 1.71 12.62 -22.80
C LEU A 307 2.64 13.78 -22.39
N ASP A 308 2.37 15.00 -22.90
CA ASP A 308 3.20 16.13 -22.62
C ASP A 308 3.20 16.53 -21.12
N LYS A 309 2.00 16.47 -20.50
CA LYS A 309 1.89 16.87 -19.08
C LYS A 309 2.50 15.80 -18.13
N VAL A 310 2.35 14.51 -18.44
CA VAL A 310 3.01 13.47 -17.60
C VAL A 310 4.52 13.62 -17.67
N GLU A 311 5.04 13.80 -18.92
CA GLU A 311 6.47 13.90 -19.10
C GLU A 311 7.04 15.10 -18.31
N GLU A 312 6.34 16.23 -18.35
CA GLU A 312 6.77 17.43 -17.66
C GLU A 312 6.70 17.24 -16.10
N LYS A 313 5.62 16.66 -15.59
CA LYS A 313 5.41 16.53 -14.13
C LYS A 313 6.53 15.63 -13.47
N LEU A 314 6.86 14.53 -14.17
CA LEU A 314 7.81 13.56 -13.67
C LEU A 314 9.24 13.81 -14.10
N HIS A 315 9.48 14.83 -14.93
CA HIS A 315 10.81 15.04 -15.53
C HIS A 315 11.29 13.74 -16.22
N LEU A 316 10.40 13.13 -17.05
CA LEU A 316 10.81 12.01 -17.89
C LEU A 316 11.67 12.49 -19.05
N LYS A 317 12.71 11.71 -19.34
CA LYS A 317 13.45 11.87 -20.60
C LYS A 317 12.55 11.60 -21.77
N SER A 318 12.86 12.25 -22.90
CA SER A 318 12.00 12.15 -24.08
C SER A 318 12.06 10.77 -24.74
N ASP A 319 12.91 9.88 -24.30
CA ASP A 319 12.96 8.49 -24.82
C ASP A 319 11.69 7.70 -24.47
N LYS A 320 11.04 8.06 -23.35
CA LYS A 320 10.05 7.13 -22.81
C LYS A 320 8.81 7.00 -23.67
N PHE A 321 8.35 8.10 -24.30
CA PHE A 321 7.08 8.16 -25.02
C PHE A 321 7.20 8.02 -26.55
N VAL A 322 8.39 7.62 -27.05
CA VAL A 322 8.56 7.53 -28.55
C VAL A 322 7.54 6.65 -29.22
N ASP A 323 7.27 5.45 -28.68
CA ASP A 323 6.33 4.54 -29.32
C ASP A 323 4.87 5.01 -29.18
N SER A 324 4.52 5.60 -28.03
CA SER A 324 3.17 6.20 -27.86
C SER A 324 2.94 7.32 -28.92
N ARG A 325 3.97 8.16 -29.12
CA ARG A 325 3.87 9.27 -30.13
C ARG A 325 3.81 8.73 -31.57
N HIS A 326 4.56 7.66 -31.82
CA HIS A 326 4.53 7.03 -33.13
C HIS A 326 3.12 6.46 -33.49
N VAL A 327 2.56 5.70 -32.55
CA VAL A 327 1.22 5.12 -32.77
C VAL A 327 0.17 6.23 -32.93
N LEU A 328 0.22 7.23 -32.03
CA LEU A 328 -0.70 8.38 -32.12
C LEU A 328 -0.64 9.03 -33.53
N SER A 329 0.58 9.25 -34.02
CA SER A 329 0.78 9.94 -35.30
C SER A 329 0.15 9.18 -36.46
N GLU A 330 0.24 7.82 -36.45
CA GLU A 330 -0.15 7.00 -37.60
C GLU A 330 -1.60 6.47 -37.48
N HIS A 331 -2.19 6.49 -36.27
CA HIS A 331 -3.50 5.84 -36.04
C HIS A 331 -4.50 6.64 -35.23
N GLY A 332 -4.08 7.75 -34.59
CA GLY A 332 -4.95 8.41 -33.62
C GLY A 332 -5.22 7.52 -32.36
N ASN A 333 -6.26 7.93 -31.62
CA ASN A 333 -6.71 7.24 -30.41
C ASN A 333 -7.75 6.16 -30.83
N MET A 334 -7.34 4.88 -30.75
CA MET A 334 -8.20 3.74 -31.14
C MET A 334 -8.85 3.09 -29.88
N SER A 335 -8.96 3.83 -28.77
CA SER A 335 -9.55 3.26 -27.54
C SER A 335 -8.68 2.14 -27.00
N SER A 336 -9.31 1.07 -26.44
N SER A 336 -9.30 1.06 -26.45
CA SER A 336 -8.60 0.02 -25.73
CA SER A 336 -8.59 -0.02 -25.80
C SER A 336 -7.41 -0.61 -26.48
C SER A 336 -7.38 -0.59 -26.56
N SER A 337 -7.54 -0.82 -27.80
N SER A 337 -7.53 -0.79 -27.87
CA SER A 337 -6.46 -1.46 -28.56
CA SER A 337 -6.45 -1.43 -28.65
C SER A 337 -5.14 -0.66 -28.62
C SER A 337 -5.13 -0.66 -28.61
N THR A 338 -5.21 0.67 -28.39
CA THR A 338 -4.06 1.55 -28.70
C THR A 338 -2.83 1.11 -27.91
N VAL A 339 -2.97 0.82 -26.60
CA VAL A 339 -1.81 0.49 -25.76
C VAL A 339 -1.12 -0.82 -26.22
N LEU A 340 -1.91 -1.73 -26.84
CA LEU A 340 -1.34 -2.96 -27.43
C LEU A 340 -0.57 -2.73 -28.73
N PHE A 341 -1.05 -1.75 -29.55
CA PHE A 341 -0.19 -1.27 -30.68
C PHE A 341 1.12 -0.67 -30.16
N VAL A 342 1.09 0.08 -29.07
CA VAL A 342 2.33 0.63 -28.48
C VAL A 342 3.26 -0.50 -28.02
N MET A 343 2.68 -1.53 -27.34
CA MET A 343 3.51 -2.71 -26.92
C MET A 343 4.21 -3.37 -28.12
N ASP A 344 3.46 -3.55 -29.21
CA ASP A 344 4.00 -4.20 -30.43
C ASP A 344 5.16 -3.35 -30.99
N GLU A 345 4.93 -2.01 -31.07
CA GLU A 345 5.95 -1.14 -31.64
CA GLU A 345 5.98 -1.15 -31.63
C GLU A 345 7.23 -1.15 -30.78
N LEU A 346 7.04 -1.09 -29.46
CA LEU A 346 8.20 -1.14 -28.55
C LEU A 346 9.09 -2.38 -28.78
N ARG A 347 8.50 -3.59 -28.81
CA ARG A 347 9.34 -4.78 -28.98
C ARG A 347 9.95 -4.86 -30.39
N LYS A 348 9.22 -4.40 -31.41
CA LYS A 348 9.76 -4.42 -32.76
C LYS A 348 10.93 -3.42 -32.94
N ARG A 349 10.78 -2.22 -32.40
CA ARG A 349 11.84 -1.19 -32.49
C ARG A 349 13.05 -1.65 -31.69
N SER A 350 12.85 -2.28 -30.53
CA SER A 350 13.98 -2.76 -29.70
C SER A 350 14.86 -3.71 -30.51
N LEU A 351 14.25 -4.63 -31.24
CA LEU A 351 15.03 -5.56 -32.08
C LEU A 351 15.72 -4.82 -33.26
N GLU A 352 14.95 -3.96 -33.93
CA GLU A 352 15.51 -3.25 -35.11
C GLU A 352 16.74 -2.40 -34.71
N GLU A 353 16.73 -1.83 -33.51
CA GLU A 353 17.81 -0.95 -33.03
C GLU A 353 18.93 -1.68 -32.28
N GLY A 354 18.87 -3.01 -32.21
CA GLY A 354 19.94 -3.79 -31.55
C GLY A 354 19.99 -3.62 -30.01
N LYS A 355 18.82 -3.36 -29.37
CA LYS A 355 18.78 -3.21 -27.92
C LYS A 355 18.85 -4.56 -27.21
N SER A 356 19.20 -4.55 -25.92
CA SER A 356 19.47 -5.76 -25.19
C SER A 356 18.22 -6.51 -24.69
N THR A 357 17.08 -5.83 -24.65
CA THR A 357 15.82 -6.43 -24.18
C THR A 357 14.65 -5.93 -25.07
N THR A 358 13.52 -6.61 -24.96
CA THR A 358 12.29 -6.21 -25.67
C THR A 358 11.68 -4.86 -25.16
N GLY A 359 12.17 -4.37 -24.01
CA GLY A 359 11.74 -3.08 -23.44
C GLY A 359 12.81 -1.98 -23.59
N ASP A 360 13.35 -1.79 -24.81
CA ASP A 360 14.31 -0.74 -25.10
C ASP A 360 15.57 -0.86 -24.21
N GLY A 361 15.98 -2.06 -23.86
CA GLY A 361 17.17 -2.32 -23.03
C GLY A 361 16.97 -2.28 -21.52
N PHE A 362 15.79 -1.88 -21.06
CA PHE A 362 15.47 -1.86 -19.62
C PHE A 362 14.89 -3.21 -19.19
N GLU A 363 15.06 -3.54 -17.93
CA GLU A 363 14.51 -4.78 -17.34
C GLU A 363 13.02 -4.64 -16.97
N TRP A 364 12.71 -3.58 -16.20
CA TRP A 364 11.37 -3.35 -15.66
C TRP A 364 10.63 -2.28 -16.44
N GLY A 365 9.30 -2.40 -16.50
CA GLY A 365 8.46 -1.44 -17.20
C GLY A 365 7.07 -1.30 -16.60
N VAL A 366 6.30 -0.29 -17.08
CA VAL A 366 4.93 -0.05 -16.64
C VAL A 366 4.04 0.14 -17.87
N LEU A 367 2.83 -0.43 -17.83
CA LEU A 367 1.78 -0.22 -18.80
C LEU A 367 0.62 0.52 -18.15
N PHE A 368 0.09 1.58 -18.83
CA PHE A 368 -1.03 2.38 -18.33
C PHE A 368 -2.14 2.53 -19.38
N GLY A 369 -3.38 2.29 -18.95
CA GLY A 369 -4.58 2.71 -19.66
C GLY A 369 -5.41 3.68 -18.84
N PHE A 370 -6.08 4.63 -19.50
CA PHE A 370 -6.85 5.70 -18.84
C PHE A 370 -8.24 5.83 -19.49
N GLY A 371 -9.31 5.90 -18.72
CA GLY A 371 -10.65 5.99 -19.32
C GLY A 371 -11.72 6.32 -18.30
N PRO A 372 -13.00 6.04 -18.61
CA PRO A 372 -14.17 6.48 -17.77
C PRO A 372 -14.00 6.11 -16.29
N GLY A 373 -14.23 7.09 -15.42
CA GLY A 373 -14.24 6.88 -13.99
C GLY A 373 -13.91 8.14 -13.13
N LEU A 374 -12.75 8.79 -13.29
CA LEU A 374 -11.62 8.48 -14.23
C LEU A 374 -10.85 7.27 -13.70
N THR A 375 -10.84 6.18 -14.47
CA THR A 375 -10.16 4.91 -14.13
C THR A 375 -8.76 4.83 -14.73
N VAL A 376 -7.81 4.39 -13.91
CA VAL A 376 -6.46 4.05 -14.36
C VAL A 376 -6.21 2.55 -14.19
N GLU A 377 -5.88 1.84 -15.29
CA GLU A 377 -5.39 0.47 -15.27
C GLU A 377 -3.86 0.53 -15.32
N ARG A 378 -3.18 -0.20 -14.42
CA ARG A 378 -1.73 -0.27 -14.32
C ARG A 378 -1.25 -1.72 -14.35
N VAL A 379 -0.23 -2.03 -15.14
CA VAL A 379 0.39 -3.36 -15.12
C VAL A 379 1.90 -3.16 -14.99
N VAL A 380 2.54 -3.72 -13.97
CA VAL A 380 4.02 -3.81 -13.92
C VAL A 380 4.42 -4.97 -14.85
N VAL A 381 5.37 -4.74 -15.75
CA VAL A 381 5.84 -5.74 -16.71
C VAL A 381 7.35 -5.90 -16.60
N ARG A 382 7.86 -7.08 -17.02
CA ARG A 382 9.28 -7.28 -17.22
C ARG A 382 9.51 -7.59 -18.68
N SER A 383 10.60 -7.03 -19.25
CA SER A 383 11.03 -7.39 -20.59
C SER A 383 11.67 -8.79 -20.61
N VAL A 384 12.02 -9.28 -21.80
CA VAL A 384 12.80 -10.51 -22.02
CA VAL A 384 12.84 -10.50 -21.97
C VAL A 384 14.11 -10.14 -22.75
N PRO A 385 15.23 -10.77 -22.41
CA PRO A 385 16.49 -10.47 -23.14
C PRO A 385 16.30 -10.78 -24.63
N ILE A 386 17.01 -10.00 -25.46
CA ILE A 386 17.13 -10.31 -26.88
C ILE A 386 18.53 -10.93 -27.04
N LYS A 387 18.54 -12.19 -27.49
CA LYS A 387 19.80 -12.87 -27.63
C LYS A 387 20.17 -12.82 -29.11
N TYR A 388 21.36 -12.46 -29.34
CA TYR A 388 21.92 -12.29 -30.65
C TYR A 388 22.96 -13.38 -30.77
N HIS B 6 4.03 -13.61 -6.70
CA HIS B 6 2.97 -13.12 -5.79
C HIS B 6 2.53 -14.34 -4.98
N LEU B 7 1.80 -14.06 -3.93
CA LEU B 7 1.28 -15.12 -3.07
C LEU B 7 -0.10 -15.50 -3.64
N ARG B 8 -0.18 -16.77 -4.00
CA ARG B 8 -1.47 -17.39 -4.37
C ARG B 8 -2.09 -18.11 -3.17
N ALA B 9 -3.40 -18.37 -3.29
CA ALA B 9 -4.11 -19.06 -2.25
C ALA B 9 -3.99 -20.57 -2.38
N GLU B 10 -4.20 -21.28 -1.25
CA GLU B 10 -4.26 -22.74 -1.24
C GLU B 10 -5.70 -23.21 -1.15
N GLY B 11 -5.97 -24.33 -1.82
CA GLY B 11 -7.29 -24.91 -1.83
C GLY B 11 -8.33 -24.15 -2.66
N PRO B 12 -9.59 -24.63 -2.62
CA PRO B 12 -10.62 -24.13 -3.53
C PRO B 12 -11.24 -22.83 -3.05
N ALA B 13 -11.71 -22.03 -4.01
CA ALA B 13 -12.60 -20.88 -3.70
C ALA B 13 -13.99 -21.42 -3.26
N SER B 14 -14.61 -20.74 -2.30
CA SER B 14 -15.96 -21.02 -1.82
CA SER B 14 -15.97 -21.03 -1.86
C SER B 14 -16.84 -19.76 -1.84
N VAL B 15 -18.17 -19.96 -2.02
CA VAL B 15 -19.16 -18.94 -1.71
C VAL B 15 -19.29 -18.85 -0.18
N LEU B 16 -19.05 -17.65 0.35
CA LEU B 16 -19.05 -17.35 1.80
C LEU B 16 -20.33 -16.63 2.28
N ALA B 17 -21.11 -16.05 1.38
CA ALA B 17 -22.32 -15.31 1.73
C ALA B 17 -23.15 -15.04 0.47
N ILE B 18 -24.48 -14.96 0.64
CA ILE B 18 -25.41 -14.70 -0.48
C ILE B 18 -26.43 -13.67 0.01
N GLY B 19 -26.71 -12.63 -0.81
CA GLY B 19 -27.76 -11.69 -0.55
C GLY B 19 -28.61 -11.41 -1.78
N THR B 20 -29.91 -11.15 -1.59
CA THR B 20 -30.81 -10.91 -2.73
C THR B 20 -31.72 -9.71 -2.46
N ALA B 21 -32.23 -9.11 -3.55
CA ALA B 21 -33.12 -7.94 -3.46
C ALA B 21 -34.08 -7.89 -4.65
N ASN B 22 -35.25 -7.32 -4.46
CA ASN B 22 -36.20 -7.11 -5.56
C ASN B 22 -36.94 -5.79 -5.37
N PRO B 23 -37.45 -5.17 -6.45
CA PRO B 23 -38.36 -4.02 -6.31
C PRO B 23 -39.59 -4.40 -5.42
N GLU B 24 -40.14 -3.42 -4.72
CA GLU B 24 -41.30 -3.70 -3.88
C GLU B 24 -42.62 -3.98 -4.63
N ASN B 25 -42.83 -3.31 -5.76
CA ASN B 25 -44.06 -3.46 -6.58
C ASN B 25 -44.17 -4.90 -7.16
N ILE B 26 -45.38 -5.46 -7.06
CA ILE B 26 -45.66 -6.87 -7.47
C ILE B 26 -46.70 -6.93 -8.59
N LEU B 27 -46.45 -7.88 -9.51
CA LEU B 27 -47.41 -8.28 -10.55
C LEU B 27 -47.92 -9.69 -10.18
N LEU B 28 -49.20 -9.82 -9.81
CA LEU B 28 -49.80 -11.15 -9.62
C LEU B 28 -50.15 -11.72 -11.00
N GLN B 29 -49.68 -12.93 -11.29
CA GLN B 29 -49.86 -13.50 -12.64
C GLN B 29 -51.32 -13.72 -13.00
N ASP B 30 -52.19 -14.05 -12.00
CA ASP B 30 -53.61 -14.25 -12.29
C ASP B 30 -54.28 -12.95 -12.81
N GLU B 31 -53.71 -11.79 -12.48
CA GLU B 31 -54.23 -10.47 -12.88
C GLU B 31 -53.51 -9.91 -14.09
N PHE B 32 -52.41 -10.55 -14.55
CA PHE B 32 -51.54 -9.92 -15.55
C PHE B 32 -52.15 -9.79 -16.94
N PRO B 33 -52.87 -10.80 -17.47
CA PRO B 33 -53.53 -10.58 -18.78
C PRO B 33 -54.41 -9.34 -18.79
N ASP B 34 -55.24 -9.13 -17.75
CA ASP B 34 -56.11 -7.94 -17.71
C ASP B 34 -55.29 -6.63 -17.54
N TYR B 35 -54.29 -6.65 -16.66
CA TYR B 35 -53.43 -5.48 -16.47
C TYR B 35 -52.70 -5.09 -17.77
N TYR B 36 -52.04 -6.07 -18.41
CA TYR B 36 -51.20 -5.78 -19.59
C TYR B 36 -52.06 -5.24 -20.72
N PHE B 37 -53.17 -5.92 -21.08
CA PHE B 37 -53.98 -5.43 -22.20
C PHE B 37 -54.68 -4.09 -21.91
N ARG B 38 -54.98 -3.81 -20.61
CA ARG B 38 -55.55 -2.50 -20.24
C ARG B 38 -54.51 -1.37 -20.38
N VAL B 39 -53.36 -1.50 -19.74
CA VAL B 39 -52.37 -0.39 -19.74
C VAL B 39 -51.72 -0.16 -21.12
N THR B 40 -51.73 -1.18 -21.99
CA THR B 40 -51.23 -1.02 -23.37
C THR B 40 -52.37 -0.61 -24.35
N LYS B 41 -53.56 -0.33 -23.85
CA LYS B 41 -54.65 0.21 -24.67
C LYS B 41 -55.02 -0.74 -25.85
N SER B 42 -54.99 -2.06 -25.57
CA SER B 42 -55.08 -3.11 -26.57
C SER B 42 -56.26 -4.07 -26.31
N GLU B 43 -57.28 -3.60 -25.64
CA GLU B 43 -58.43 -4.50 -25.28
C GLU B 43 -59.21 -4.98 -26.51
N HIS B 44 -59.07 -4.30 -27.64
CA HIS B 44 -59.75 -4.72 -28.89
C HIS B 44 -59.18 -6.02 -29.45
N MET B 45 -57.99 -6.45 -28.98
CA MET B 45 -57.37 -7.73 -29.44
C MET B 45 -57.86 -8.90 -28.60
N THR B 46 -59.15 -9.21 -28.78
CA THR B 46 -59.85 -10.11 -27.83
C THR B 46 -59.31 -11.54 -27.93
N GLN B 47 -59.11 -12.03 -29.16
CA GLN B 47 -58.58 -13.42 -29.32
C GLN B 47 -57.13 -13.53 -28.84
N LEU B 48 -56.30 -12.52 -29.11
CA LEU B 48 -54.91 -12.54 -28.61
C LEU B 48 -54.88 -12.55 -27.06
N LYS B 49 -55.73 -11.71 -26.46
CA LYS B 49 -55.78 -11.66 -24.97
C LYS B 49 -56.13 -13.06 -24.38
N GLU B 50 -57.09 -13.78 -24.98
CA GLU B 50 -57.37 -15.15 -24.48
C GLU B 50 -56.23 -16.14 -24.66
N LYS B 51 -55.50 -16.05 -25.77
CA LYS B 51 -54.25 -16.85 -25.89
C LYS B 51 -53.22 -16.48 -24.84
N PHE B 52 -53.07 -15.18 -24.58
CA PHE B 52 -52.16 -14.76 -23.54
C PHE B 52 -52.54 -15.29 -22.10
N ARG B 53 -53.86 -15.30 -21.82
CA ARG B 53 -54.31 -15.86 -20.58
C ARG B 53 -53.87 -17.32 -20.40
N LYS B 54 -53.94 -18.10 -21.49
CA LYS B 54 -53.44 -19.49 -21.44
C LYS B 54 -51.91 -19.58 -21.22
N ILE B 55 -51.14 -18.74 -21.91
CA ILE B 55 -49.70 -18.70 -21.68
C ILE B 55 -49.37 -18.40 -20.20
N CYS B 56 -50.03 -17.39 -19.63
CA CYS B 56 -49.76 -17.00 -18.22
C CYS B 56 -50.20 -18.13 -17.27
N ASP B 57 -51.33 -18.77 -17.55
CA ASP B 57 -51.81 -19.89 -16.70
C ASP B 57 -50.90 -21.11 -16.75
N LYS B 58 -50.24 -21.35 -17.88
CA LYS B 58 -49.29 -22.46 -17.99
C LYS B 58 -47.87 -22.19 -17.58
N SER B 59 -47.57 -20.91 -17.31
CA SER B 59 -46.19 -20.49 -17.05
C SER B 59 -45.59 -21.00 -15.74
N MET B 60 -46.45 -21.39 -14.78
CA MET B 60 -46.00 -21.79 -13.44
C MET B 60 -45.28 -20.67 -12.69
N ILE B 61 -45.61 -19.43 -13.05
CA ILE B 61 -45.21 -18.20 -12.31
C ILE B 61 -46.45 -17.66 -11.59
N ARG B 62 -46.37 -17.53 -10.25
CA ARG B 62 -47.47 -16.97 -9.48
C ARG B 62 -47.34 -15.42 -9.35
N LYS B 63 -46.13 -14.91 -9.18
CA LYS B 63 -45.91 -13.49 -9.02
C LYS B 63 -44.51 -13.13 -9.50
N ARG B 64 -44.36 -11.84 -9.85
CA ARG B 64 -43.06 -11.24 -10.19
C ARG B 64 -42.95 -9.86 -9.49
N ASN B 65 -41.75 -9.48 -9.11
CA ASN B 65 -41.47 -8.13 -8.67
C ASN B 65 -41.10 -7.28 -9.92
N CYS B 66 -41.52 -6.02 -9.94
CA CYS B 66 -41.40 -5.20 -11.17
C CYS B 66 -41.31 -3.72 -10.79
N PHE B 67 -40.15 -3.11 -11.05
CA PHE B 67 -39.96 -1.67 -10.80
C PHE B 67 -40.91 -0.80 -11.63
N LEU B 68 -41.04 -1.13 -12.93
CA LEU B 68 -41.94 -0.32 -13.76
C LEU B 68 -43.38 -0.41 -13.28
N ASN B 69 -44.02 0.72 -13.09
CA ASN B 69 -45.40 0.76 -12.60
C ASN B 69 -46.33 1.60 -13.53
N GLU B 70 -47.63 1.55 -13.27
CA GLU B 70 -48.60 2.19 -14.15
C GLU B 70 -48.39 3.70 -14.21
N GLU B 71 -47.97 4.32 -13.12
CA GLU B 71 -47.67 5.76 -13.16
C GLU B 71 -46.49 6.10 -14.10
N HIS B 72 -45.49 5.21 -14.22
CA HIS B 72 -44.44 5.44 -15.24
C HIS B 72 -45.06 5.44 -16.66
N LEU B 73 -45.99 4.50 -16.89
CA LEU B 73 -46.61 4.35 -18.21
C LEU B 73 -47.54 5.53 -18.53
N LYS B 74 -48.25 6.09 -17.54
CA LYS B 74 -49.06 7.28 -17.74
C LYS B 74 -48.20 8.52 -17.99
N GLN B 75 -47.05 8.62 -17.32
CA GLN B 75 -46.17 9.78 -17.52
C GLN B 75 -45.55 9.76 -18.93
N ASN B 76 -45.20 8.58 -19.42
CA ASN B 76 -44.60 8.46 -20.76
C ASN B 76 -45.33 7.34 -21.58
N PRO B 77 -46.44 7.73 -22.26
CA PRO B 77 -47.21 6.71 -23.04
C PRO B 77 -46.45 6.10 -24.23
N ARG B 78 -45.29 6.66 -24.62
CA ARG B 78 -44.50 6.01 -25.64
C ARG B 78 -44.04 4.62 -25.21
N LEU B 79 -43.92 4.38 -23.91
CA LEU B 79 -43.48 3.07 -23.36
C LEU B 79 -44.52 1.93 -23.56
N VAL B 80 -45.79 2.27 -23.83
CA VAL B 80 -46.83 1.25 -24.07
C VAL B 80 -47.09 0.98 -25.57
N GLU B 81 -46.47 1.77 -26.46
CA GLU B 81 -46.55 1.47 -27.89
C GLU B 81 -45.86 0.13 -28.15
N HIS B 82 -46.27 -0.49 -29.27
CA HIS B 82 -45.61 -1.75 -29.72
C HIS B 82 -44.17 -1.59 -30.09
N GLU B 83 -43.87 -0.50 -30.83
CA GLU B 83 -42.50 -0.25 -31.29
C GLU B 83 -42.32 1.26 -31.44
N MET B 84 -41.51 1.86 -30.58
CA MET B 84 -41.36 3.32 -30.58
C MET B 84 -39.96 3.66 -30.04
N GLN B 85 -39.38 4.79 -30.50
CA GLN B 85 -38.06 5.19 -30.10
C GLN B 85 -38.10 5.62 -28.61
N THR B 86 -37.58 4.77 -27.74
CA THR B 86 -37.74 4.85 -26.28
C THR B 86 -36.52 4.43 -25.51
N LEU B 87 -35.40 4.10 -26.19
CA LEU B 87 -34.20 3.71 -25.45
C LEU B 87 -33.71 4.78 -24.48
N ASP B 88 -33.75 6.06 -24.90
CA ASP B 88 -33.19 7.10 -24.01
C ASP B 88 -33.98 7.17 -22.69
N ALA B 89 -35.33 7.09 -22.75
CA ALA B 89 -36.12 7.12 -21.55
C ALA B 89 -35.88 5.87 -20.68
N ARG B 90 -35.76 4.68 -21.28
CA ARG B 90 -35.46 3.46 -20.53
C ARG B 90 -34.07 3.58 -19.86
N GLN B 91 -33.05 4.02 -20.60
CA GLN B 91 -31.70 4.20 -20.02
C GLN B 91 -31.70 5.25 -18.88
N ASP B 92 -32.43 6.36 -19.05
CA ASP B 92 -32.44 7.37 -18.02
C ASP B 92 -32.89 6.78 -16.66
N MET B 93 -33.87 5.86 -16.70
CA MET B 93 -34.30 5.15 -15.51
C MET B 93 -33.26 4.13 -15.05
N LEU B 94 -32.80 3.28 -15.97
CA LEU B 94 -32.05 2.06 -15.63
C LEU B 94 -30.58 2.30 -15.28
N VAL B 95 -29.93 3.33 -15.82
CA VAL B 95 -28.57 3.64 -15.37
C VAL B 95 -28.52 3.99 -13.89
N VAL B 96 -29.65 4.48 -13.33
CA VAL B 96 -29.77 4.74 -11.89
C VAL B 96 -30.24 3.48 -11.12
N GLU B 97 -31.33 2.87 -11.55
CA GLU B 97 -31.95 1.84 -10.76
C GLU B 97 -31.18 0.51 -10.76
N VAL B 98 -30.46 0.18 -11.82
CA VAL B 98 -29.68 -1.09 -11.82
C VAL B 98 -28.56 -1.10 -10.76
N PRO B 99 -27.68 -0.09 -10.71
CA PRO B 99 -26.68 -0.14 -9.60
C PRO B 99 -27.29 0.01 -8.21
N LYS B 100 -28.42 0.73 -8.10
CA LYS B 100 -29.09 0.85 -6.77
C LYS B 100 -29.60 -0.50 -6.27
N LEU B 101 -30.31 -1.28 -7.10
CA LEU B 101 -30.82 -2.59 -6.66
C LEU B 101 -29.66 -3.57 -6.44
N GLY B 102 -28.61 -3.50 -7.29
CA GLY B 102 -27.44 -4.29 -7.07
C GLY B 102 -26.75 -3.99 -5.72
N LYS B 103 -26.62 -2.72 -5.35
CA LYS B 103 -26.06 -2.35 -4.07
C LYS B 103 -26.88 -2.93 -2.90
N ASP B 104 -28.22 -2.92 -3.04
CA ASP B 104 -29.09 -3.47 -1.97
C ASP B 104 -28.76 -4.97 -1.74
N ALA B 105 -28.61 -5.77 -2.81
CA ALA B 105 -28.22 -7.21 -2.68
C ALA B 105 -26.83 -7.33 -2.07
N CYS B 106 -25.88 -6.51 -2.55
CA CYS B 106 -24.53 -6.53 -2.00
C CYS B 106 -24.47 -6.26 -0.50
N ALA B 107 -25.23 -5.25 -0.06
CA ALA B 107 -25.22 -4.89 1.37
C ALA B 107 -25.71 -6.08 2.23
N LYS B 108 -26.71 -6.84 1.73
CA LYS B 108 -27.18 -8.02 2.45
C LYS B 108 -26.14 -9.15 2.51
N ALA B 109 -25.40 -9.36 1.41
CA ALA B 109 -24.30 -10.34 1.42
C ALA B 109 -23.19 -9.94 2.39
N ILE B 110 -22.82 -8.66 2.38
CA ILE B 110 -21.77 -8.14 3.30
C ILE B 110 -22.21 -8.31 4.76
N LYS B 111 -23.46 -8.05 5.07
CA LYS B 111 -23.97 -8.23 6.45
C LYS B 111 -23.84 -9.69 6.93
N GLU B 112 -24.20 -10.65 6.08
CA GLU B 112 -24.04 -12.07 6.43
C GLU B 112 -22.56 -12.43 6.64
N TRP B 113 -21.72 -12.02 5.70
CA TRP B 113 -20.28 -12.29 5.75
C TRP B 113 -19.64 -11.75 7.04
N GLY B 114 -20.02 -10.53 7.41
CA GLY B 114 -19.67 -10.00 8.73
C GLY B 114 -18.28 -9.36 8.85
N GLN B 115 -17.60 -9.18 7.70
CA GLN B 115 -16.25 -8.58 7.71
C GLN B 115 -16.32 -7.13 7.23
N PRO B 116 -15.26 -6.33 7.51
CA PRO B 116 -15.27 -4.96 7.01
C PRO B 116 -15.32 -4.90 5.46
N LYS B 117 -16.10 -3.95 4.91
CA LYS B 117 -16.20 -3.80 3.45
C LYS B 117 -14.87 -3.42 2.82
N SER B 118 -13.93 -2.85 3.57
CA SER B 118 -12.57 -2.57 3.07
C SER B 118 -11.77 -3.83 2.73
N LYS B 119 -12.23 -5.01 3.19
CA LYS B 119 -11.58 -6.27 2.83
C LYS B 119 -11.99 -6.81 1.44
N ILE B 120 -13.02 -6.22 0.81
CA ILE B 120 -13.38 -6.55 -0.57
C ILE B 120 -12.28 -6.02 -1.51
N THR B 121 -11.69 -6.93 -2.31
CA THR B 121 -10.59 -6.59 -3.23
C THR B 121 -11.03 -6.49 -4.69
N HIS B 122 -12.14 -7.11 -5.06
CA HIS B 122 -12.63 -7.17 -6.44
C HIS B 122 -14.17 -7.09 -6.47
N LEU B 123 -14.71 -6.52 -7.51
CA LEU B 123 -16.16 -6.42 -7.74
C LEU B 123 -16.52 -6.78 -9.17
N ILE B 124 -17.31 -7.83 -9.36
CA ILE B 124 -17.81 -8.30 -10.67
C ILE B 124 -19.26 -7.86 -10.76
N PHE B 125 -19.70 -7.25 -11.88
CA PHE B 125 -21.12 -6.82 -12.07
C PHE B 125 -21.57 -7.27 -13.42
N THR B 126 -22.73 -7.94 -13.51
CA THR B 126 -23.37 -8.24 -14.81
C THR B 126 -24.83 -7.77 -14.83
N SER B 127 -25.25 -7.24 -16.00
CA SER B 127 -26.64 -6.84 -16.30
C SER B 127 -26.85 -6.88 -17.79
N ALA B 128 -28.01 -7.32 -18.24
CA ALA B 128 -28.39 -7.21 -19.66
C ALA B 128 -29.37 -6.06 -19.92
N SER B 129 -29.76 -5.32 -18.88
CA SER B 129 -30.86 -4.36 -18.96
C SER B 129 -30.45 -2.98 -19.41
N THR B 130 -29.13 -2.67 -19.42
CA THR B 130 -28.62 -1.33 -19.60
C THR B 130 -27.14 -1.47 -20.01
N THR B 131 -26.53 -0.34 -20.40
CA THR B 131 -25.07 -0.25 -20.71
C THR B 131 -24.69 1.24 -20.62
N ASP B 132 -23.51 1.55 -20.09
CA ASP B 132 -23.06 2.95 -19.86
C ASP B 132 -21.58 2.95 -19.50
N MET B 133 -20.94 4.11 -19.72
CA MET B 133 -19.54 4.34 -19.31
C MET B 133 -19.43 5.69 -18.54
N PRO B 134 -18.86 5.69 -17.32
CA PRO B 134 -18.57 4.50 -16.49
C PRO B 134 -19.84 3.68 -16.17
N GLY B 135 -19.64 2.43 -15.79
CA GLY B 135 -20.70 1.45 -15.67
C GLY B 135 -21.36 1.31 -14.29
N ALA B 136 -22.26 0.32 -14.26
CA ALA B 136 -22.97 -0.02 -13.00
C ALA B 136 -21.98 -0.49 -11.94
N ASP B 137 -20.85 -1.13 -12.33
CA ASP B 137 -19.81 -1.53 -11.36
C ASP B 137 -19.25 -0.28 -10.59
N TYR B 138 -18.92 0.79 -11.33
CA TYR B 138 -18.46 2.06 -10.75
C TYR B 138 -19.45 2.61 -9.73
N HIS B 139 -20.73 2.72 -10.15
CA HIS B 139 -21.73 3.30 -9.28
C HIS B 139 -22.02 2.43 -8.09
N CYS B 140 -22.08 1.10 -8.27
CA CYS B 140 -22.32 0.19 -7.12
C CYS B 140 -21.18 0.30 -6.07
N ALA B 141 -19.92 0.34 -6.54
CA ALA B 141 -18.76 0.51 -5.64
C ALA B 141 -18.83 1.86 -4.86
N LYS B 142 -19.24 2.93 -5.55
CA LYS B 142 -19.37 4.25 -4.90
C LYS B 142 -20.51 4.24 -3.84
N LEU B 143 -21.65 3.66 -4.19
CA LEU B 143 -22.81 3.60 -3.26
C LEU B 143 -22.48 2.79 -2.01
N LEU B 144 -21.70 1.73 -2.20
CA LEU B 144 -21.23 0.91 -1.04
C LEU B 144 -20.10 1.52 -0.24
N GLY B 145 -19.40 2.52 -0.78
CA GLY B 145 -18.22 3.03 -0.10
C GLY B 145 -17.03 2.09 -0.12
N LEU B 146 -16.85 1.33 -1.19
CA LEU B 146 -15.66 0.45 -1.33
C LEU B 146 -14.38 1.27 -1.55
N SER B 147 -13.24 0.60 -1.34
CA SER B 147 -11.94 1.26 -1.69
C SER B 147 -11.97 1.72 -3.16
N PRO B 148 -11.39 2.88 -3.48
CA PRO B 148 -11.28 3.30 -4.91
C PRO B 148 -10.38 2.35 -5.71
N SER B 149 -9.54 1.57 -5.07
CA SER B 149 -8.66 0.58 -5.70
C SER B 149 -9.24 -0.83 -5.80
N VAL B 150 -10.54 -0.99 -5.52
N VAL B 150 -10.55 -0.98 -5.52
CA VAL B 150 -11.19 -2.28 -5.80
CA VAL B 150 -11.21 -2.25 -5.84
C VAL B 150 -11.08 -2.57 -7.31
C VAL B 150 -11.05 -2.56 -7.34
N LYS B 151 -10.68 -3.80 -7.65
CA LYS B 151 -10.49 -4.22 -9.06
C LYS B 151 -11.80 -4.70 -9.65
N ARG B 152 -12.33 -3.97 -10.63
CA ARG B 152 -13.65 -4.20 -11.17
C ARG B 152 -13.64 -5.04 -12.45
N VAL B 153 -14.71 -5.84 -12.64
CA VAL B 153 -14.94 -6.71 -13.80
C VAL B 153 -16.38 -6.42 -14.26
N MET B 154 -16.56 -5.50 -15.21
CA MET B 154 -17.89 -5.12 -15.73
C MET B 154 -18.22 -6.01 -16.96
N MET B 155 -19.38 -6.70 -16.92
CA MET B 155 -19.82 -7.61 -17.99
C MET B 155 -21.27 -7.31 -18.40
N TYR B 156 -21.44 -6.34 -19.27
CA TYR B 156 -22.76 -5.99 -19.83
C TYR B 156 -23.24 -6.99 -20.89
N GLN B 157 -24.58 -7.21 -20.92
CA GLN B 157 -25.18 -7.94 -22.02
C GLN B 157 -24.65 -9.39 -22.14
N LEU B 158 -24.58 -10.10 -21.00
CA LEU B 158 -24.36 -11.55 -21.06
C LEU B 158 -25.73 -12.25 -21.31
N GLY B 159 -26.71 -11.96 -20.47
CA GLY B 159 -28.01 -12.63 -20.53
C GLY B 159 -28.08 -13.79 -19.53
N CSD B 160 -28.96 -14.76 -19.85
CA CSD B 160 -29.43 -15.69 -18.80
CB CSD B 160 -30.68 -16.41 -19.26
SG CSD B 160 -32.21 -15.54 -19.10
C CSD B 160 -28.39 -16.68 -18.32
O CSD B 160 -28.69 -17.36 -17.33
OD1 CSD B 160 -33.27 -16.58 -19.47
OD2 CSD B 160 -32.13 -14.55 -20.16
N TYR B 161 -27.23 -16.82 -18.97
CA TYR B 161 -26.18 -17.69 -18.48
C TYR B 161 -25.21 -17.01 -17.47
N GLY B 162 -25.39 -15.70 -17.28
CA GLY B 162 -24.35 -14.88 -16.58
C GLY B 162 -24.15 -15.15 -15.12
N GLY B 163 -25.14 -15.78 -14.43
CA GLY B 163 -24.90 -16.21 -13.03
C GLY B 163 -23.83 -17.26 -12.92
N GLY B 164 -23.77 -18.18 -13.89
CA GLY B 164 -22.64 -19.08 -13.97
C GLY B 164 -21.31 -18.34 -14.30
N THR B 165 -21.36 -17.43 -15.27
CA THR B 165 -20.15 -16.70 -15.69
C THR B 165 -19.48 -15.99 -14.48
N VAL B 166 -20.25 -15.27 -13.65
CA VAL B 166 -19.61 -14.50 -12.57
C VAL B 166 -18.92 -15.44 -11.55
N LEU B 167 -19.48 -16.62 -11.32
CA LEU B 167 -18.79 -17.62 -10.49
C LEU B 167 -17.50 -18.13 -11.08
N ARG B 168 -17.52 -18.40 -12.41
CA ARG B 168 -16.34 -18.85 -13.12
C ARG B 168 -15.18 -17.80 -13.04
N ILE B 169 -15.55 -16.52 -13.24
CA ILE B 169 -14.51 -15.42 -13.13
C ILE B 169 -14.00 -15.31 -11.69
N ALA B 170 -14.94 -15.34 -10.71
CA ALA B 170 -14.52 -15.20 -9.30
C ALA B 170 -13.56 -16.32 -8.84
N LYS B 171 -13.81 -17.57 -9.31
CA LYS B 171 -13.01 -18.72 -8.90
CA LYS B 171 -13.01 -18.72 -8.90
C LYS B 171 -11.51 -18.49 -9.17
N ASP B 172 -11.18 -18.09 -10.40
CA ASP B 172 -9.75 -17.92 -10.75
C ASP B 172 -9.09 -16.73 -10.06
N ILE B 173 -9.85 -15.65 -9.88
CA ILE B 173 -9.30 -14.48 -9.09
C ILE B 173 -9.02 -14.88 -7.62
N ALA B 174 -10.01 -15.54 -7.00
CA ALA B 174 -9.85 -15.85 -5.56
C ALA B 174 -8.75 -16.86 -5.28
N GLU B 175 -8.60 -17.87 -6.21
CA GLU B 175 -7.56 -18.88 -6.02
C GLU B 175 -6.14 -18.36 -6.32
N ASN B 176 -6.03 -17.42 -7.28
CA ASN B 176 -4.69 -16.95 -7.68
C ASN B 176 -4.13 -15.86 -6.77
N ASN B 177 -4.92 -15.32 -5.84
CA ASN B 177 -4.49 -14.16 -5.02
C ASN B 177 -4.83 -14.41 -3.56
N LYS B 178 -3.78 -14.68 -2.76
CA LYS B 178 -3.98 -14.89 -1.31
C LYS B 178 -4.65 -13.64 -0.74
N GLY B 179 -5.70 -13.84 0.07
CA GLY B 179 -6.44 -12.75 0.68
C GLY B 179 -7.53 -12.12 -0.15
N ALA B 180 -7.62 -12.47 -1.44
CA ALA B 180 -8.67 -11.82 -2.25
C ALA B 180 -10.07 -12.19 -1.77
N ARG B 181 -10.96 -11.22 -1.79
CA ARG B 181 -12.38 -11.38 -1.45
C ARG B 181 -13.22 -10.74 -2.53
N VAL B 182 -13.93 -11.55 -3.31
CA VAL B 182 -14.58 -11.11 -4.54
C VAL B 182 -16.09 -10.93 -4.29
N LEU B 183 -16.61 -9.75 -4.50
CA LEU B 183 -18.03 -9.47 -4.52
C LEU B 183 -18.56 -9.57 -5.92
N ALA B 184 -19.50 -10.48 -6.18
CA ALA B 184 -20.01 -10.71 -7.54
C ALA B 184 -21.52 -10.50 -7.53
N VAL B 185 -22.04 -9.62 -8.40
CA VAL B 185 -23.46 -9.26 -8.38
C VAL B 185 -24.05 -9.29 -9.78
N CYS B 186 -25.28 -9.75 -9.87
CA CYS B 186 -26.09 -9.77 -11.08
C CYS B 186 -27.35 -8.90 -10.79
N CYS B 187 -27.84 -8.17 -11.80
CA CYS B 187 -29.03 -7.36 -11.59
C CYS B 187 -29.76 -7.10 -12.90
N ASP B 188 -31.07 -7.35 -12.97
CA ASP B 188 -31.87 -7.03 -14.16
C ASP B 188 -33.24 -6.48 -13.78
N ILE B 189 -33.70 -5.52 -14.63
CA ILE B 189 -34.95 -4.76 -14.43
C ILE B 189 -35.64 -4.75 -15.80
N MET B 190 -36.82 -5.33 -15.91
N MET B 190 -36.82 -5.34 -15.91
CA MET B 190 -37.42 -5.64 -17.21
CA MET B 190 -37.45 -5.66 -17.21
C MET B 190 -38.09 -4.48 -17.91
C MET B 190 -38.07 -4.48 -17.93
N ALA B 191 -38.04 -3.29 -17.30
CA ALA B 191 -38.39 -2.05 -18.01
C ALA B 191 -37.63 -1.91 -19.33
N CYS B 192 -36.43 -2.55 -19.44
CA CYS B 192 -35.65 -2.48 -20.70
C CYS B 192 -36.41 -3.07 -21.90
N LEU B 193 -37.31 -4.06 -21.69
CA LEU B 193 -37.96 -4.81 -22.76
C LEU B 193 -39.49 -4.68 -22.79
N PHE B 194 -40.11 -3.98 -21.84
CA PHE B 194 -41.55 -3.82 -21.82
C PHE B 194 -42.04 -3.04 -23.02
N ARG B 195 -43.01 -3.57 -23.76
CA ARG B 195 -43.66 -2.83 -24.85
C ARG B 195 -45.04 -3.46 -25.14
N GLY B 196 -45.85 -2.79 -25.91
CA GLY B 196 -47.21 -3.24 -26.22
C GLY B 196 -47.26 -4.31 -27.29
N PRO B 197 -48.45 -4.92 -27.45
CA PRO B 197 -48.56 -6.13 -28.30
C PRO B 197 -48.79 -5.75 -29.77
N SER B 198 -48.48 -6.69 -30.65
CA SER B 198 -49.05 -6.68 -32.01
C SER B 198 -50.01 -7.79 -32.20
N GLU B 199 -50.81 -7.71 -33.27
CA GLU B 199 -51.93 -8.62 -33.45
C GLU B 199 -51.51 -10.09 -33.50
N SER B 200 -50.31 -10.40 -34.03
CA SER B 200 -49.86 -11.76 -34.36
C SER B 200 -48.76 -12.34 -33.45
N ASP B 201 -48.05 -11.50 -32.72
CA ASP B 201 -46.70 -11.84 -32.19
C ASP B 201 -46.66 -12.50 -30.77
N LEU B 202 -46.78 -13.82 -30.77
CA LEU B 202 -46.72 -14.61 -29.52
C LEU B 202 -45.37 -14.70 -28.89
N GLU B 203 -44.26 -14.66 -29.66
CA GLU B 203 -42.93 -14.65 -29.13
C GLU B 203 -42.71 -13.47 -28.14
N LEU B 204 -43.13 -12.24 -28.54
CA LEU B 204 -43.02 -11.10 -27.68
C LEU B 204 -43.81 -11.33 -26.39
N LEU B 205 -45.03 -11.87 -26.53
CA LEU B 205 -45.86 -12.11 -25.34
C LEU B 205 -45.27 -13.14 -24.38
N VAL B 206 -44.62 -14.19 -24.86
CA VAL B 206 -43.93 -15.15 -23.95
C VAL B 206 -42.95 -14.38 -23.03
N GLY B 207 -42.13 -13.47 -23.61
CA GLY B 207 -41.22 -12.70 -22.78
C GLY B 207 -41.95 -11.77 -21.79
N GLN B 208 -43.05 -11.13 -22.25
CA GLN B 208 -43.82 -10.25 -21.36
C GLN B 208 -44.42 -11.03 -20.18
N ALA B 209 -44.68 -12.32 -20.35
CA ALA B 209 -45.26 -13.19 -19.28
C ALA B 209 -44.22 -13.72 -18.32
N ILE B 210 -42.95 -13.91 -18.72
CA ILE B 210 -41.98 -14.65 -17.92
C ILE B 210 -40.94 -13.81 -17.23
N PHE B 211 -40.57 -12.64 -17.77
CA PHE B 211 -39.42 -11.92 -17.23
C PHE B 211 -39.82 -11.06 -16.02
N GLY B 212 -39.02 -11.17 -14.94
CA GLY B 212 -39.23 -10.39 -13.70
C GLY B 212 -37.89 -9.76 -13.23
N ASP B 213 -38.00 -8.99 -12.15
CA ASP B 213 -36.88 -8.14 -11.69
C ASP B 213 -36.22 -8.69 -10.45
N GLY B 214 -34.88 -8.58 -10.34
CA GLY B 214 -34.14 -8.94 -9.14
C GLY B 214 -32.65 -8.71 -9.25
N ALA B 215 -31.98 -8.74 -8.11
CA ALA B 215 -30.53 -8.74 -8.00
C ALA B 215 -30.09 -9.79 -6.98
N ALA B 216 -28.92 -10.38 -7.20
CA ALA B 216 -28.30 -11.34 -6.26
C ALA B 216 -26.80 -11.13 -6.24
N ALA B 217 -26.20 -11.20 -5.06
CA ALA B 217 -24.77 -10.98 -4.83
C ALA B 217 -24.19 -12.11 -3.99
N VAL B 218 -22.97 -12.51 -4.30
CA VAL B 218 -22.18 -13.46 -3.48
C VAL B 218 -20.84 -12.85 -3.09
N ILE B 219 -20.27 -13.31 -1.98
N ILE B 219 -20.28 -13.30 -1.96
CA ILE B 219 -18.85 -13.12 -1.66
CA ILE B 219 -18.87 -13.11 -1.62
C ILE B 219 -18.14 -14.44 -1.85
C ILE B 219 -18.14 -14.45 -1.86
N VAL B 220 -17.06 -14.42 -2.65
CA VAL B 220 -16.27 -15.62 -2.96
C VAL B 220 -14.83 -15.44 -2.44
N GLY B 221 -14.28 -16.46 -1.80
CA GLY B 221 -12.88 -16.43 -1.35
C GLY B 221 -12.33 -17.80 -1.11
N ALA B 222 -11.02 -17.95 -1.26
CA ALA B 222 -10.29 -19.13 -0.80
C ALA B 222 -9.70 -18.88 0.59
N GLU B 223 -9.30 -19.97 1.27
CA GLU B 223 -8.75 -19.90 2.66
C GLU B 223 -9.67 -19.17 3.67
N PRO B 224 -10.90 -19.66 3.83
CA PRO B 224 -11.76 -19.00 4.79
C PRO B 224 -11.19 -19.01 6.19
N ASP B 225 -11.42 -17.93 6.91
CA ASP B 225 -10.88 -17.76 8.26
C ASP B 225 -12.00 -17.87 9.28
N GLU B 226 -12.18 -19.07 9.86
CA GLU B 226 -13.25 -19.31 10.81
C GLU B 226 -13.15 -18.45 12.08
N SER B 227 -11.92 -18.05 12.45
CA SER B 227 -11.71 -17.33 13.66
C SER B 227 -12.28 -15.94 13.70
N VAL B 228 -12.51 -15.35 12.52
CA VAL B 228 -13.17 -14.05 12.41
C VAL B 228 -14.63 -14.18 11.96
N GLY B 229 -15.13 -15.42 11.82
CA GLY B 229 -16.55 -15.63 11.50
C GLY B 229 -16.89 -15.91 10.05
N GLU B 230 -15.90 -16.16 9.17
CA GLU B 230 -16.20 -16.59 7.79
C GLU B 230 -16.63 -18.08 7.79
N ARG B 231 -17.59 -18.42 6.94
CA ARG B 231 -18.19 -19.78 6.89
C ARG B 231 -18.52 -20.08 5.42
N PRO B 232 -17.83 -21.08 4.79
CA PRO B 232 -18.23 -21.50 3.45
C PRO B 232 -19.62 -22.16 3.39
N ILE B 233 -20.30 -21.94 2.26
CA ILE B 233 -21.61 -22.49 1.95
C ILE B 233 -21.55 -23.55 0.84
N PHE B 234 -20.85 -23.24 -0.25
CA PHE B 234 -20.57 -24.16 -1.39
C PHE B 234 -19.13 -23.95 -1.85
N GLU B 235 -18.43 -25.04 -2.16
CA GLU B 235 -17.10 -24.98 -2.81
C GLU B 235 -17.24 -25.01 -4.31
N LEU B 236 -16.45 -24.18 -5.00
CA LEU B 236 -16.44 -24.14 -6.50
C LEU B 236 -15.34 -25.03 -7.00
N VAL B 237 -15.70 -26.20 -7.60
CA VAL B 237 -14.73 -27.23 -7.96
C VAL B 237 -14.16 -27.13 -9.40
N SER B 238 -15.04 -27.02 -10.40
CA SER B 238 -14.59 -26.95 -11.80
C SER B 238 -15.64 -26.20 -12.63
N THR B 239 -15.24 -25.65 -13.79
CA THR B 239 -16.12 -24.87 -14.60
C THR B 239 -16.02 -25.25 -16.06
N GLY B 240 -17.11 -25.02 -16.82
CA GLY B 240 -17.09 -25.13 -18.26
C GLY B 240 -18.07 -24.11 -18.87
N GLN B 241 -17.78 -23.70 -20.12
CA GLN B 241 -18.73 -22.90 -20.97
C GLN B 241 -18.73 -23.54 -22.35
N THR B 242 -19.93 -23.78 -22.91
CA THR B 242 -19.99 -24.38 -24.24
C THR B 242 -21.12 -23.78 -25.07
N ILE B 243 -20.96 -23.85 -26.39
CA ILE B 243 -21.99 -23.51 -27.35
C ILE B 243 -22.64 -24.81 -27.90
N LEU B 244 -23.96 -24.94 -27.78
CA LEU B 244 -24.65 -26.18 -28.21
C LEU B 244 -24.70 -26.29 -29.74
N PRO B 245 -24.53 -27.49 -30.29
CA PRO B 245 -24.70 -27.69 -31.73
C PRO B 245 -26.11 -27.36 -32.24
N ASN B 246 -26.18 -26.90 -33.49
CA ASN B 246 -27.48 -26.64 -34.15
C ASN B 246 -28.38 -25.70 -33.39
N SER B 247 -27.79 -24.65 -32.81
CA SER B 247 -28.52 -23.76 -31.92
C SER B 247 -28.39 -22.28 -32.30
N GLU B 248 -27.78 -22.04 -33.48
CA GLU B 248 -27.53 -20.62 -33.86
C GLU B 248 -28.87 -19.82 -33.97
N GLY B 249 -28.89 -18.63 -33.37
CA GLY B 249 -30.05 -17.77 -33.45
C GLY B 249 -31.23 -18.05 -32.51
N THR B 250 -31.13 -19.10 -31.67
CA THR B 250 -32.27 -19.51 -30.89
C THR B 250 -32.59 -18.64 -29.66
N ILE B 251 -31.59 -17.96 -29.11
CA ILE B 251 -31.74 -17.06 -27.99
C ILE B 251 -30.93 -15.80 -28.32
N GLY B 252 -31.60 -14.63 -28.41
CA GLY B 252 -30.90 -13.37 -28.74
C GLY B 252 -31.51 -12.18 -28.05
N GLY B 253 -30.72 -11.11 -27.95
CA GLY B 253 -31.22 -9.86 -27.38
C GLY B 253 -30.38 -8.71 -27.94
N HIS B 254 -31.06 -7.68 -28.42
CA HIS B 254 -30.44 -6.60 -29.21
C HIS B 254 -30.79 -5.24 -28.61
N ILE B 255 -29.80 -4.37 -28.46
CA ILE B 255 -30.02 -2.99 -27.97
C ILE B 255 -30.29 -2.07 -29.16
N ARG B 256 -31.53 -1.59 -29.25
CA ARG B 256 -32.07 -0.90 -30.41
C ARG B 256 -32.74 0.42 -29.96
N GLU B 257 -33.08 1.28 -30.89
CA GLU B 257 -33.81 2.54 -30.57
C GLU B 257 -35.11 2.27 -29.81
N ALA B 258 -35.75 1.13 -30.09
CA ALA B 258 -37.03 0.74 -29.44
C ALA B 258 -36.84 0.08 -28.10
N GLY B 259 -35.62 -0.09 -27.59
CA GLY B 259 -35.34 -0.79 -26.36
C GLY B 259 -34.60 -2.11 -26.57
N LEU B 260 -34.71 -3.02 -25.59
N LEU B 260 -34.71 -3.02 -25.59
CA LEU B 260 -34.15 -4.37 -25.73
CA LEU B 260 -34.15 -4.37 -25.73
C LEU B 260 -35.16 -5.22 -26.48
C LEU B 260 -35.14 -5.24 -26.46
N ILE B 261 -34.75 -5.71 -27.64
CA ILE B 261 -35.54 -6.55 -28.51
C ILE B 261 -35.01 -7.97 -28.51
N PHE B 262 -35.89 -8.96 -28.17
CA PHE B 262 -35.40 -10.32 -27.91
C PHE B 262 -35.96 -11.37 -28.90
N ASP B 263 -35.18 -12.47 -29.07
CA ASP B 263 -35.52 -13.63 -29.92
C ASP B 263 -35.54 -14.83 -29.03
N LEU B 264 -36.61 -15.62 -29.15
N LEU B 264 -36.64 -15.61 -29.11
CA LEU B 264 -36.75 -16.87 -28.41
CA LEU B 264 -36.75 -16.89 -28.36
C LEU B 264 -37.39 -17.95 -29.28
C LEU B 264 -37.40 -17.96 -29.26
N HIS B 265 -36.61 -18.95 -29.66
CA HIS B 265 -37.09 -20.02 -30.60
C HIS B 265 -37.86 -21.13 -29.79
N LYS B 266 -38.88 -21.71 -30.43
CA LYS B 266 -39.65 -22.78 -29.79
C LYS B 266 -38.80 -24.02 -29.47
N ASP B 267 -37.68 -24.23 -30.17
CA ASP B 267 -36.81 -25.42 -29.98
C ASP B 267 -35.89 -25.34 -28.73
N VAL B 268 -35.86 -24.22 -28.02
CA VAL B 268 -34.95 -24.08 -26.86
C VAL B 268 -35.05 -25.20 -25.82
N PRO B 269 -36.28 -25.60 -25.39
CA PRO B 269 -36.30 -26.68 -24.37
C PRO B 269 -35.74 -28.01 -24.84
N MET B 270 -36.03 -28.37 -26.11
CA MET B 270 -35.50 -29.61 -26.69
C MET B 270 -33.97 -29.56 -26.88
N LEU B 271 -33.45 -28.41 -27.36
CA LEU B 271 -31.99 -28.30 -27.55
C LEU B 271 -31.22 -28.49 -26.24
N ILE B 272 -31.71 -27.89 -25.15
CA ILE B 272 -31.05 -28.04 -23.85
C ILE B 272 -31.15 -29.49 -23.39
N SER B 273 -32.38 -30.05 -23.44
CA SER B 273 -32.53 -31.41 -22.92
C SER B 273 -31.77 -32.49 -23.73
N ASN B 274 -31.63 -32.30 -25.06
CA ASN B 274 -30.92 -33.24 -25.89
C ASN B 274 -29.39 -33.15 -25.77
N ASN B 275 -28.84 -32.10 -25.16
CA ASN B 275 -27.42 -31.94 -24.98
C ASN B 275 -26.91 -32.00 -23.54
N ILE B 276 -27.79 -31.99 -22.56
CA ILE B 276 -27.33 -31.77 -21.18
C ILE B 276 -26.55 -32.99 -20.63
N GLU B 277 -26.89 -34.20 -21.09
CA GLU B 277 -26.18 -35.37 -20.60
C GLU B 277 -24.70 -35.34 -20.96
N LYS B 278 -24.39 -34.86 -22.17
CA LYS B 278 -22.97 -34.68 -22.56
C LYS B 278 -22.20 -33.78 -21.58
N CYS B 279 -22.85 -32.69 -21.15
CA CYS B 279 -22.28 -31.76 -20.19
C CYS B 279 -21.97 -32.49 -18.85
N LEU B 280 -22.93 -33.29 -18.41
CA LEU B 280 -22.76 -34.05 -17.13
C LEU B 280 -21.63 -35.05 -17.21
N ILE B 281 -21.56 -35.79 -18.33
CA ILE B 281 -20.51 -36.81 -18.49
C ILE B 281 -19.10 -36.15 -18.47
N GLU B 282 -18.96 -35.03 -19.18
N GLU B 282 -18.96 -35.03 -19.18
CA GLU B 282 -17.69 -34.30 -19.18
CA GLU B 282 -17.70 -34.27 -19.20
C GLU B 282 -17.31 -33.82 -17.77
C GLU B 282 -17.31 -33.79 -17.79
N ALA B 283 -18.28 -33.28 -17.05
CA ALA B 283 -18.03 -32.73 -15.69
C ALA B 283 -17.72 -33.82 -14.64
N PHE B 284 -18.42 -34.96 -14.72
CA PHE B 284 -18.45 -35.90 -13.60
C PHE B 284 -17.66 -37.18 -13.77
N THR B 285 -17.34 -37.57 -15.02
CA THR B 285 -16.53 -38.79 -15.22
C THR B 285 -15.17 -38.68 -14.50
N PRO B 286 -14.53 -37.48 -14.51
CA PRO B 286 -13.25 -37.42 -13.75
C PRO B 286 -13.36 -37.63 -12.22
N ILE B 287 -14.54 -37.40 -11.67
CA ILE B 287 -14.87 -37.55 -10.24
C ILE B 287 -15.41 -38.95 -9.93
N GLY B 288 -15.69 -39.76 -10.94
CA GLY B 288 -16.23 -41.10 -10.74
C GLY B 288 -17.76 -41.19 -10.60
N ILE B 289 -18.52 -40.20 -11.00
CA ILE B 289 -19.98 -40.13 -10.80
C ILE B 289 -20.71 -40.24 -12.15
N SER B 290 -21.70 -41.14 -12.21
CA SER B 290 -22.60 -41.31 -13.36
C SER B 290 -24.09 -41.27 -13.05
N ASP B 291 -24.46 -41.27 -11.76
CA ASP B 291 -25.87 -41.30 -11.33
C ASP B 291 -26.33 -39.87 -11.08
N TRP B 292 -27.12 -39.31 -11.99
CA TRP B 292 -27.54 -37.91 -11.91
C TRP B 292 -28.58 -37.67 -10.78
N ASN B 293 -29.15 -38.75 -10.18
CA ASN B 293 -29.95 -38.62 -9.00
C ASN B 293 -29.12 -38.67 -7.68
N SER B 294 -27.80 -38.88 -7.75
CA SER B 294 -26.92 -38.94 -6.57
C SER B 294 -26.25 -37.60 -6.23
N ILE B 295 -26.62 -36.54 -6.95
CA ILE B 295 -26.05 -35.18 -6.79
C ILE B 295 -27.21 -34.21 -6.58
N PHE B 296 -26.89 -33.02 -6.03
CA PHE B 296 -27.84 -31.95 -6.02
C PHE B 296 -27.74 -31.06 -7.28
N TRP B 297 -28.79 -30.31 -7.58
CA TRP B 297 -28.87 -29.48 -8.80
C TRP B 297 -29.24 -28.03 -8.41
N ILE B 298 -28.54 -27.06 -9.02
CA ILE B 298 -28.86 -25.64 -8.95
C ILE B 298 -29.05 -25.10 -10.35
N THR B 299 -30.31 -25.06 -10.83
CA THR B 299 -30.59 -24.92 -12.28
C THR B 299 -31.33 -23.65 -12.59
N HIS B 300 -30.83 -22.85 -13.55
CA HIS B 300 -31.57 -21.66 -14.03
C HIS B 300 -32.95 -22.08 -14.59
N PRO B 301 -34.08 -21.52 -14.03
CA PRO B 301 -35.43 -21.90 -14.51
C PRO B 301 -35.87 -20.98 -15.66
N GLY B 302 -35.22 -21.16 -16.82
CA GLY B 302 -35.48 -20.23 -17.93
C GLY B 302 -36.94 -20.23 -18.39
N GLY B 303 -37.59 -21.40 -18.27
CA GLY B 303 -39.03 -21.57 -18.38
C GLY B 303 -39.40 -22.93 -17.85
N LYS B 304 -40.67 -23.09 -17.51
CA LYS B 304 -41.16 -24.38 -17.02
C LYS B 304 -40.84 -25.53 -17.97
N ALA B 305 -40.91 -25.28 -19.28
CA ALA B 305 -40.68 -26.36 -20.25
C ALA B 305 -39.24 -26.87 -20.27
N ILE B 306 -38.27 -26.00 -20.00
CA ILE B 306 -36.87 -26.43 -19.91
C ILE B 306 -36.71 -27.44 -18.79
N LEU B 307 -37.24 -27.08 -17.61
CA LEU B 307 -37.16 -27.97 -16.47
C LEU B 307 -37.88 -29.32 -16.73
N ASP B 308 -39.08 -29.22 -17.27
CA ASP B 308 -39.89 -30.41 -17.54
C ASP B 308 -39.15 -31.39 -18.49
N LYS B 309 -38.56 -30.84 -19.57
CA LYS B 309 -37.91 -31.74 -20.57
C LYS B 309 -36.59 -32.35 -20.05
N VAL B 310 -35.83 -31.58 -19.27
CA VAL B 310 -34.59 -32.13 -18.65
C VAL B 310 -34.93 -33.27 -17.68
N GLU B 311 -35.92 -33.02 -16.80
CA GLU B 311 -36.35 -34.03 -15.84
C GLU B 311 -36.78 -35.32 -16.52
N GLU B 312 -37.58 -35.16 -17.58
CA GLU B 312 -38.05 -36.32 -18.35
C GLU B 312 -36.91 -37.09 -19.04
N LYS B 313 -36.02 -36.35 -19.70
CA LYS B 313 -34.92 -36.96 -20.49
C LYS B 313 -33.99 -37.81 -19.60
N LEU B 314 -33.68 -37.28 -18.41
CA LEU B 314 -32.71 -37.93 -17.47
C LEU B 314 -33.39 -38.78 -16.39
N HIS B 315 -34.73 -38.84 -16.37
CA HIS B 315 -35.44 -39.57 -15.29
C HIS B 315 -34.97 -39.03 -13.92
N LEU B 316 -34.93 -37.71 -13.75
CA LEU B 316 -34.66 -37.12 -12.45
C LEU B 316 -35.85 -37.28 -11.48
N LYS B 317 -35.52 -37.59 -10.23
CA LYS B 317 -36.50 -37.56 -9.14
C LYS B 317 -37.02 -36.10 -8.95
N SER B 318 -38.24 -35.98 -8.40
CA SER B 318 -38.88 -34.67 -8.23
C SER B 318 -38.15 -33.76 -7.28
N ASP B 319 -37.31 -34.29 -6.40
CA ASP B 319 -36.53 -33.46 -5.46
CA ASP B 319 -36.58 -33.41 -5.49
C ASP B 319 -35.58 -32.49 -6.20
N LYS B 320 -35.07 -32.86 -7.41
CA LYS B 320 -33.96 -32.10 -7.95
C LYS B 320 -34.33 -30.62 -8.24
N PHE B 321 -35.53 -30.39 -8.81
CA PHE B 321 -35.95 -29.08 -9.26
C PHE B 321 -36.88 -28.34 -8.27
N VAL B 322 -36.96 -28.79 -7.00
CA VAL B 322 -37.81 -28.12 -6.00
C VAL B 322 -37.54 -26.60 -5.91
N ASP B 323 -36.25 -26.25 -5.74
CA ASP B 323 -35.88 -24.85 -5.52
C ASP B 323 -36.00 -24.01 -6.81
N SER B 324 -35.61 -24.61 -7.96
CA SER B 324 -35.78 -23.94 -9.26
C SER B 324 -37.25 -23.56 -9.52
N ARG B 325 -38.17 -24.53 -9.24
CA ARG B 325 -39.59 -24.28 -9.42
C ARG B 325 -40.17 -23.29 -8.43
N HIS B 326 -39.67 -23.30 -7.19
CA HIS B 326 -40.10 -22.36 -6.16
C HIS B 326 -39.71 -20.89 -6.49
N VAL B 327 -38.46 -20.73 -6.94
CA VAL B 327 -38.01 -19.39 -7.37
C VAL B 327 -38.78 -18.92 -8.60
N LEU B 328 -39.00 -19.82 -9.59
CA LEU B 328 -39.82 -19.45 -10.76
C LEU B 328 -41.24 -19.00 -10.33
N SER B 329 -41.86 -19.75 -9.40
CA SER B 329 -43.20 -19.42 -8.89
C SER B 329 -43.28 -18.02 -8.27
N GLU B 330 -42.26 -17.66 -7.46
CA GLU B 330 -42.33 -16.41 -6.65
C GLU B 330 -41.66 -15.21 -7.31
N HIS B 331 -40.91 -15.42 -8.41
CA HIS B 331 -40.14 -14.33 -9.04
C HIS B 331 -40.10 -14.30 -10.54
N GLY B 332 -40.54 -15.35 -11.23
CA GLY B 332 -40.29 -15.46 -12.66
C GLY B 332 -38.80 -15.64 -13.00
N ASN B 333 -38.54 -15.42 -14.30
CA ASN B 333 -37.18 -15.50 -14.86
C ASN B 333 -36.55 -14.07 -14.72
N MET B 334 -35.57 -13.95 -13.83
CA MET B 334 -34.84 -12.67 -13.58
C MET B 334 -33.50 -12.59 -14.29
N SER B 335 -33.32 -13.37 -15.34
CA SER B 335 -32.06 -13.44 -16.08
C SER B 335 -30.92 -13.95 -15.16
N SER B 336 -29.71 -13.39 -15.25
N SER B 336 -29.72 -13.38 -15.24
CA SER B 336 -28.50 -14.00 -14.62
CA SER B 336 -28.52 -13.94 -14.55
C SER B 336 -28.63 -14.20 -13.10
C SER B 336 -28.69 -14.20 -13.06
N SER B 337 -29.33 -13.30 -12.37
N SER B 337 -29.40 -13.30 -12.34
CA SER B 337 -29.45 -13.48 -10.90
CA SER B 337 -29.53 -13.45 -10.88
C SER B 337 -30.25 -14.77 -10.47
C SER B 337 -30.23 -14.78 -10.48
N THR B 338 -31.10 -15.27 -11.36
CA THR B 338 -32.06 -16.30 -10.94
C THR B 338 -31.36 -17.52 -10.32
N VAL B 339 -30.28 -18.02 -10.92
CA VAL B 339 -29.62 -19.22 -10.41
C VAL B 339 -29.01 -19.00 -9.02
N LEU B 340 -28.65 -17.75 -8.70
CA LEU B 340 -28.13 -17.44 -7.38
C LEU B 340 -29.27 -17.36 -6.30
N PHE B 341 -30.48 -16.88 -6.71
CA PHE B 341 -31.67 -17.10 -5.84
C PHE B 341 -31.90 -18.59 -5.55
N VAL B 342 -31.77 -19.45 -6.58
CA VAL B 342 -31.94 -20.92 -6.41
C VAL B 342 -30.91 -21.45 -5.41
N MET B 343 -29.63 -21.02 -5.56
CA MET B 343 -28.58 -21.45 -4.63
C MET B 343 -28.92 -21.03 -3.18
N ASP B 344 -29.40 -19.78 -2.96
CA ASP B 344 -29.79 -19.30 -1.63
C ASP B 344 -30.93 -20.15 -1.05
N GLU B 345 -31.95 -20.43 -1.88
N GLU B 345 -31.96 -20.43 -1.87
CA GLU B 345 -33.11 -21.20 -1.40
CA GLU B 345 -33.09 -21.23 -1.38
C GLU B 345 -32.67 -22.65 -0.99
C GLU B 345 -32.63 -22.64 -0.97
N LEU B 346 -31.82 -23.26 -1.82
CA LEU B 346 -31.33 -24.63 -1.52
C LEU B 346 -30.66 -24.70 -0.14
N ARG B 347 -29.70 -23.79 0.13
CA ARG B 347 -28.97 -23.87 1.39
C ARG B 347 -29.90 -23.48 2.59
N LYS B 348 -30.84 -22.55 2.40
CA LYS B 348 -31.76 -22.18 3.48
C LYS B 348 -32.72 -23.33 3.77
N ARG B 349 -33.29 -23.93 2.72
CA ARG B 349 -34.23 -25.06 2.92
C ARG B 349 -33.54 -26.24 3.53
N SER B 350 -32.31 -26.57 3.13
CA SER B 350 -31.52 -27.67 3.66
C SER B 350 -31.39 -27.53 5.15
N LEU B 351 -31.10 -26.32 5.63
CA LEU B 351 -31.06 -26.05 7.12
C LEU B 351 -32.45 -26.24 7.77
N GLU B 352 -33.47 -25.62 7.19
CA GLU B 352 -34.82 -25.67 7.77
C GLU B 352 -35.42 -27.08 7.88
N GLU B 353 -35.12 -27.94 6.90
CA GLU B 353 -35.73 -29.27 6.78
C GLU B 353 -34.87 -30.38 7.39
N GLY B 354 -33.79 -29.99 8.06
CA GLY B 354 -32.96 -30.94 8.82
C GLY B 354 -32.03 -31.80 7.97
N LYS B 355 -31.57 -31.29 6.82
CA LYS B 355 -30.65 -32.02 6.02
C LYS B 355 -29.21 -31.94 6.56
N SER B 356 -28.37 -32.93 6.21
CA SER B 356 -26.99 -33.03 6.76
C SER B 356 -25.93 -32.17 6.04
N THR B 357 -26.25 -31.66 4.84
CA THR B 357 -25.34 -30.74 4.10
C THR B 357 -26.18 -29.58 3.54
N THR B 358 -25.45 -28.52 3.09
CA THR B 358 -26.09 -27.38 2.40
C THR B 358 -26.71 -27.72 1.01
N GLY B 359 -26.38 -28.92 0.50
CA GLY B 359 -26.93 -29.37 -0.80
C GLY B 359 -27.93 -30.52 -0.61
N ASP B 360 -28.96 -30.31 0.20
CA ASP B 360 -30.07 -31.28 0.39
C ASP B 360 -29.55 -32.64 0.86
N GLY B 361 -28.46 -32.67 1.64
CA GLY B 361 -27.88 -33.92 2.15
C GLY B 361 -26.84 -34.60 1.26
N PHE B 362 -26.70 -34.13 0.02
CA PHE B 362 -25.71 -34.67 -0.94
C PHE B 362 -24.37 -33.99 -0.79
N GLU B 363 -23.30 -34.69 -1.16
CA GLU B 363 -21.94 -34.15 -1.20
C GLU B 363 -21.66 -33.30 -2.44
N TRP B 364 -21.96 -33.86 -3.63
CA TRP B 364 -21.59 -33.22 -4.92
C TRP B 364 -22.85 -32.64 -5.60
N GLY B 365 -22.65 -31.57 -6.36
CA GLY B 365 -23.72 -30.93 -7.08
C GLY B 365 -23.28 -30.27 -8.39
N VAL B 366 -24.28 -29.81 -9.14
CA VAL B 366 -24.04 -29.11 -10.42
C VAL B 366 -24.89 -27.84 -10.50
N LEU B 367 -24.29 -26.75 -11.01
CA LEU B 367 -24.97 -25.52 -11.28
C LEU B 367 -24.98 -25.24 -12.79
N PHE B 368 -26.14 -24.91 -13.33
CA PHE B 368 -26.29 -24.58 -14.78
C PHE B 368 -26.97 -23.23 -15.03
N GLY B 369 -26.38 -22.46 -15.94
CA GLY B 369 -27.03 -21.33 -16.58
C GLY B 369 -27.14 -21.53 -18.09
N PHE B 370 -28.22 -20.99 -18.69
CA PHE B 370 -28.50 -21.19 -20.15
C PHE B 370 -28.87 -19.83 -20.76
N GLY B 371 -28.27 -19.47 -21.91
CA GLY B 371 -28.62 -18.19 -22.53
C GLY B 371 -28.11 -18.05 -23.95
N PRO B 372 -27.95 -16.78 -24.46
CA PRO B 372 -27.62 -16.54 -25.87
C PRO B 372 -26.39 -17.33 -26.38
N GLY B 373 -26.54 -18.00 -27.52
CA GLY B 373 -25.43 -18.75 -28.16
C GLY B 373 -25.87 -19.93 -29.06
N LEU B 374 -26.59 -20.94 -28.58
CA LEU B 374 -27.05 -21.14 -27.19
C LEU B 374 -25.87 -21.56 -26.29
N THR B 375 -25.57 -20.73 -25.28
CA THR B 375 -24.46 -20.98 -24.35
C THR B 375 -24.96 -21.67 -23.06
N VAL B 376 -24.19 -22.70 -22.63
CA VAL B 376 -24.38 -23.34 -21.32
C VAL B 376 -23.15 -23.05 -20.43
N GLU B 377 -23.38 -22.43 -19.25
CA GLU B 377 -22.38 -22.35 -18.16
C GLU B 377 -22.63 -23.45 -17.18
N ARG B 378 -21.56 -24.19 -16.83
CA ARG B 378 -21.62 -25.30 -15.85
C ARG B 378 -20.59 -25.11 -14.76
N VAL B 379 -20.99 -25.35 -13.50
CA VAL B 379 -20.06 -25.35 -12.36
C VAL B 379 -20.29 -26.60 -11.57
N VAL B 380 -19.26 -27.41 -11.35
CA VAL B 380 -19.32 -28.53 -10.35
C VAL B 380 -19.09 -27.88 -8.99
N VAL B 381 -19.98 -28.20 -8.01
CA VAL B 381 -19.87 -27.66 -6.64
C VAL B 381 -19.86 -28.78 -5.63
N ARG B 382 -19.33 -28.49 -4.44
CA ARG B 382 -19.48 -29.38 -3.25
C ARG B 382 -20.23 -28.62 -2.19
N SER B 383 -21.13 -29.33 -1.48
CA SER B 383 -21.75 -28.79 -0.28
C SER B 383 -20.78 -28.73 0.90
N VAL B 384 -21.25 -28.19 2.02
CA VAL B 384 -20.55 -28.16 3.32
CA VAL B 384 -20.53 -28.26 3.29
C VAL B 384 -21.46 -28.88 4.34
N PRO B 385 -20.91 -29.57 5.30
CA PRO B 385 -21.79 -30.20 6.35
C PRO B 385 -22.52 -29.18 7.16
N ILE B 386 -23.74 -29.54 7.58
CA ILE B 386 -24.53 -28.82 8.62
C ILE B 386 -24.40 -29.69 9.89
N LYS B 387 -23.58 -29.22 10.81
CA LYS B 387 -23.28 -29.92 12.07
C LYS B 387 -23.66 -29.11 13.35
N TYR B 388 -24.04 -29.84 14.38
CA TYR B 388 -24.35 -29.25 15.70
C TYR B 388 -23.63 -29.99 16.85
N LEU C 7 2.23 19.02 0.47
CA LEU C 7 3.40 18.27 1.03
C LEU C 7 3.24 17.85 2.54
N ARG C 8 2.63 18.71 3.38
CA ARG C 8 2.32 18.36 4.77
C ARG C 8 0.88 17.82 4.88
N ALA C 9 0.59 17.12 6.01
CA ALA C 9 -0.72 16.58 6.26
C ALA C 9 -1.67 17.58 6.94
N GLU C 10 -2.97 17.38 6.78
CA GLU C 10 -4.00 18.15 7.45
C GLU C 10 -4.54 17.38 8.69
N GLY C 11 -4.85 18.10 9.76
CA GLY C 11 -5.42 17.53 10.95
C GLY C 11 -4.41 16.75 11.80
N PRO C 12 -4.90 16.12 12.85
CA PRO C 12 -3.96 15.52 13.83
C PRO C 12 -3.50 14.11 13.43
N ALA C 13 -2.36 13.72 13.95
CA ALA C 13 -1.93 12.32 13.90
C ALA C 13 -2.75 11.47 14.89
N SER C 14 -3.08 10.23 14.47
CA SER C 14 -3.72 9.26 15.32
C SER C 14 -2.96 7.93 15.38
N VAL C 15 -3.15 7.21 16.48
CA VAL C 15 -2.78 5.78 16.59
C VAL C 15 -3.83 4.98 15.84
N LEU C 16 -3.37 4.22 14.82
CA LEU C 16 -4.24 3.46 13.91
C LEU C 16 -4.28 1.95 14.26
N ALA C 17 -3.27 1.45 14.98
CA ALA C 17 -3.16 0.01 15.31
C ALA C 17 -2.19 -0.14 16.46
N ILE C 18 -2.41 -1.20 17.27
CA ILE C 18 -1.49 -1.53 18.41
C ILE C 18 -1.27 -3.07 18.41
N GLY C 19 0.00 -3.50 18.50
CA GLY C 19 0.35 -4.91 18.66
C GLY C 19 1.34 -5.11 19.80
N THR C 20 1.22 -6.23 20.51
CA THR C 20 2.09 -6.49 21.64
C THR C 20 2.60 -7.95 21.61
N ALA C 21 3.76 -8.18 22.28
CA ALA C 21 4.40 -9.53 22.30
C ALA C 21 5.20 -9.70 23.58
N ASN C 22 5.37 -10.96 24.01
CA ASN C 22 6.20 -11.23 25.20
C ASN C 22 6.87 -12.61 25.01
N PRO C 23 8.06 -12.81 25.64
CA PRO C 23 8.61 -14.17 25.67
C PRO C 23 7.66 -15.20 26.30
N GLU C 24 7.74 -16.47 25.84
CA GLU C 24 6.79 -17.51 26.31
C GLU C 24 7.00 -17.90 27.79
N ASN C 25 8.23 -17.88 28.25
CA ASN C 25 8.53 -18.34 29.63
C ASN C 25 7.93 -17.38 30.67
N ILE C 26 7.34 -17.92 31.72
CA ILE C 26 6.65 -17.13 32.75
C ILE C 26 7.29 -17.37 34.15
N LEU C 27 7.49 -16.28 34.89
CA LEU C 27 7.87 -16.33 36.32
C LEU C 27 6.58 -16.09 37.14
N LEU C 28 6.11 -17.12 37.85
CA LEU C 28 5.04 -16.97 38.82
C LEU C 28 5.57 -16.30 40.07
N GLN C 29 5.04 -15.13 40.45
CA GLN C 29 5.58 -14.37 41.59
C GLN C 29 5.55 -15.13 42.92
N ASP C 30 4.55 -15.99 43.15
CA ASP C 30 4.51 -16.79 44.35
C ASP C 30 5.74 -17.71 44.51
N GLU C 31 6.29 -18.16 43.37
CA GLU C 31 7.46 -19.07 43.33
C GLU C 31 8.78 -18.31 43.24
N PHE C 32 8.74 -17.02 42.99
CA PHE C 32 9.95 -16.28 42.59
C PHE C 32 11.00 -16.13 43.72
N PRO C 33 10.63 -15.80 44.96
CA PRO C 33 11.69 -15.74 46.02
C PRO C 33 12.45 -17.06 46.13
N ASP C 34 11.77 -18.21 46.17
CA ASP C 34 12.49 -19.48 46.25
C ASP C 34 13.34 -19.78 45.02
N TYR C 35 12.81 -19.54 43.83
CA TYR C 35 13.55 -19.74 42.57
C TYR C 35 14.81 -18.86 42.54
N TYR C 36 14.65 -17.55 42.80
CA TYR C 36 15.77 -16.60 42.73
C TYR C 36 16.88 -16.96 43.70
N PHE C 37 16.54 -17.23 44.99
CA PHE C 37 17.59 -17.56 45.99
C PHE C 37 18.25 -18.96 45.69
N ARG C 38 17.51 -19.89 45.09
CA ARG C 38 18.09 -21.16 44.72
C ARG C 38 19.09 -21.02 43.52
N VAL C 39 18.67 -20.38 42.41
CA VAL C 39 19.51 -20.36 41.20
C VAL C 39 20.72 -19.45 41.40
N THR C 40 20.63 -18.48 42.35
CA THR C 40 21.78 -17.62 42.70
C THR C 40 22.61 -18.18 43.84
N LYS C 41 22.35 -19.41 44.25
CA LYS C 41 23.18 -20.11 45.24
C LYS C 41 23.31 -19.30 46.57
N SER C 42 22.18 -18.71 46.98
CA SER C 42 22.13 -17.78 48.11
C SER C 42 21.18 -18.21 49.23
N GLU C 43 20.92 -19.50 49.34
CA GLU C 43 19.94 -20.03 50.27
C GLU C 43 20.33 -19.82 51.76
N HIS C 44 21.62 -19.55 52.02
CA HIS C 44 22.06 -19.23 53.39
C HIS C 44 21.51 -17.86 53.89
N MET C 45 21.11 -16.99 52.96
CA MET C 45 20.55 -15.65 53.29
C MET C 45 19.03 -15.75 53.61
N THR C 46 18.72 -16.51 54.66
CA THR C 46 17.34 -16.85 54.99
C THR C 46 16.49 -15.61 55.32
N GLN C 47 17.08 -14.65 56.06
CA GLN C 47 16.33 -13.45 56.39
C GLN C 47 16.08 -12.53 55.20
N LEU C 48 17.10 -12.33 54.36
CA LEU C 48 16.92 -11.57 53.15
C LEU C 48 15.85 -12.17 52.23
N LYS C 49 15.86 -13.51 52.12
CA LYS C 49 14.82 -14.16 51.29
C LYS C 49 13.39 -13.81 51.76
N GLU C 50 13.19 -13.78 53.09
CA GLU C 50 11.86 -13.43 53.62
C GLU C 50 11.54 -11.95 53.41
N LYS C 51 12.56 -11.05 53.52
CA LYS C 51 12.34 -9.63 53.17
C LYS C 51 11.93 -9.52 51.69
N PHE C 52 12.62 -10.29 50.81
CA PHE C 52 12.29 -10.28 49.38
C PHE C 52 10.88 -10.80 49.13
N ARG C 53 10.46 -11.83 49.85
CA ARG C 53 9.10 -12.37 49.74
C ARG C 53 8.06 -11.28 50.07
N LYS C 54 8.30 -10.46 51.10
CA LYS C 54 7.37 -9.37 51.42
C LYS C 54 7.32 -8.29 50.31
N ILE C 55 8.47 -7.97 49.72
CA ILE C 55 8.54 -7.04 48.59
C ILE C 55 7.75 -7.56 47.39
N CYS C 56 7.94 -8.82 47.07
CA CYS C 56 7.17 -9.47 46.01
C CYS C 56 5.68 -9.49 46.28
N ASP C 57 5.31 -9.81 47.50
CA ASP C 57 3.85 -9.86 47.85
C ASP C 57 3.20 -8.46 47.81
N LYS C 58 3.90 -7.43 48.23
CA LYS C 58 3.36 -6.07 48.19
C LYS C 58 3.43 -5.40 46.80
N SER C 59 4.15 -5.98 45.86
CA SER C 59 4.31 -5.41 44.53
C SER C 59 3.00 -5.43 43.70
N MET C 60 2.11 -6.36 44.02
CA MET C 60 0.88 -6.59 43.26
C MET C 60 1.15 -7.10 41.83
N ILE C 61 2.31 -7.69 41.62
CA ILE C 61 2.70 -8.34 40.40
C ILE C 61 2.51 -9.85 40.66
N ARG C 62 1.65 -10.50 39.88
CA ARG C 62 1.36 -11.92 40.02
C ARG C 62 2.22 -12.80 39.07
N LYS C 63 2.55 -12.29 37.89
CA LYS C 63 3.38 -13.03 36.92
C LYS C 63 4.10 -12.04 36.02
N ARG C 64 5.24 -12.50 35.43
CA ARG C 64 6.03 -11.76 34.48
C ARG C 64 6.53 -12.72 33.38
N ASN C 65 6.57 -12.23 32.14
CA ASN C 65 7.25 -12.95 31.06
C ASN C 65 8.76 -12.69 31.16
N CYS C 66 9.58 -13.70 30.88
CA CYS C 66 11.03 -13.61 31.09
C CYS C 66 11.80 -14.53 30.15
N PHE C 67 12.50 -13.93 29.15
CA PHE C 67 13.30 -14.72 28.20
C PHE C 67 14.40 -15.54 28.92
N LEU C 68 15.08 -14.91 29.87
CA LEU C 68 16.16 -15.60 30.63
C LEU C 68 15.60 -16.82 31.44
N ASN C 69 16.17 -18.00 31.20
CA ASN C 69 15.70 -19.22 31.84
C ASN C 69 16.86 -19.91 32.59
N GLU C 70 16.51 -20.93 33.39
CA GLU C 70 17.52 -21.61 34.22
C GLU C 70 18.61 -22.32 33.37
N GLU C 71 18.28 -22.77 32.15
CA GLU C 71 19.28 -23.31 31.28
C GLU C 71 20.35 -22.29 30.85
N HIS C 72 19.94 -21.03 30.63
CA HIS C 72 20.90 -19.97 30.39
C HIS C 72 21.86 -19.81 31.59
N LEU C 73 21.32 -19.89 32.83
CA LEU C 73 22.09 -19.70 34.06
C LEU C 73 23.03 -20.88 34.33
N LYS C 74 22.63 -22.11 33.98
CA LYS C 74 23.51 -23.25 34.09
C LYS C 74 24.63 -23.23 33.00
N GLN C 75 24.31 -22.74 31.81
CA GLN C 75 25.30 -22.57 30.73
C GLN C 75 26.36 -21.51 31.08
N ASN C 76 25.93 -20.43 31.75
CA ASN C 76 26.86 -19.38 32.19
C ASN C 76 26.60 -18.92 33.67
N PRO C 77 27.22 -19.63 34.64
CA PRO C 77 26.97 -19.31 36.08
C PRO C 77 27.48 -17.93 36.52
N ARG C 78 28.29 -17.28 35.67
CA ARG C 78 28.70 -15.89 35.98
C ARG C 78 27.48 -14.94 36.10
N LEU C 79 26.40 -15.27 35.38
CA LEU C 79 25.19 -14.44 35.36
C LEU C 79 24.46 -14.41 36.74
N VAL C 80 24.73 -15.39 37.61
CA VAL C 80 24.03 -15.47 38.93
C VAL C 80 24.82 -14.82 40.03
N GLU C 81 26.09 -14.44 39.77
CA GLU C 81 26.93 -13.73 40.73
C GLU C 81 26.34 -12.34 41.03
N HIS C 82 26.66 -11.80 42.22
CA HIS C 82 26.23 -10.44 42.56
C HIS C 82 26.79 -9.40 41.62
N GLU C 83 28.11 -9.51 41.31
CA GLU C 83 28.80 -8.53 40.46
C GLU C 83 29.94 -9.27 39.79
N MET C 84 29.85 -9.43 38.48
CA MET C 84 30.86 -10.14 37.70
C MET C 84 30.84 -9.57 36.26
N GLN C 85 31.99 -9.58 35.58
CA GLN C 85 32.08 -9.09 34.18
C GLN C 85 31.31 -10.02 33.26
N THR C 86 30.14 -9.54 32.81
CA THR C 86 29.18 -10.32 32.04
C THR C 86 28.46 -9.54 30.92
N LEU C 87 28.85 -8.28 30.68
CA LEU C 87 28.21 -7.52 29.62
C LEU C 87 28.32 -8.19 28.23
N ASP C 88 29.44 -8.80 27.93
CA ASP C 88 29.60 -9.38 26.56
C ASP C 88 28.60 -10.53 26.34
N ALA C 89 28.46 -11.40 27.36
CA ALA C 89 27.44 -12.49 27.29
C ALA C 89 25.98 -12.01 27.22
N ARG C 90 25.67 -10.96 28.00
CA ARG C 90 24.34 -10.36 27.95
C ARG C 90 24.09 -9.78 26.53
N GLN C 91 25.04 -8.99 26.04
CA GLN C 91 24.93 -8.36 24.69
C GLN C 91 24.77 -9.42 23.57
N ASP C 92 25.52 -10.52 23.68
CA ASP C 92 25.48 -11.57 22.65
C ASP C 92 24.01 -12.08 22.50
N MET C 93 23.33 -12.28 23.65
CA MET C 93 21.93 -12.67 23.69
C MET C 93 20.99 -11.55 23.17
N LEU C 94 21.18 -10.35 23.70
CA LEU C 94 20.18 -9.27 23.54
C LEU C 94 20.21 -8.57 22.18
N VAL C 95 21.38 -8.54 21.51
CA VAL C 95 21.45 -7.92 20.18
C VAL C 95 20.60 -8.72 19.18
N VAL C 96 20.40 -10.03 19.47
CA VAL C 96 19.54 -10.89 18.63
C VAL C 96 18.05 -10.84 19.13
N GLU C 97 17.84 -11.02 20.45
CA GLU C 97 16.49 -11.20 20.94
C GLU C 97 15.65 -9.89 20.96
N VAL C 98 16.27 -8.74 21.20
CA VAL C 98 15.52 -7.49 21.19
C VAL C 98 14.85 -7.15 19.85
N PRO C 99 15.59 -7.17 18.73
CA PRO C 99 14.86 -6.91 17.47
C PRO C 99 13.85 -8.00 17.08
N LYS C 100 14.14 -9.27 17.47
CA LYS C 100 13.20 -10.37 17.21
C LYS C 100 11.85 -10.17 17.89
N LEU C 101 11.86 -9.83 19.19
CA LEU C 101 10.61 -9.63 19.92
C LEU C 101 9.92 -8.37 19.44
N GLY C 102 10.72 -7.31 19.12
CA GLY C 102 10.12 -6.10 18.52
C GLY C 102 9.42 -6.39 17.20
N LYS C 103 10.04 -7.20 16.33
CA LYS C 103 9.40 -7.55 15.06
C LYS C 103 8.08 -8.31 15.30
N ASP C 104 8.02 -9.17 16.31
CA ASP C 104 6.77 -9.91 16.61
C ASP C 104 5.62 -8.92 16.93
N ALA C 105 5.91 -7.91 17.75
CA ALA C 105 4.91 -6.89 18.07
C ALA C 105 4.51 -6.08 16.81
N CYS C 106 5.50 -5.69 16.02
CA CYS C 106 5.23 -4.94 14.77
C CYS C 106 4.31 -5.72 13.84
N ALA C 107 4.56 -7.02 13.67
CA ALA C 107 3.78 -7.83 12.70
C ALA C 107 2.30 -7.85 13.16
N LYS C 108 2.03 -7.89 14.45
CA LYS C 108 0.62 -7.81 14.97
C LYS C 108 -0.04 -6.43 14.70
N ALA C 109 0.73 -5.37 14.89
CA ALA C 109 0.21 -4.03 14.59
C ALA C 109 -0.11 -3.93 13.06
N ILE C 110 0.82 -4.39 12.22
CA ILE C 110 0.64 -4.32 10.77
C ILE C 110 -0.63 -5.14 10.33
N LYS C 111 -0.83 -6.32 10.92
CA LYS C 111 -2.02 -7.15 10.60
C LYS C 111 -3.32 -6.38 10.93
N GLU C 112 -3.40 -5.74 12.12
CA GLU C 112 -4.60 -4.97 12.47
C GLU C 112 -4.83 -3.81 11.48
N TRP C 113 -3.77 -3.04 11.22
CA TRP C 113 -3.79 -1.91 10.30
C TRP C 113 -4.33 -2.32 8.92
N GLY C 114 -3.84 -3.45 8.38
CA GLY C 114 -4.37 -4.10 7.18
C GLY C 114 -3.82 -3.59 5.83
N GLN C 115 -2.87 -2.66 5.86
CA GLN C 115 -2.28 -2.10 4.67
C GLN C 115 -0.94 -2.77 4.30
N PRO C 116 -0.50 -2.63 3.05
CA PRO C 116 0.79 -3.23 2.65
C PRO C 116 1.99 -2.62 3.43
N LYS C 117 2.95 -3.47 3.75
CA LYS C 117 4.13 -3.00 4.49
C LYS C 117 4.98 -1.98 3.67
N SER C 118 4.83 -1.96 2.34
CA SER C 118 5.44 -0.95 1.50
C SER C 118 4.94 0.46 1.77
N LYS C 119 3.79 0.60 2.44
CA LYS C 119 3.25 1.93 2.82
C LYS C 119 3.89 2.49 4.11
N ILE C 120 4.67 1.68 4.85
CA ILE C 120 5.39 2.18 6.08
C ILE C 120 6.58 3.05 5.57
N THR C 121 6.59 4.32 6.00
CA THR C 121 7.59 5.30 5.57
C THR C 121 8.70 5.55 6.61
N HIS C 122 8.42 5.29 7.89
CA HIS C 122 9.31 5.57 9.00
C HIS C 122 9.22 4.46 10.05
N LEU C 123 10.33 4.22 10.74
CA LEU C 123 10.36 3.25 11.86
C LEU C 123 11.15 3.87 13.03
N ILE C 124 10.48 3.97 14.18
CA ILE C 124 11.08 4.42 15.44
C ILE C 124 11.26 3.19 16.34
N PHE C 125 12.46 3.03 16.96
CA PHE C 125 12.72 1.90 17.87
C PHE C 125 13.37 2.42 19.14
N THR C 126 12.84 2.01 20.32
CA THR C 126 13.49 2.33 21.60
C THR C 126 13.69 1.00 22.43
N SER C 127 14.85 0.91 23.08
CA SER C 127 15.12 -0.13 24.08
C SER C 127 16.19 0.41 25.03
N ALA C 128 16.09 0.04 26.32
CA ALA C 128 17.14 0.33 27.29
C ALA C 128 17.99 -0.91 27.66
N SER C 129 17.75 -2.03 27.00
CA SER C 129 18.34 -3.32 27.37
C SER C 129 19.67 -3.62 26.70
N THR C 130 20.01 -2.88 25.67
CA THR C 130 21.14 -3.21 24.77
C THR C 130 21.52 -1.93 24.00
N THR C 131 22.62 -1.98 23.24
CA THR C 131 23.03 -0.90 22.33
C THR C 131 23.99 -1.55 21.32
N ASP C 132 23.93 -1.16 20.04
CA ASP C 132 24.76 -1.76 18.99
C ASP C 132 24.68 -0.88 17.72
N MET C 133 25.67 -1.03 16.84
CA MET C 133 25.71 -0.36 15.54
C MET C 133 26.08 -1.37 14.44
N PRO C 134 25.26 -1.50 13.38
CA PRO C 134 23.88 -0.99 13.24
C PRO C 134 22.95 -1.52 14.37
N GLY C 135 21.86 -0.81 14.60
CA GLY C 135 21.01 -1.05 15.75
C GLY C 135 19.80 -1.94 15.53
N ALA C 136 19.01 -2.10 16.61
CA ALA C 136 17.79 -2.91 16.58
C ALA C 136 16.81 -2.43 15.52
N ASP C 137 16.80 -1.12 15.22
CA ASP C 137 15.95 -0.58 14.12
C ASP C 137 16.32 -1.24 12.75
N TYR C 138 17.60 -1.32 12.43
CA TYR C 138 18.10 -1.98 11.22
C TYR C 138 17.65 -3.46 11.15
N HIS C 139 17.88 -4.22 12.24
CA HIS C 139 17.54 -5.64 12.25
C HIS C 139 15.99 -5.86 12.20
N CYS C 140 15.23 -5.04 12.93
CA CYS C 140 13.77 -5.13 12.91
C CYS C 140 13.21 -4.87 11.48
N ALA C 141 13.73 -3.81 10.83
CA ALA C 141 13.31 -3.52 9.44
C ALA C 141 13.62 -4.71 8.48
N LYS C 142 14.80 -5.31 8.63
CA LYS C 142 15.23 -6.46 7.77
C LYS C 142 14.36 -7.67 8.04
N LEU C 143 14.06 -7.96 9.32
CA LEU C 143 13.18 -9.15 9.64
C LEU C 143 11.76 -8.96 9.09
N LEU C 144 11.27 -7.72 9.09
CA LEU C 144 9.94 -7.40 8.51
C LEU C 144 9.90 -7.36 6.99
N GLY C 145 11.08 -7.21 6.35
CA GLY C 145 11.09 -6.97 4.92
C GLY C 145 10.59 -5.58 4.47
N LEU C 146 10.89 -4.55 5.27
CA LEU C 146 10.58 -3.18 4.90
C LEU C 146 11.45 -2.69 3.76
N SER C 147 10.98 -1.66 3.07
CA SER C 147 11.81 -0.97 2.06
C SER C 147 13.16 -0.55 2.69
N PRO C 148 14.26 -0.67 1.91
CA PRO C 148 15.57 -0.16 2.44
C PRO C 148 15.58 1.33 2.66
N SER C 149 14.66 2.07 2.06
CA SER C 149 14.55 3.50 2.22
C SER C 149 13.56 4.00 3.32
N VAL C 150 13.10 3.08 4.16
CA VAL C 150 12.36 3.47 5.39
C VAL C 150 13.28 4.36 6.22
N LYS C 151 12.71 5.47 6.72
CA LYS C 151 13.48 6.44 7.49
C LYS C 151 13.45 6.06 8.96
N ARG C 152 14.61 5.72 9.55
CA ARG C 152 14.70 5.14 10.90
C ARG C 152 15.08 6.19 11.95
N VAL C 153 14.53 5.99 13.17
CA VAL C 153 14.80 6.83 14.36
C VAL C 153 15.14 5.88 15.50
N MET C 154 16.42 5.66 15.72
CA MET C 154 16.90 4.75 16.77
C MET C 154 17.16 5.53 18.05
N MET C 155 16.52 5.11 19.16
CA MET C 155 16.63 5.76 20.49
C MET C 155 16.96 4.75 21.59
N TYR C 156 18.24 4.46 21.73
CA TYR C 156 18.72 3.59 22.80
C TYR C 156 18.77 4.27 24.16
N GLN C 157 18.50 3.48 25.24
CA GLN C 157 18.74 3.96 26.62
C GLN C 157 17.91 5.22 26.96
N LEU C 158 16.62 5.21 26.61
CA LEU C 158 15.73 6.22 27.18
C LEU C 158 15.25 5.78 28.60
N GLY C 159 14.76 4.56 28.72
CA GLY C 159 14.18 4.06 29.98
C GLY C 159 12.68 4.24 30.01
N CSD C 160 12.17 4.29 31.27
CA CSD C 160 10.73 4.05 31.46
CB CSD C 160 10.43 3.79 32.97
SG CSD C 160 10.77 2.16 33.55
C CSD C 160 9.80 5.12 30.94
O CSD C 160 8.59 4.89 30.89
OD1 CSD C 160 10.19 2.21 35.00
OD2 CSD C 160 12.18 2.08 33.59
N TYR C 161 10.29 6.33 30.54
CA TYR C 161 9.43 7.34 29.91
C TYR C 161 9.30 7.21 28.37
N GLY C 162 10.05 6.25 27.77
CA GLY C 162 10.22 6.21 26.30
C GLY C 162 8.97 5.87 25.51
N GLY C 163 7.93 5.25 26.12
CA GLY C 163 6.65 5.02 25.42
C GLY C 163 6.00 6.34 25.04
N GLY C 164 6.08 7.32 25.98
CA GLY C 164 5.62 8.69 25.61
C GLY C 164 6.50 9.34 24.56
N THR C 165 7.84 9.19 24.68
CA THR C 165 8.77 9.79 23.68
C THR C 165 8.44 9.34 22.26
N VAL C 166 8.24 8.01 22.05
CA VAL C 166 8.05 7.56 20.66
C VAL C 166 6.76 8.16 20.05
N LEU C 167 5.71 8.36 20.87
CA LEU C 167 4.49 9.01 20.40
C LEU C 167 4.74 10.50 20.05
N ARG C 168 5.51 11.18 20.89
CA ARG C 168 5.87 12.59 20.63
C ARG C 168 6.64 12.74 19.30
N ILE C 169 7.61 11.85 19.06
CA ILE C 169 8.38 11.90 17.81
C ILE C 169 7.49 11.57 16.61
N ALA C 170 6.66 10.50 16.74
CA ALA C 170 5.77 10.12 15.66
C ALA C 170 4.81 11.22 15.24
N LYS C 171 4.29 11.96 16.22
N LYS C 171 4.29 11.97 16.22
CA LYS C 171 3.27 12.99 15.95
CA LYS C 171 3.27 13.00 15.95
C LYS C 171 3.81 14.01 14.94
C LYS C 171 3.80 14.02 14.94
N ASP C 172 5.00 14.54 15.19
CA ASP C 172 5.55 15.63 14.29
C ASP C 172 5.88 15.08 12.91
N ILE C 173 6.43 13.85 12.85
CA ILE C 173 6.71 13.24 11.51
C ILE C 173 5.42 13.05 10.70
N ALA C 174 4.40 12.43 11.33
CA ALA C 174 3.16 12.12 10.60
C ALA C 174 2.43 13.40 10.13
N GLU C 175 2.41 14.45 10.95
CA GLU C 175 1.70 15.69 10.63
C GLU C 175 2.47 16.52 9.58
N ASN C 176 3.79 16.43 9.56
CA ASN C 176 4.58 17.27 8.60
C ASN C 176 4.76 16.61 7.23
N ASN C 177 4.35 15.34 7.04
CA ASN C 177 4.60 14.60 5.81
C ASN C 177 3.31 13.94 5.31
N LYS C 178 2.68 14.49 4.28
CA LYS C 178 1.45 13.90 3.73
C LYS C 178 1.74 12.45 3.26
N GLY C 179 0.89 11.53 3.75
CA GLY C 179 1.02 10.09 3.42
C GLY C 179 1.96 9.32 4.33
N ALA C 180 2.68 9.99 5.27
CA ALA C 180 3.59 9.22 6.11
C ALA C 180 2.82 8.28 7.07
N ARG C 181 3.40 7.06 7.22
CA ARG C 181 2.84 6.07 8.11
C ARG C 181 4.01 5.55 8.97
N VAL C 182 3.96 5.85 10.27
CA VAL C 182 5.09 5.68 11.18
C VAL C 182 4.83 4.43 12.02
N LEU C 183 5.76 3.47 11.95
CA LEU C 183 5.78 2.27 12.83
C LEU C 183 6.70 2.60 14.01
N ALA C 184 6.16 2.61 15.25
CA ALA C 184 6.96 2.92 16.44
C ALA C 184 6.92 1.74 17.39
N VAL C 185 8.09 1.28 17.85
CA VAL C 185 8.17 0.06 18.66
C VAL C 185 9.10 0.24 19.86
N CYS C 186 8.67 -0.30 21.02
CA CYS C 186 9.47 -0.34 22.24
C CYS C 186 9.72 -1.82 22.59
N CYS C 187 10.88 -2.16 23.11
CA CYS C 187 11.19 -3.56 23.50
C CYS C 187 12.23 -3.64 24.58
N ASP C 188 11.95 -4.35 25.66
CA ASP C 188 12.95 -4.57 26.73
C ASP C 188 12.91 -6.03 27.26
N ILE C 189 14.11 -6.52 27.59
CA ILE C 189 14.35 -7.90 28.07
C ILE C 189 15.31 -7.82 29.25
N MET C 190 14.83 -8.23 30.44
CA MET C 190 15.49 -7.90 31.71
CA MET C 190 15.48 -7.92 31.74
C MET C 190 16.72 -8.76 32.04
N ALA C 191 17.07 -9.66 31.13
CA ALA C 191 18.40 -10.33 31.24
C ALA C 191 19.56 -9.32 31.29
N CYS C 192 19.34 -8.10 30.76
CA CYS C 192 20.37 -7.04 30.88
C CYS C 192 20.75 -6.67 32.33
N LEU C 193 19.84 -6.85 33.34
CA LEU C 193 20.04 -6.36 34.69
C LEU C 193 19.95 -7.48 35.78
N PHE C 194 19.71 -8.71 35.37
CA PHE C 194 19.61 -9.83 36.31
C PHE C 194 20.98 -10.08 36.97
N ARG C 195 21.03 -10.11 38.31
CA ARG C 195 22.21 -10.57 39.03
C ARG C 195 21.82 -11.00 40.43
N GLY C 196 22.76 -11.62 41.12
CA GLY C 196 22.51 -12.19 42.45
C GLY C 196 22.52 -11.17 43.57
N PRO C 197 22.08 -11.60 44.76
CA PRO C 197 21.78 -10.68 45.87
C PRO C 197 23.00 -10.41 46.77
N SER C 198 22.98 -9.27 47.48
CA SER C 198 23.94 -9.05 48.57
C SER C 198 23.12 -8.64 49.79
N GLU C 199 23.74 -8.86 50.93
CA GLU C 199 23.04 -8.83 52.19
C GLU C 199 22.33 -7.50 52.44
N SER C 200 22.95 -6.39 52.05
CA SER C 200 22.42 -5.13 52.45
C SER C 200 21.55 -4.49 51.35
N ASP C 201 21.59 -5.02 50.13
CA ASP C 201 21.23 -4.23 48.97
C ASP C 201 19.76 -4.44 48.50
N LEU C 202 18.86 -3.74 49.19
CA LEU C 202 17.42 -3.82 48.92
C LEU C 202 17.04 -3.12 47.62
N GLU C 203 17.74 -2.06 47.26
CA GLU C 203 17.48 -1.36 46.00
C GLU C 203 17.55 -2.32 44.80
N LEU C 204 18.59 -3.13 44.76
CA LEU C 204 18.75 -4.14 43.72
C LEU C 204 17.55 -5.11 43.71
N LEU C 205 17.17 -5.57 44.90
CA LEU C 205 16.05 -6.54 45.03
C LEU C 205 14.73 -5.98 44.54
N VAL C 206 14.44 -4.68 44.76
CA VAL C 206 13.25 -4.07 44.21
C VAL C 206 13.18 -4.28 42.68
N GLY C 207 14.29 -3.98 41.99
CA GLY C 207 14.29 -4.21 40.55
C GLY C 207 14.12 -5.66 40.17
N GLN C 208 14.78 -6.57 40.90
CA GLN C 208 14.65 -8.03 40.61
C GLN C 208 13.17 -8.56 40.82
N ALA C 209 12.40 -7.85 41.66
CA ALA C 209 10.98 -8.21 41.89
C ALA C 209 10.04 -7.62 40.84
N ILE C 210 10.35 -6.45 40.26
CA ILE C 210 9.36 -5.73 39.47
C ILE C 210 9.57 -5.77 37.95
N PHE C 211 10.82 -5.87 37.47
CA PHE C 211 11.03 -5.74 35.99
C PHE C 211 10.67 -7.05 35.23
N GLY C 212 9.92 -6.91 34.13
CA GLY C 212 9.52 -7.98 33.24
C GLY C 212 9.74 -7.65 31.76
N ASP C 213 9.49 -8.62 30.89
CA ASP C 213 9.86 -8.54 29.46
C ASP C 213 8.63 -8.28 28.59
N GLY C 214 8.80 -7.46 27.53
CA GLY C 214 7.75 -7.24 26.54
C GLY C 214 8.14 -6.28 25.44
N ALA C 215 7.33 -6.29 24.39
CA ALA C 215 7.45 -5.33 23.27
C ALA C 215 6.05 -4.86 22.86
N ALA C 216 5.95 -3.59 22.44
CA ALA C 216 4.66 -3.04 21.96
C ALA C 216 4.95 -2.09 20.78
N ALA C 217 4.12 -2.18 19.76
CA ALA C 217 4.25 -1.37 18.53
C ALA C 217 2.94 -0.70 18.19
N VAL C 218 3.03 0.52 17.64
CA VAL C 218 1.90 1.26 17.09
C VAL C 218 2.16 1.68 15.65
N ILE C 219 1.08 1.85 14.88
CA ILE C 219 1.14 2.60 13.61
C ILE C 219 0.48 3.97 13.83
N VAL C 220 1.19 5.06 13.50
CA VAL C 220 0.67 6.42 13.65
C VAL C 220 0.62 7.10 12.27
N GLY C 221 -0.50 7.79 12.00
CA GLY C 221 -0.65 8.55 10.76
C GLY C 221 -1.70 9.63 10.87
N ALA C 222 -1.50 10.70 10.09
CA ALA C 222 -2.55 11.71 9.87
C ALA C 222 -3.38 11.37 8.64
N GLU C 223 -4.53 12.00 8.50
CA GLU C 223 -5.47 11.75 7.38
C GLU C 223 -5.77 10.24 7.20
N PRO C 224 -6.32 9.62 8.23
CA PRO C 224 -6.72 8.18 8.05
C PRO C 224 -7.76 8.03 6.94
N ASP C 225 -7.59 6.96 6.15
CA ASP C 225 -8.46 6.67 5.01
C ASP C 225 -9.38 5.51 5.37
N GLU C 226 -10.63 5.82 5.72
CA GLU C 226 -11.56 4.78 6.12
C GLU C 226 -11.90 3.85 4.95
N SER C 227 -11.89 4.37 3.71
CA SER C 227 -12.31 3.51 2.53
C SER C 227 -11.36 2.33 2.31
N VAL C 228 -10.10 2.45 2.72
CA VAL C 228 -9.12 1.34 2.60
C VAL C 228 -8.98 0.54 3.86
N GLY C 229 -9.71 0.89 4.92
CA GLY C 229 -9.77 0.12 6.17
C GLY C 229 -8.93 0.67 7.32
N GLU C 230 -8.41 1.91 7.21
CA GLU C 230 -7.75 2.53 8.36
C GLU C 230 -8.81 3.06 9.36
N ARG C 231 -8.53 2.92 10.66
CA ARG C 231 -9.49 3.27 11.71
C ARG C 231 -8.68 3.87 12.92
N PRO C 232 -8.81 5.17 13.17
CA PRO C 232 -8.18 5.69 14.40
C PRO C 232 -8.72 5.12 15.71
N ILE C 233 -7.80 5.03 16.70
CA ILE C 233 -8.08 4.53 18.04
C ILE C 233 -7.99 5.67 19.06
N PHE C 234 -6.88 6.44 19.03
CA PHE C 234 -6.71 7.64 19.88
C PHE C 234 -6.05 8.72 19.00
N GLU C 235 -6.50 9.97 19.12
CA GLU C 235 -5.85 11.17 18.46
C GLU C 235 -4.79 11.70 19.40
N LEU C 236 -3.60 12.05 18.84
CA LEU C 236 -2.49 12.66 19.58
C LEU C 236 -2.62 14.19 19.49
N VAL C 237 -3.02 14.85 20.59
CA VAL C 237 -3.37 16.28 20.56
C VAL C 237 -2.18 17.20 20.89
N SER C 238 -1.46 16.98 22.00
CA SER C 238 -0.39 17.87 22.45
C SER C 238 0.60 17.05 23.27
N THR C 239 1.84 17.55 23.36
CA THR C 239 2.88 16.84 24.08
C THR C 239 3.71 17.76 24.99
N GLY C 240 4.28 17.19 26.04
CA GLY C 240 5.24 17.85 26.90
C GLY C 240 6.27 16.88 27.43
N GLN C 241 7.49 17.39 27.70
CA GLN C 241 8.52 16.62 28.42
C GLN C 241 9.14 17.56 29.47
N THR C 242 9.25 17.15 30.73
CA THR C 242 9.83 18.00 31.74
C THR C 242 10.69 17.20 32.78
N ILE C 243 11.60 17.90 33.43
CA ILE C 243 12.43 17.41 34.52
C ILE C 243 11.90 17.91 35.87
N LEU C 244 11.58 16.96 36.80
CA LEU C 244 11.01 17.41 38.07
C LEU C 244 12.07 18.05 38.98
N PRO C 245 11.69 19.09 39.79
CA PRO C 245 12.60 19.60 40.79
C PRO C 245 12.98 18.60 41.88
N ASN C 246 14.17 18.75 42.50
CA ASN C 246 14.66 17.95 43.61
C ASN C 246 14.72 16.47 43.30
N SER C 247 15.08 16.12 42.02
CA SER C 247 14.97 14.75 41.59
C SER C 247 16.29 14.19 41.00
N GLU C 248 17.40 14.97 41.08
CA GLU C 248 18.67 14.51 40.48
C GLU C 248 19.11 13.17 41.10
N GLY C 249 19.45 12.23 40.23
CA GLY C 249 19.93 10.94 40.65
C GLY C 249 18.91 9.93 41.11
N THR C 250 17.62 10.27 41.12
CA THR C 250 16.62 9.38 41.71
C THR C 250 16.27 8.15 40.86
N ILE C 251 16.40 8.26 39.52
CA ILE C 251 16.19 7.13 38.59
C ILE C 251 17.34 7.12 37.58
N GLY C 252 18.11 6.05 37.56
CA GLY C 252 19.29 5.97 36.68
C GLY C 252 19.57 4.55 36.23
N GLY C 253 20.31 4.45 35.13
CA GLY C 253 20.74 3.15 34.61
C GLY C 253 22.01 3.30 33.79
N HIS C 254 23.00 2.46 34.07
CA HIS C 254 24.37 2.63 33.59
C HIS C 254 24.83 1.32 32.93
N ILE C 255 25.40 1.43 31.71
CA ILE C 255 25.98 0.28 31.00
C ILE C 255 27.42 0.11 31.42
N ARG C 256 27.69 -1.01 32.13
CA ARG C 256 28.93 -1.32 32.80
C ARG C 256 29.43 -2.71 32.43
N GLU C 257 30.65 -3.04 32.82
CA GLU C 257 31.19 -4.39 32.59
C GLU C 257 30.34 -5.49 33.27
N ALA C 258 29.72 -5.15 34.39
CA ALA C 258 28.81 -6.09 35.09
C ALA C 258 27.40 -6.19 34.55
N GLY C 259 27.05 -5.44 33.47
CA GLY C 259 25.72 -5.36 32.93
C GLY C 259 25.06 -3.99 33.12
N LEU C 260 23.73 -3.95 33.09
N LEU C 260 23.73 -3.94 33.08
CA LEU C 260 22.97 -2.74 33.38
CA LEU C 260 22.97 -2.73 33.37
C LEU C 260 22.78 -2.60 34.88
C LEU C 260 22.78 -2.59 34.86
N ILE C 261 23.37 -1.54 35.44
CA ILE C 261 23.34 -1.25 36.91
C ILE C 261 22.39 -0.08 37.10
N PHE C 262 21.40 -0.22 37.99
CA PHE C 262 20.32 0.79 38.11
C PHE C 262 20.25 1.45 39.50
N ASP C 263 19.72 2.69 39.50
CA ASP C 263 19.49 3.48 40.74
C ASP C 263 18.00 3.76 40.84
N LEU C 264 17.43 3.48 42.02
CA LEU C 264 16.02 3.71 42.28
C LEU C 264 15.85 4.24 43.72
N HIS C 265 15.56 5.52 43.86
CA HIS C 265 15.42 6.18 45.18
C HIS C 265 14.03 5.97 45.77
N LYS C 266 13.99 5.88 47.11
CA LYS C 266 12.74 5.68 47.82
C LYS C 266 11.71 6.82 47.66
N ASP C 267 12.19 8.02 47.33
CA ASP C 267 11.33 9.20 47.19
C ASP C 267 10.63 9.30 45.83
N VAL C 268 10.90 8.36 44.90
CA VAL C 268 10.28 8.44 43.55
C VAL C 268 8.73 8.59 43.59
N PRO C 269 7.98 7.75 44.35
CA PRO C 269 6.52 7.93 44.34
C PRO C 269 6.04 9.33 44.85
N MET C 270 6.65 9.82 45.91
CA MET C 270 6.34 11.13 46.43
C MET C 270 6.64 12.24 45.43
N LEU C 271 7.79 12.15 44.76
CA LEU C 271 8.22 13.23 43.82
C LEU C 271 7.21 13.29 42.66
N ILE C 272 6.80 12.13 42.12
CA ILE C 272 5.82 12.15 41.02
C ILE C 272 4.51 12.71 41.49
N SER C 273 4.00 12.20 42.62
CA SER C 273 2.69 12.61 43.09
C SER C 273 2.64 14.10 43.47
N ASN C 274 3.76 14.68 44.01
CA ASN C 274 3.80 16.07 44.39
C ASN C 274 3.88 17.06 43.22
N ASN C 275 4.20 16.60 42.03
CA ASN C 275 4.32 17.41 40.83
C ASN C 275 3.31 17.13 39.74
N ILE C 276 2.50 16.06 39.86
CA ILE C 276 1.69 15.68 38.70
C ILE C 276 0.52 16.70 38.42
N GLU C 277 0.01 17.36 39.45
CA GLU C 277 -1.02 18.36 39.24
C GLU C 277 -0.54 19.54 38.38
N LYS C 278 0.69 20.02 38.63
CA LYS C 278 1.28 21.04 37.70
C LYS C 278 1.32 20.59 36.23
N CYS C 279 1.64 19.30 35.98
CA CYS C 279 1.60 18.77 34.63
C CYS C 279 0.17 18.82 34.01
N LEU C 280 -0.82 18.44 34.82
CA LEU C 280 -2.23 18.47 34.33
C LEU C 280 -2.70 19.88 34.02
N ILE C 281 -2.33 20.84 34.89
CA ILE C 281 -2.73 22.25 34.64
C ILE C 281 -2.11 22.81 33.32
N GLU C 282 -0.84 22.47 33.08
CA GLU C 282 -0.19 22.88 31.85
C GLU C 282 -0.88 22.28 30.63
N ALA C 283 -1.23 20.98 30.75
CA ALA C 283 -1.85 20.25 29.62
C ALA C 283 -3.30 20.72 29.32
N PHE C 284 -4.07 20.96 30.38
CA PHE C 284 -5.57 21.05 30.24
C PHE C 284 -6.16 22.44 30.36
N THR C 285 -5.44 23.40 30.93
CA THR C 285 -5.96 24.79 30.96
C THR C 285 -6.37 25.31 29.53
N PRO C 286 -5.57 25.02 28.49
CA PRO C 286 -5.99 25.45 27.13
C PRO C 286 -7.30 24.79 26.61
N ILE C 287 -7.64 23.61 27.13
CA ILE C 287 -8.80 22.86 26.74
C ILE C 287 -10.02 23.23 27.62
N GLY C 288 -9.82 24.04 28.67
CA GLY C 288 -10.89 24.35 29.59
C GLY C 288 -11.25 23.29 30.61
N ILE C 289 -10.29 22.40 30.92
CA ILE C 289 -10.56 21.29 31.85
C ILE C 289 -9.76 21.47 33.15
N SER C 290 -10.44 21.32 34.27
CA SER C 290 -9.84 21.35 35.60
C SER C 290 -10.22 20.14 36.52
N ASP C 291 -11.19 19.32 36.09
CA ASP C 291 -11.67 18.20 36.89
C ASP C 291 -10.95 16.90 36.39
N TRP C 292 -10.03 16.38 37.21
CA TRP C 292 -9.19 15.24 36.79
C TRP C 292 -9.95 13.90 36.80
N ASN C 293 -11.17 13.91 37.33
CA ASN C 293 -12.10 12.71 37.17
C ASN C 293 -12.96 12.76 35.88
N SER C 294 -12.91 13.87 35.12
CA SER C 294 -13.71 14.05 33.89
C SER C 294 -12.96 13.61 32.60
N ILE C 295 -11.78 13.02 32.77
CA ILE C 295 -10.88 12.51 31.68
C ILE C 295 -10.54 11.05 31.93
N PHE C 296 -10.12 10.33 30.88
CA PHE C 296 -9.50 9.01 31.02
C PHE C 296 -7.98 9.12 31.19
N TRP C 297 -7.36 8.08 31.73
CA TRP C 297 -5.91 8.05 32.07
C TRP C 297 -5.24 6.82 31.49
N ILE C 298 -4.05 7.01 30.85
CA ILE C 298 -3.17 5.89 30.36
C ILE C 298 -1.83 6.07 31.05
N THR C 299 -1.59 5.40 32.16
CA THR C 299 -0.48 5.72 33.07
C THR C 299 0.53 4.61 33.21
N HIS C 300 1.79 4.89 32.98
CA HIS C 300 2.90 3.94 33.20
C HIS C 300 2.85 3.43 34.66
N PRO C 301 2.74 2.09 34.87
CA PRO C 301 2.69 1.57 36.25
C PRO C 301 4.08 1.24 36.73
N GLY C 302 4.87 2.29 37.00
CA GLY C 302 6.28 2.03 37.38
C GLY C 302 6.44 1.21 38.64
N GLY C 303 5.48 1.39 39.55
CA GLY C 303 5.26 0.48 40.70
C GLY C 303 3.88 0.76 41.28
N LYS C 304 3.40 -0.18 42.11
CA LYS C 304 2.12 0.02 42.76
C LYS C 304 2.08 1.34 43.61
N ALA C 305 3.20 1.68 44.26
CA ALA C 305 3.21 2.90 45.08
C ALA C 305 3.06 4.20 44.27
N ILE C 306 3.55 4.24 43.04
CA ILE C 306 3.36 5.44 42.21
C ILE C 306 1.86 5.62 41.94
N LEU C 307 1.18 4.52 41.54
CA LEU C 307 -0.28 4.60 41.27
C LEU C 307 -1.08 4.98 42.52
N ASP C 308 -0.79 4.33 43.66
CA ASP C 308 -1.49 4.60 44.89
C ASP C 308 -1.34 6.08 45.35
N LYS C 309 -0.10 6.61 45.28
CA LYS C 309 0.14 7.96 45.76
C LYS C 309 -0.48 9.04 44.82
N VAL C 310 -0.43 8.81 43.50
CA VAL C 310 -1.08 9.76 42.56
C VAL C 310 -2.61 9.79 42.78
N GLU C 311 -3.21 8.58 42.88
CA GLU C 311 -4.66 8.48 43.11
C GLU C 311 -5.09 9.19 44.40
N GLU C 312 -4.32 8.99 45.48
CA GLU C 312 -4.56 9.66 46.78
C GLU C 312 -4.43 11.21 46.69
N LYS C 313 -3.34 11.67 46.08
CA LYS C 313 -3.04 13.12 45.99
C LYS C 313 -4.14 13.87 45.25
N LEU C 314 -4.60 13.30 44.14
CA LEU C 314 -5.58 13.97 43.27
C LEU C 314 -7.04 13.59 43.58
N HIS C 315 -7.27 12.69 44.54
CA HIS C 315 -8.62 12.22 44.85
C HIS C 315 -9.26 11.65 43.59
N LEU C 316 -8.49 10.85 42.87
CA LEU C 316 -9.06 10.14 41.68
C LEU C 316 -9.98 9.03 42.13
N LYS C 317 -11.07 8.87 41.41
CA LYS C 317 -11.93 7.68 41.54
C LYS C 317 -11.13 6.43 41.16
N SER C 318 -11.45 5.30 41.80
CA SER C 318 -10.66 4.07 41.56
C SER C 318 -10.77 3.45 40.17
N ASP C 319 -11.70 3.94 39.38
CA ASP C 319 -11.88 3.55 37.98
C ASP C 319 -10.70 3.97 37.08
N LYS C 320 -9.96 5.03 37.42
CA LYS C 320 -9.00 5.59 36.47
C LYS C 320 -7.82 4.65 36.16
N PHE C 321 -7.34 3.91 37.18
CA PHE C 321 -6.14 3.11 37.06
C PHE C 321 -6.38 1.59 36.85
N VAL C 322 -7.60 1.19 36.49
CA VAL C 322 -7.90 -0.24 36.35
C VAL C 322 -6.98 -0.92 35.31
N ASP C 323 -6.76 -0.29 34.15
CA ASP C 323 -5.95 -0.94 33.10
C ASP C 323 -4.44 -0.93 33.49
N SER C 324 -3.96 0.16 34.15
CA SER C 324 -2.57 0.19 34.66
C SER C 324 -2.35 -0.98 35.66
N ARG C 325 -3.31 -1.19 36.57
CA ARG C 325 -3.20 -2.25 37.58
C ARG C 325 -3.28 -3.66 36.94
N HIS C 326 -4.11 -3.80 35.93
CA HIS C 326 -4.24 -5.08 35.21
C HIS C 326 -2.91 -5.47 34.54
N VAL C 327 -2.34 -4.53 33.78
CA VAL C 327 -1.06 -4.81 33.06
C VAL C 327 0.06 -5.09 34.09
N LEU C 328 0.14 -4.28 35.17
CA LEU C 328 1.14 -4.52 36.22
C LEU C 328 1.03 -5.96 36.77
N SER C 329 -0.20 -6.39 37.06
CA SER C 329 -0.46 -7.72 37.68
C SER C 329 0.01 -8.86 36.80
N GLU C 330 -0.14 -8.74 35.48
CA GLU C 330 0.11 -9.81 34.53
C GLU C 330 1.48 -9.77 33.88
N HIS C 331 2.19 -8.60 33.95
CA HIS C 331 3.44 -8.41 33.23
C HIS C 331 4.56 -7.75 34.00
N GLY C 332 4.28 -7.13 35.13
CA GLY C 332 5.28 -6.31 35.79
C GLY C 332 5.55 -4.99 35.04
N ASN C 333 6.67 -4.38 35.41
CA ASN C 333 7.14 -3.12 34.78
C ASN C 333 8.08 -3.53 33.59
N MET C 334 7.62 -3.33 32.36
CA MET C 334 8.33 -3.68 31.12
C MET C 334 9.08 -2.47 30.51
N SER C 335 9.32 -1.43 31.30
CA SER C 335 9.95 -0.19 30.80
C SER C 335 9.02 0.51 29.78
N SER C 336 9.63 1.07 28.71
CA SER C 336 8.89 1.93 27.78
CA SER C 336 8.90 1.91 27.74
C SER C 336 7.63 1.30 27.18
N SER C 337 7.62 -0.01 26.89
CA SER C 337 6.44 -0.64 26.26
CA SER C 337 6.46 -0.68 26.28
C SER C 337 5.19 -0.62 27.16
N THR C 338 5.37 -0.52 28.48
CA THR C 338 4.26 -0.80 29.41
C THR C 338 3.06 0.10 29.18
N VAL C 339 3.30 1.41 28.95
CA VAL C 339 2.16 2.33 28.74
C VAL C 339 1.35 2.03 27.47
N LEU C 340 2.01 1.42 26.47
CA LEU C 340 1.33 1.01 25.25
C LEU C 340 0.48 -0.27 25.43
N PHE C 341 0.96 -1.20 26.31
CA PHE C 341 0.05 -2.28 26.78
C PHE C 341 -1.19 -1.71 27.49
N VAL C 342 -1.01 -0.68 28.32
CA VAL C 342 -2.15 -0.04 29.03
C VAL C 342 -3.14 0.57 28.00
N MET C 343 -2.57 1.29 27.00
CA MET C 343 -3.43 1.84 25.93
C MET C 343 -4.27 0.75 25.22
N ASP C 344 -3.61 -0.37 24.87
CA ASP C 344 -4.29 -1.48 24.20
C ASP C 344 -5.44 -2.06 25.08
N GLU C 345 -5.14 -2.24 26.39
CA GLU C 345 -6.17 -2.79 27.29
C GLU C 345 -7.37 -1.87 27.47
N LEU C 346 -7.11 -0.54 27.57
CA LEU C 346 -8.19 0.45 27.65
C LEU C 346 -9.17 0.36 26.49
N ARG C 347 -8.63 0.37 25.26
CA ARG C 347 -9.54 0.35 24.11
C ARG C 347 -10.25 -1.00 23.94
N LYS C 348 -9.57 -2.09 24.28
CA LYS C 348 -10.20 -3.42 24.20
C LYS C 348 -11.32 -3.56 25.26
N ARG C 349 -11.08 -3.10 26.48
CA ARG C 349 -12.06 -3.21 27.57
C ARG C 349 -13.23 -2.30 27.29
N SER C 350 -12.97 -1.11 26.72
CA SER C 350 -14.08 -0.20 26.39
C SER C 350 -15.06 -0.85 25.41
N LEU C 351 -14.54 -1.51 24.39
CA LEU C 351 -15.41 -2.29 23.45
C LEU C 351 -16.15 -3.46 24.14
N GLU C 352 -15.40 -4.26 24.90
CA GLU C 352 -16.00 -5.41 25.63
C GLU C 352 -17.14 -4.99 26.56
N GLU C 353 -17.00 -3.84 27.21
CA GLU C 353 -17.99 -3.39 28.22
C GLU C 353 -19.08 -2.48 27.61
N GLY C 354 -19.06 -2.28 26.29
CA GLY C 354 -20.14 -1.48 25.60
C GLY C 354 -20.12 0.02 25.80
N LYS C 355 -18.91 0.56 26.11
CA LYS C 355 -18.72 1.97 26.33
C LYS C 355 -18.83 2.75 25.00
N SER C 356 -19.13 4.05 25.08
CA SER C 356 -19.42 4.85 23.90
C SER C 356 -18.16 5.38 23.18
N THR C 357 -16.98 5.28 23.81
CA THR C 357 -15.72 5.70 23.20
C THR C 357 -14.59 4.71 23.58
N THR C 358 -13.47 4.79 22.82
CA THR C 358 -12.30 3.99 23.12
C THR C 358 -11.59 4.36 24.45
N GLY C 359 -11.98 5.50 25.04
CA GLY C 359 -11.43 5.95 26.33
C GLY C 359 -12.49 5.81 27.49
N ASP C 360 -13.08 4.63 27.62
CA ASP C 360 -14.03 4.31 28.71
C ASP C 360 -15.24 5.24 28.73
N GLY C 361 -15.64 5.73 27.55
CA GLY C 361 -16.77 6.63 27.42
C GLY C 361 -16.50 8.14 27.53
N PHE C 362 -15.28 8.50 27.94
CA PHE C 362 -14.82 9.90 28.04
C PHE C 362 -14.24 10.37 26.70
N GLU C 363 -14.32 11.68 26.46
CA GLU C 363 -13.78 12.32 25.27
C GLU C 363 -12.26 12.58 25.33
N TRP C 364 -11.83 13.22 26.43
CA TRP C 364 -10.44 13.63 26.61
C TRP C 364 -9.70 12.71 27.58
N GLY C 365 -8.41 12.55 27.35
CA GLY C 365 -7.55 11.76 28.19
C GLY C 365 -6.10 12.23 28.27
N VAL C 366 -5.33 11.60 29.15
CA VAL C 366 -3.90 11.92 29.35
C VAL C 366 -3.09 10.66 29.42
N LEU C 367 -1.92 10.66 28.75
CA LEU C 367 -0.97 9.57 28.83
C LEU C 367 0.30 10.08 29.54
N PHE C 368 0.87 9.28 30.47
CA PHE C 368 2.08 9.63 31.22
C PHE C 368 3.11 8.52 31.21
N GLY C 369 4.37 8.86 30.92
CA GLY C 369 5.52 8.01 31.20
C GLY C 369 6.47 8.71 32.17
N PHE C 370 7.15 7.92 33.00
CA PHE C 370 8.03 8.43 34.06
C PHE C 370 9.37 7.68 34.02
N GLY C 371 10.53 8.36 34.09
CA GLY C 371 11.79 7.63 34.03
C GLY C 371 13.00 8.51 34.38
N PRO C 372 14.21 8.13 33.93
CA PRO C 372 15.45 8.84 34.33
C PRO C 372 15.41 10.35 34.13
N GLY C 373 15.79 11.11 35.17
CA GLY C 373 15.88 12.56 35.04
C GLY C 373 15.71 13.33 36.35
N LEU C 374 14.59 13.19 37.12
CA LEU C 374 13.38 12.39 36.78
C LEU C 374 12.55 13.07 35.71
N THR C 375 12.39 12.40 34.56
CA THR C 375 11.72 12.94 33.38
C THR C 375 10.28 12.44 33.35
N VAL C 376 9.33 13.35 33.06
CA VAL C 376 7.92 13.05 32.79
C VAL C 376 7.62 13.35 31.31
N GLU C 377 7.12 12.35 30.58
CA GLU C 377 6.52 12.52 29.23
C GLU C 377 5.00 12.57 29.37
N ARG C 378 4.35 13.58 28.77
CA ARG C 378 2.92 13.78 28.84
C ARG C 378 2.35 13.89 27.42
N VAL C 379 1.24 13.22 27.12
CA VAL C 379 0.54 13.36 25.84
C VAL C 379 -0.96 13.58 26.16
N VAL C 380 -1.55 14.66 25.71
CA VAL C 380 -3.03 14.79 25.73
C VAL C 380 -3.55 14.00 24.50
N VAL C 381 -4.57 13.15 24.75
CA VAL C 381 -5.17 12.32 23.73
C VAL C 381 -6.69 12.54 23.68
N ARG C 382 -7.29 12.24 22.55
CA ARG C 382 -8.76 12.19 22.42
C ARG C 382 -9.16 10.76 22.03
N SER C 383 -10.24 10.26 22.61
CA SER C 383 -10.83 9.00 22.20
C SER C 383 -11.56 9.15 20.83
N VAL C 384 -12.03 8.01 20.31
CA VAL C 384 -12.89 7.97 19.14
C VAL C 384 -14.20 7.23 19.50
N PRO C 385 -15.30 7.66 18.92
CA PRO C 385 -16.56 6.95 19.22
C PRO C 385 -16.52 5.47 18.83
N ILE C 386 -17.25 4.65 19.55
CA ILE C 386 -17.48 3.25 19.19
C ILE C 386 -18.92 3.05 18.66
N LYS C 387 -19.03 2.40 17.48
CA LYS C 387 -20.25 2.31 16.71
C LYS C 387 -20.93 0.97 16.93
N TYR C 388 -22.28 0.97 17.09
CA TYR C 388 -22.99 -0.23 17.58
C TYR C 388 -24.17 -0.70 16.69
N LEU D 108 -0.69 25.06 16.16
CA LEU D 108 -0.17 26.03 15.15
C LEU D 108 1.16 25.45 14.60
N ARG D 109 1.16 25.25 13.31
CA ARG D 109 2.36 24.81 12.59
C ARG D 109 3.03 26.04 11.94
N ALA D 110 4.28 25.87 11.53
CA ALA D 110 5.03 26.96 10.84
C ALA D 110 4.80 26.94 9.35
N GLU D 111 5.01 28.09 8.69
CA GLU D 111 4.99 28.23 7.28
C GLU D 111 6.40 28.20 6.68
N GLY D 112 6.54 27.59 5.51
CA GLY D 112 7.83 27.51 4.82
C GLY D 112 8.81 26.53 5.42
N PRO D 113 10.04 26.48 4.86
CA PRO D 113 11.02 25.46 5.26
C PRO D 113 11.77 25.81 6.55
N ALA D 114 12.26 24.79 7.21
CA ALA D 114 13.24 24.96 8.28
C ALA D 114 14.62 25.36 7.68
N SER D 115 15.35 26.25 8.37
CA SER D 115 16.72 26.64 8.01
C SER D 115 17.68 26.47 9.18
N VAL D 116 18.95 26.19 8.87
CA VAL D 116 20.04 26.34 9.83
C VAL D 116 20.29 27.85 10.02
N LEU D 117 20.20 28.33 11.28
CA LEU D 117 20.35 29.75 11.61
C LEU D 117 21.68 30.08 12.28
N ALA D 118 22.42 29.10 12.76
CA ALA D 118 23.71 29.32 13.47
C ALA D 118 24.44 27.97 13.56
N ILE D 119 25.77 28.07 13.58
CA ILE D 119 26.64 26.86 13.71
C ILE D 119 27.81 27.19 14.64
N GLY D 120 28.03 26.31 15.64
CA GLY D 120 29.18 26.42 16.55
C GLY D 120 29.93 25.10 16.66
N THR D 121 31.26 25.20 16.85
CA THR D 121 32.11 23.98 16.91
C THR D 121 33.10 24.09 18.04
N ALA D 122 33.57 22.94 18.54
CA ALA D 122 34.54 22.88 19.62
C ALA D 122 35.40 21.61 19.53
N ASN D 123 36.63 21.68 20.08
CA ASN D 123 37.50 20.51 20.09
C ASN D 123 38.34 20.54 21.38
N PRO D 124 38.81 19.35 21.88
CA PRO D 124 39.80 19.34 22.97
C PRO D 124 41.07 20.11 22.58
N GLU D 125 41.74 20.69 23.56
CA GLU D 125 42.96 21.48 23.29
C GLU D 125 44.17 20.65 22.84
N ASN D 126 44.31 19.43 23.35
CA ASN D 126 45.52 18.61 23.11
C ASN D 126 45.49 18.14 21.58
N ILE D 127 46.71 18.18 20.98
CA ILE D 127 46.79 17.86 19.50
C ILE D 127 47.79 16.70 19.24
N LEU D 128 47.37 15.83 18.30
CA LEU D 128 48.20 14.73 17.75
C LEU D 128 48.63 15.15 16.34
N LEU D 129 49.91 15.47 16.14
CA LEU D 129 50.40 15.68 14.76
C LEU D 129 50.59 14.34 14.06
N GLN D 130 49.98 14.19 12.87
CA GLN D 130 50.01 12.90 12.17
C GLN D 130 51.45 12.45 11.80
N ASP D 131 52.35 13.39 11.48
N ASP D 131 52.30 13.41 11.47
CA ASP D 131 53.73 12.99 11.12
CA ASP D 131 53.70 13.11 11.17
C ASP D 131 54.44 12.32 12.33
C ASP D 131 54.45 12.38 12.33
N GLU D 132 54.00 12.63 13.55
CA GLU D 132 54.57 12.06 14.79
C GLU D 132 53.79 10.84 15.34
N PHE D 133 52.63 10.55 14.75
CA PHE D 133 51.71 9.61 15.42
C PHE D 133 52.18 8.11 15.41
N PRO D 134 52.75 7.60 14.30
CA PRO D 134 53.29 6.21 14.37
C PRO D 134 54.24 6.01 15.53
N ASP D 135 55.17 6.95 15.74
CA ASP D 135 56.11 6.83 16.85
C ASP D 135 55.40 6.93 18.19
N TYR D 136 54.52 7.93 18.35
CA TYR D 136 53.78 8.11 19.61
C TYR D 136 52.96 6.86 19.95
N TYR D 137 52.17 6.38 18.98
CA TYR D 137 51.28 5.26 19.22
C TYR D 137 52.04 3.98 19.62
N PHE D 138 53.10 3.61 18.85
CA PHE D 138 53.85 2.36 19.14
C PHE D 138 54.66 2.47 20.45
N ARG D 139 55.06 3.70 20.80
CA ARG D 139 55.73 3.93 22.08
C ARG D 139 54.79 3.81 23.31
N VAL D 140 53.68 4.55 23.30
CA VAL D 140 52.79 4.54 24.49
C VAL D 140 52.05 3.20 24.67
N THR D 141 51.87 2.44 23.58
CA THR D 141 51.32 1.08 23.67
C THR D 141 52.39 -0.02 23.88
N LYS D 142 53.64 0.38 24.11
CA LYS D 142 54.72 -0.55 24.52
C LYS D 142 54.91 -1.66 23.50
N SER D 143 54.79 -1.29 22.23
CA SER D 143 54.71 -2.25 21.12
C SER D 143 55.84 -2.07 20.09
N GLU D 144 56.94 -1.50 20.53
CA GLU D 144 58.04 -1.13 19.58
C GLU D 144 58.72 -2.37 18.94
N HIS D 145 58.47 -3.54 19.54
CA HIS D 145 59.02 -4.81 18.97
C HIS D 145 58.32 -5.20 17.66
N MET D 146 57.14 -4.62 17.41
CA MET D 146 56.35 -4.90 16.19
C MET D 146 56.80 -3.97 15.04
N THR D 147 58.00 -4.19 14.64
CA THR D 147 58.78 -3.32 13.70
C THR D 147 58.10 -3.29 12.35
N GLN D 148 57.75 -4.46 11.82
CA GLN D 148 57.07 -4.47 10.48
C GLN D 148 55.73 -3.91 10.44
N LEU D 149 54.91 -4.18 11.49
CA LEU D 149 53.58 -3.54 11.65
C LEU D 149 53.69 -2.01 11.74
N LYS D 150 54.69 -1.54 12.50
CA LYS D 150 54.85 -0.08 12.74
C LYS D 150 55.11 0.61 11.38
N GLU D 151 55.94 0.01 10.54
CA GLU D 151 56.20 0.60 9.23
C GLU D 151 54.99 0.54 8.26
N LYS D 152 54.21 -0.54 8.29
CA LYS D 152 52.90 -0.52 7.60
C LYS D 152 51.98 0.62 8.12
N PHE D 153 51.96 0.80 9.43
CA PHE D 153 51.15 1.87 10.04
C PHE D 153 51.62 3.29 9.60
N ARG D 154 52.94 3.47 9.53
CA ARG D 154 53.55 4.70 9.00
C ARG D 154 53.02 5.03 7.58
N LYS D 155 52.93 4.02 6.71
CA LYS D 155 52.37 4.19 5.36
C LYS D 155 50.85 4.57 5.38
N ILE D 156 50.07 3.91 6.23
CA ILE D 156 48.65 4.25 6.39
C ILE D 156 48.53 5.74 6.81
N CYS D 157 49.30 6.16 7.80
CA CYS D 157 49.22 7.55 8.32
C CYS D 157 49.69 8.58 7.25
N ASP D 158 50.73 8.24 6.52
CA ASP D 158 51.25 9.09 5.44
C ASP D 158 50.26 9.25 4.28
N LYS D 159 49.46 8.21 3.99
CA LYS D 159 48.44 8.28 2.95
C LYS D 159 47.05 8.82 3.39
N SER D 160 46.86 9.01 4.69
CA SER D 160 45.54 9.33 5.26
C SER D 160 45.02 10.72 4.90
N MET D 161 45.94 11.62 4.52
CA MET D 161 45.58 13.07 4.22
C MET D 161 45.00 13.80 5.45
N ILE D 162 45.38 13.30 6.63
CA ILE D 162 45.14 13.94 7.94
C ILE D 162 46.45 14.51 8.39
N ARG D 163 46.46 15.82 8.67
CA ARG D 163 47.69 16.50 9.21
C ARG D 163 47.71 16.50 10.75
N LYS D 164 46.57 16.71 11.36
CA LYS D 164 46.44 16.78 12.83
C LYS D 164 45.02 16.38 13.24
N ARG D 165 44.92 15.93 14.50
CA ARG D 165 43.64 15.66 15.19
C ARG D 165 43.73 16.27 16.59
N ASN D 166 42.56 16.68 17.11
CA ASN D 166 42.41 17.05 18.52
C ASN D 166 41.98 15.78 19.31
N CYS D 167 42.54 15.60 20.52
CA CYS D 167 42.35 14.34 21.26
C CYS D 167 42.36 14.61 22.78
N PHE D 168 41.21 14.37 23.47
CA PHE D 168 41.11 14.55 24.92
C PHE D 168 42.07 13.57 25.66
N LEU D 169 42.09 12.31 25.21
CA LEU D 169 42.95 11.31 25.87
C LEU D 169 44.44 11.67 25.70
N ASN D 170 45.17 11.70 26.82
CA ASN D 170 46.56 12.09 26.79
C ASN D 170 47.47 11.06 27.50
N GLU D 171 48.78 11.24 27.40
CA GLU D 171 49.71 10.24 27.91
C GLU D 171 49.61 10.09 29.42
N GLU D 172 49.27 11.17 30.14
CA GLU D 172 49.07 11.03 31.59
C GLU D 172 47.89 10.12 31.98
N HIS D 173 46.81 10.16 31.20
CA HIS D 173 45.71 9.18 31.37
C HIS D 173 46.25 7.76 31.20
N LEU D 174 47.12 7.56 30.21
CA LEU D 174 47.65 6.20 29.92
C LEU D 174 48.57 5.71 30.99
N LYS D 175 49.34 6.63 31.58
CA LYS D 175 50.23 6.26 32.69
C LYS D 175 49.44 5.95 33.96
N GLN D 176 48.33 6.67 34.15
CA GLN D 176 47.43 6.40 35.31
C GLN D 176 46.68 5.05 35.22
N ASN D 177 46.34 4.66 34.00
CA ASN D 177 45.71 3.37 33.77
C ASN D 177 46.29 2.63 32.54
N PRO D 178 47.40 1.89 32.74
CA PRO D 178 48.06 1.20 31.62
C PRO D 178 47.23 0.08 30.95
N ARG D 179 46.13 -0.33 31.58
CA ARG D 179 45.20 -1.26 30.93
C ARG D 179 44.63 -0.70 29.62
N LEU D 180 44.54 0.63 29.54
CA LEU D 180 44.04 1.32 28.31
C LEU D 180 44.91 1.11 27.05
N VAL D 181 46.17 0.74 27.23
CA VAL D 181 47.11 0.57 26.10
C VAL D 181 47.23 -0.86 25.64
N GLU D 182 46.65 -1.81 26.41
CA GLU D 182 46.73 -3.23 26.01
C GLU D 182 45.77 -3.41 24.81
N HIS D 183 45.98 -4.51 24.10
CA HIS D 183 45.18 -4.79 22.88
C HIS D 183 43.68 -5.01 23.20
N GLU D 184 43.43 -5.81 24.23
CA GLU D 184 42.08 -6.24 24.57
C GLU D 184 42.12 -6.59 26.05
N MET D 185 41.47 -5.76 26.83
CA MET D 185 41.45 -5.92 28.29
C MET D 185 40.14 -5.24 28.75
N GLN D 186 39.60 -5.70 29.89
CA GLN D 186 38.34 -5.20 30.40
C GLN D 186 38.50 -3.77 30.96
N THR D 187 38.01 -2.77 30.20
CA THR D 187 38.31 -1.32 30.42
C THR D 187 37.10 -0.41 30.18
N LEU D 188 35.91 -1.00 29.89
CA LEU D 188 34.74 -0.16 29.63
C LEU D 188 34.42 0.79 30.80
N ASP D 189 34.49 0.29 32.02
CA ASP D 189 34.08 1.11 33.21
C ASP D 189 34.97 2.37 33.34
N ALA D 190 36.28 2.22 33.14
CA ALA D 190 37.21 3.36 33.14
C ALA D 190 36.93 4.38 31.99
N ARG D 191 36.65 3.86 30.78
CA ARG D 191 36.33 4.72 29.65
C ARG D 191 35.03 5.49 29.92
N GLN D 192 33.99 4.78 30.38
CA GLN D 192 32.67 5.40 30.69
C GLN D 192 32.81 6.47 31.79
N ASP D 193 33.62 6.18 32.79
CA ASP D 193 33.77 7.18 33.91
C ASP D 193 34.28 8.55 33.37
N MET D 194 35.19 8.49 32.37
CA MET D 194 35.68 9.72 31.68
C MET D 194 34.60 10.34 30.79
N LEU D 195 34.01 9.49 29.94
CA LEU D 195 33.18 9.96 28.84
C LEU D 195 31.78 10.47 29.24
N VAL D 196 31.16 9.88 30.29
CA VAL D 196 29.85 10.41 30.71
C VAL D 196 29.96 11.89 31.19
N VAL D 197 31.17 12.33 31.60
CA VAL D 197 31.45 13.72 31.97
C VAL D 197 31.90 14.59 30.76
N GLU D 198 32.86 14.08 29.98
CA GLU D 198 33.46 14.91 28.96
C GLU D 198 32.60 15.11 27.70
N VAL D 199 31.79 14.13 27.31
CA VAL D 199 30.88 14.27 26.16
C VAL D 199 29.90 15.46 26.31
N PRO D 200 29.09 15.50 27.37
CA PRO D 200 28.20 16.67 27.50
C PRO D 200 28.92 17.99 27.68
N LYS D 201 30.11 17.99 28.31
CA LYS D 201 30.91 19.22 28.48
C LYS D 201 31.36 19.81 27.12
N LEU D 202 31.92 19.00 26.24
CA LEU D 202 32.37 19.49 24.93
C LEU D 202 31.16 19.85 24.06
N GLY D 203 30.06 19.07 24.17
CA GLY D 203 28.83 19.44 23.45
C GLY D 203 28.31 20.81 23.89
N LYS D 204 28.30 21.08 25.22
CA LYS D 204 27.87 22.38 25.70
C LYS D 204 28.74 23.50 25.15
N ASP D 205 30.04 23.26 25.02
CA ASP D 205 30.95 24.33 24.48
C ASP D 205 30.50 24.72 23.03
N ALA D 206 30.24 23.72 22.19
CA ALA D 206 29.76 23.97 20.83
C ALA D 206 28.40 24.70 20.84
N CYS D 207 27.49 24.24 21.69
CA CYS D 207 26.16 24.89 21.81
C CYS D 207 26.25 26.35 22.20
N ALA D 208 27.15 26.68 23.15
CA ALA D 208 27.27 28.08 23.58
C ALA D 208 27.70 28.98 22.41
N LYS D 209 28.57 28.48 21.55
CA LYS D 209 29.04 29.25 20.38
C LYS D 209 27.89 29.46 19.37
N ALA D 210 27.10 28.43 19.12
CA ALA D 210 25.93 28.57 18.23
C ALA D 210 24.93 29.61 18.79
N ILE D 211 24.64 29.51 20.09
CA ILE D 211 23.67 30.42 20.72
C ILE D 211 24.16 31.89 20.64
N LYS D 212 25.45 32.11 20.83
CA LYS D 212 26.04 33.45 20.71
C LYS D 212 25.81 34.00 19.28
N GLU D 213 26.12 33.23 18.24
CA GLU D 213 25.89 33.67 16.86
C GLU D 213 24.41 34.00 16.59
N TRP D 214 23.53 33.10 17.01
CA TRP D 214 22.06 33.28 16.83
C TRP D 214 21.56 34.58 17.49
N GLY D 215 22.07 34.86 18.70
CA GLY D 215 21.88 36.14 19.37
C GLY D 215 20.57 36.32 20.14
N GLN D 216 19.76 35.28 20.24
CA GLN D 216 18.45 35.33 20.92
C GLN D 216 18.57 34.70 22.34
N PRO D 217 17.60 35.01 23.23
CA PRO D 217 17.67 34.45 24.57
C PRO D 217 17.57 32.90 24.58
N LYS D 218 18.32 32.25 25.48
CA LYS D 218 18.28 30.79 25.58
C LYS D 218 16.88 30.26 25.99
N SER D 219 16.04 31.10 26.63
CA SER D 219 14.68 30.73 26.93
C SER D 219 13.81 30.47 25.69
N LYS D 220 14.27 30.87 24.50
CA LYS D 220 13.56 30.68 23.24
C LYS D 220 13.86 29.29 22.65
N ILE D 221 14.84 28.55 23.21
CA ILE D 221 15.12 27.19 22.71
C ILE D 221 14.03 26.26 23.25
N THR D 222 13.33 25.60 22.34
CA THR D 222 12.21 24.72 22.68
C THR D 222 12.52 23.21 22.64
N HIS D 223 13.56 22.82 21.96
CA HIS D 223 13.92 21.43 21.73
C HIS D 223 15.44 21.27 21.73
N LEU D 224 15.95 20.12 22.18
CA LEU D 224 17.40 19.78 22.15
C LEU D 224 17.58 18.35 21.67
N ILE D 225 18.32 18.19 20.56
CA ILE D 225 18.68 16.89 19.99
C ILE D 225 20.15 16.66 20.28
N PHE D 226 20.51 15.48 20.78
CA PHE D 226 21.93 15.16 21.08
C PHE D 226 22.23 13.77 20.47
N THR D 227 23.38 13.64 19.76
CA THR D 227 23.88 12.34 19.32
C THR D 227 25.36 12.17 19.69
N SER D 228 25.74 10.95 20.08
CA SER D 228 27.13 10.52 20.32
C SER D 228 27.21 9.03 20.18
N ALA D 229 28.31 8.51 19.59
CA ALA D 229 28.58 7.08 19.54
C ALA D 229 29.64 6.65 20.59
N SER D 230 30.13 7.56 21.43
CA SER D 230 31.28 7.33 22.25
C SER D 230 30.93 6.75 23.62
N THR D 231 29.64 6.80 24.01
CA THR D 231 29.22 6.53 25.38
C THR D 231 27.68 6.26 25.32
N THR D 232 27.13 5.84 26.47
CA THR D 232 25.69 5.65 26.69
C THR D 232 25.43 5.69 28.20
N ASP D 233 24.32 6.34 28.62
CA ASP D 233 23.96 6.45 30.05
C ASP D 233 22.51 6.95 30.18
N MET D 234 21.97 6.68 31.37
CA MET D 234 20.61 7.15 31.74
C MET D 234 20.62 7.80 33.14
N PRO D 235 20.17 9.10 33.27
CA PRO D 235 19.85 10.05 32.20
C PRO D 235 21.11 10.32 31.31
N GLY D 236 20.86 10.84 30.10
CA GLY D 236 21.88 10.93 29.05
C GLY D 236 22.60 12.27 28.94
N ALA D 237 23.45 12.35 27.92
CA ALA D 237 24.22 13.57 27.63
C ALA D 237 23.26 14.75 27.33
N ASP D 238 22.07 14.48 26.77
CA ASP D 238 21.06 15.55 26.55
C ASP D 238 20.68 16.26 27.84
N TYR D 239 20.41 15.46 28.88
CA TYR D 239 20.06 15.98 30.23
C TYR D 239 21.19 16.85 30.77
N HIS D 240 22.43 16.32 30.73
CA HIS D 240 23.54 17.09 31.32
C HIS D 240 23.86 18.36 30.53
N CYS D 241 23.81 18.29 29.20
CA CYS D 241 24.08 19.45 28.34
C CYS D 241 23.03 20.56 28.61
N ALA D 242 21.75 20.19 28.69
CA ALA D 242 20.71 21.17 29.03
C ALA D 242 20.97 21.82 30.38
N LYS D 243 21.36 21.01 31.39
CA LYS D 243 21.65 21.57 32.71
C LYS D 243 22.85 22.51 32.69
N LEU D 244 23.90 22.16 32.00
CA LEU D 244 25.13 22.98 31.91
C LEU D 244 24.82 24.33 31.22
N LEU D 245 23.91 24.28 30.23
CA LEU D 245 23.47 25.51 29.52
C LEU D 245 22.46 26.38 30.32
N GLY D 246 21.84 25.83 31.34
CA GLY D 246 20.72 26.48 32.04
C GLY D 246 19.48 26.64 31.18
N LEU D 247 19.17 25.68 30.34
CA LEU D 247 17.89 25.67 29.59
C LEU D 247 16.69 25.44 30.51
N SER D 248 15.51 25.82 29.99
CA SER D 248 14.26 25.48 30.72
C SER D 248 14.15 23.97 30.97
N PRO D 249 13.69 23.55 32.15
CA PRO D 249 13.46 22.12 32.40
C PRO D 249 12.43 21.48 31.48
N SER D 250 11.57 22.27 30.85
CA SER D 250 10.58 21.76 29.87
C SER D 250 11.02 21.80 28.39
N VAL D 251 12.31 22.03 28.14
CA VAL D 251 12.84 21.79 26.82
C VAL D 251 12.64 20.30 26.41
N LYS D 252 12.13 20.07 25.20
CA LYS D 252 11.80 18.74 24.70
C LYS D 252 13.02 18.09 24.11
N ARG D 253 13.51 17.01 24.72
CA ARG D 253 14.80 16.37 24.35
C ARG D 253 14.64 15.14 23.44
N VAL D 254 15.61 14.99 22.52
CA VAL D 254 15.68 13.86 21.61
C VAL D 254 17.08 13.26 21.73
N MET D 255 17.25 12.20 22.52
CA MET D 255 18.57 11.58 22.76
C MET D 255 18.76 10.41 21.77
N MET D 256 19.87 10.45 21.00
CA MET D 256 20.17 9.42 19.96
C MET D 256 21.60 8.86 20.14
N TYR D 257 21.76 7.91 21.06
CA TYR D 257 23.07 7.27 21.26
C TYR D 257 23.40 6.23 20.14
N GLN D 258 24.69 6.11 19.82
CA GLN D 258 25.19 5.03 18.96
C GLN D 258 24.53 5.04 17.57
N LEU D 259 24.48 6.21 16.93
CA LEU D 259 24.21 6.27 15.49
C LEU D 259 25.47 5.97 14.69
N GLY D 260 26.55 6.71 14.98
CA GLY D 260 27.77 6.58 14.18
C GLY D 260 27.86 7.68 13.14
N CSD D 261 28.66 7.37 12.10
CA CSD D 261 29.15 8.42 11.22
CB CSD D 261 30.31 7.93 10.35
SG CSD D 261 31.88 7.93 11.12
C CSD D 261 28.07 9.06 10.33
O CSD D 261 28.36 10.10 9.70
OD1 CSD D 261 32.82 7.54 9.98
OD2 CSD D 261 31.77 6.77 12.04
N TYR D 262 26.86 8.50 10.21
CA TYR D 262 25.79 9.15 9.45
C TYR D 262 24.91 10.14 10.30
N GLY D 263 25.17 10.24 11.61
CA GLY D 263 24.28 10.95 12.54
C GLY D 263 24.16 12.46 12.37
N GLY D 264 25.17 13.12 11.74
CA GLY D 264 25.03 14.55 11.44
C GLY D 264 23.88 14.82 10.48
N GLY D 265 23.69 13.93 9.49
CA GLY D 265 22.50 14.00 8.66
C GLY D 265 21.23 13.68 9.45
N THR D 266 21.27 12.68 10.31
CA THR D 266 20.06 12.26 11.07
C THR D 266 19.53 13.48 11.91
N VAL D 267 20.41 14.20 12.61
CA VAL D 267 19.90 15.26 13.48
C VAL D 267 19.24 16.39 12.73
N LEU D 268 19.73 16.68 11.49
CA LEU D 268 19.08 17.66 10.61
C LEU D 268 17.71 17.18 10.14
N ARG D 269 17.61 15.88 9.80
CA ARG D 269 16.34 15.26 9.40
C ARG D 269 15.28 15.37 10.53
N ILE D 270 15.70 15.06 11.75
CA ILE D 270 14.75 15.13 12.92
C ILE D 270 14.35 16.58 13.19
N ALA D 271 15.35 17.50 13.16
CA ALA D 271 15.08 18.91 13.41
C ALA D 271 14.10 19.52 12.42
N LYS D 272 14.22 19.13 11.14
N LYS D 272 14.22 19.14 11.12
CA LYS D 272 13.36 19.68 10.07
CA LYS D 272 13.34 19.71 10.06
C LYS D 272 11.87 19.51 10.38
C LYS D 272 11.86 19.52 10.40
N ASP D 273 11.46 18.26 10.68
CA ASP D 273 10.02 17.99 10.92
C ASP D 273 9.54 18.68 12.24
N ILE D 274 10.40 18.71 13.28
CA ILE D 274 10.00 19.42 14.56
C ILE D 274 9.76 20.93 14.28
N ALA D 275 10.76 21.56 13.61
CA ALA D 275 10.69 22.99 13.39
C ALA D 275 9.51 23.39 12.47
N GLU D 276 9.24 22.60 11.43
CA GLU D 276 8.14 22.95 10.50
C GLU D 276 6.76 22.71 11.13
N ASN D 277 6.63 21.67 12.00
CA ASN D 277 5.33 21.33 12.55
C ASN D 277 4.92 22.16 13.77
N ASN D 278 5.82 23.02 14.32
CA ASN D 278 5.54 23.77 15.55
C ASN D 278 5.95 25.24 15.38
N LYS D 279 4.94 26.09 15.21
CA LYS D 279 5.20 27.51 15.06
C LYS D 279 5.95 28.07 16.29
N GLY D 280 7.05 28.77 16.01
CA GLY D 280 7.92 29.30 17.04
C GLY D 280 9.02 28.36 17.55
N ALA D 281 8.99 27.10 17.16
CA ALA D 281 10.00 26.15 17.69
C ALA D 281 11.42 26.58 17.23
N ARG D 282 12.37 26.43 18.15
CA ARG D 282 13.79 26.67 17.87
C ARG D 282 14.57 25.50 18.41
N VAL D 283 15.17 24.70 17.51
CA VAL D 283 15.75 23.40 17.83
C VAL D 283 17.27 23.54 17.91
N LEU D 284 17.84 23.20 19.06
CA LEU D 284 19.31 23.09 19.24
C LEU D 284 19.73 21.63 19.01
N ALA D 285 20.54 21.36 17.98
CA ALA D 285 20.96 19.98 17.63
C ALA D 285 22.47 19.88 17.74
N VAL D 286 22.97 18.91 18.51
CA VAL D 286 24.40 18.82 18.79
C VAL D 286 24.89 17.36 18.59
N CYS D 287 26.12 17.26 18.02
CA CYS D 287 26.82 15.99 17.88
C CYS D 287 28.13 16.09 18.67
N CYS D 288 28.59 15.00 19.31
CA CYS D 288 29.87 15.03 20.03
C CYS D 288 30.46 13.64 20.14
N ASP D 289 31.75 13.50 19.78
CA ASP D 289 32.50 12.22 19.94
C ASP D 289 33.91 12.43 20.41
N ILE D 290 34.35 11.50 21.28
CA ILE D 290 35.66 11.49 21.92
C ILE D 290 36.22 10.08 21.82
N MET D 291 37.36 9.93 21.14
N MET D 291 37.36 9.92 21.13
CA MET D 291 37.82 8.63 20.66
CA MET D 291 37.84 8.61 20.63
C MET D 291 38.54 7.79 21.71
C MET D 291 38.55 7.78 21.72
N ALA D 292 38.64 8.29 22.95
CA ALA D 292 39.01 7.47 24.10
C ALA D 292 38.09 6.19 24.24
N CYS D 293 36.87 6.24 23.64
CA CYS D 293 35.99 5.06 23.64
C CYS D 293 36.60 3.84 22.92
N LEU D 294 37.48 4.08 21.91
CA LEU D 294 37.97 3.04 21.00
C LEU D 294 39.47 2.92 20.94
N PHE D 295 40.21 3.77 21.66
CA PHE D 295 41.67 3.64 21.71
C PHE D 295 42.12 2.32 22.37
N ARG D 296 42.99 1.58 21.70
CA ARG D 296 43.61 0.38 22.29
C ARG D 296 44.86 -0.01 21.49
N GLY D 297 45.64 -0.93 22.07
CA GLY D 297 46.92 -1.30 21.50
C GLY D 297 46.81 -2.31 20.39
N PRO D 298 47.90 -2.50 19.67
CA PRO D 298 47.88 -3.25 18.42
C PRO D 298 48.01 -4.76 18.63
N SER D 299 47.57 -5.54 17.67
CA SER D 299 47.99 -6.94 17.60
C SER D 299 48.75 -7.17 16.33
N GLU D 300 49.48 -8.29 16.31
CA GLU D 300 50.50 -8.57 15.31
C GLU D 300 49.99 -8.45 13.88
N SER D 301 48.73 -8.82 13.62
CA SER D 301 48.22 -8.94 12.25
C SER D 301 47.07 -7.96 11.91
N ASP D 302 46.59 -7.17 12.87
CA ASP D 302 45.24 -6.54 12.76
C ASP D 302 45.32 -5.09 12.18
N LEU D 303 45.32 -5.01 10.83
CA LEU D 303 45.29 -3.71 10.13
C LEU D 303 43.98 -2.95 10.22
N GLU D 304 42.86 -3.66 10.29
CA GLU D 304 41.56 -3.04 10.41
C GLU D 304 41.53 -2.12 11.67
N LEU D 305 41.99 -2.65 12.80
CA LEU D 305 42.06 -1.83 14.03
C LEU D 305 42.94 -0.59 13.81
N LEU D 306 44.07 -0.78 13.11
CA LEU D 306 45.02 0.36 12.91
C LEU D 306 44.47 1.46 12.00
N VAL D 307 43.69 1.10 10.99
CA VAL D 307 43.00 2.13 10.19
C VAL D 307 42.18 3.08 11.08
N GLY D 308 41.37 2.54 11.98
CA GLY D 308 40.59 3.40 12.90
C GLY D 308 41.52 4.23 13.82
N GLN D 309 42.58 3.62 14.34
CA GLN D 309 43.51 4.37 15.19
C GLN D 309 44.17 5.56 14.49
N ALA D 310 44.27 5.47 13.15
CA ALA D 310 44.91 6.53 12.32
C ALA D 310 43.94 7.66 12.00
N ILE D 311 42.64 7.36 11.87
CA ILE D 311 41.70 8.34 11.29
C ILE D 311 40.78 9.06 12.29
N PHE D 312 40.45 8.43 13.43
CA PHE D 312 39.36 9.01 14.26
C PHE D 312 39.95 10.12 15.19
N GLY D 313 39.25 11.25 15.20
CA GLY D 313 39.57 12.42 16.09
C GLY D 313 38.37 12.92 16.83
N ASP D 314 38.61 13.92 17.71
CA ASP D 314 37.59 14.37 18.67
C ASP D 314 36.98 15.71 18.24
N GLY D 315 35.69 15.90 18.47
CA GLY D 315 35.05 17.19 18.24
C GLY D 315 33.56 17.19 18.54
N ALA D 316 33.00 18.38 18.64
CA ALA D 316 31.55 18.60 18.76
C ALA D 316 31.12 19.76 17.83
N ALA D 317 29.88 19.64 17.32
CA ALA D 317 29.28 20.71 16.48
C ALA D 317 27.80 20.81 16.80
N ALA D 318 27.30 22.05 16.87
CA ALA D 318 25.89 22.32 17.20
C ALA D 318 25.29 23.31 16.19
N VAL D 319 24.01 23.11 15.86
CA VAL D 319 23.23 24.06 15.04
C VAL D 319 21.98 24.50 15.72
N ILE D 320 21.49 25.68 15.36
N ILE D 320 21.51 25.71 15.40
CA ILE D 320 20.10 26.08 15.67
CA ILE D 320 20.12 26.15 15.69
C ILE D 320 19.28 26.05 14.39
C ILE D 320 19.30 26.04 14.39
N VAL D 321 18.15 25.32 14.45
CA VAL D 321 17.27 25.13 13.31
C VAL D 321 15.89 25.74 13.62
N GLY D 322 15.32 26.50 12.71
CA GLY D 322 13.97 27.05 12.85
C GLY D 322 13.35 27.40 11.53
N ALA D 323 12.01 27.34 11.50
CA ALA D 323 11.21 27.89 10.34
C ALA D 323 10.77 29.32 10.71
N GLU D 324 10.34 30.05 9.70
CA GLU D 324 9.95 31.48 9.85
C GLU D 324 11.04 32.34 10.57
N PRO D 325 12.25 32.39 10.03
CA PRO D 325 13.28 33.26 10.64
C PRO D 325 12.80 34.71 10.68
N ASP D 326 13.17 35.41 11.74
CA ASP D 326 12.80 36.82 11.88
C ASP D 326 14.05 37.69 11.78
N GLU D 327 14.26 38.29 10.60
CA GLU D 327 15.45 39.15 10.38
C GLU D 327 15.49 40.41 11.23
N SER D 328 14.32 40.95 11.59
CA SER D 328 14.27 42.21 12.35
C SER D 328 14.81 42.05 13.77
N VAL D 329 14.81 40.81 14.30
CA VAL D 329 15.39 40.55 15.66
C VAL D 329 16.81 39.98 15.56
N GLY D 330 17.32 39.79 14.34
CA GLY D 330 18.70 39.36 14.14
C GLY D 330 18.93 37.91 13.81
N GLU D 331 17.86 37.17 13.45
CA GLU D 331 18.01 35.79 12.93
C GLU D 331 18.45 35.88 11.45
N ARG D 332 19.34 35.02 11.05
CA ARG D 332 19.90 34.99 9.66
C ARG D 332 20.04 33.53 9.18
N PRO D 333 19.19 33.06 8.24
CA PRO D 333 19.40 31.70 7.69
C PRO D 333 20.73 31.61 6.95
N ILE D 334 21.31 30.41 7.03
CA ILE D 334 22.58 30.04 6.35
C ILE D 334 22.31 29.00 5.23
N PHE D 335 21.58 27.92 5.56
CA PHE D 335 21.14 26.91 4.56
C PHE D 335 19.69 26.51 4.85
N GLU D 336 18.87 26.36 3.80
CA GLU D 336 17.49 25.84 3.91
C GLU D 336 17.54 24.33 3.79
N LEU D 337 16.76 23.63 4.66
CA LEU D 337 16.66 22.15 4.62
C LEU D 337 15.45 21.78 3.76
N VAL D 338 15.66 21.33 2.51
CA VAL D 338 14.58 21.15 1.53
C VAL D 338 13.92 19.76 1.60
N SER D 339 14.72 18.70 1.55
CA SER D 339 14.18 17.29 1.55
C SER D 339 15.21 16.36 2.14
N THR D 340 14.75 15.21 2.66
CA THR D 340 15.62 14.27 3.31
C THR D 340 15.35 12.85 2.83
N GLY D 341 16.38 12.01 2.95
CA GLY D 341 16.27 10.57 2.74
C GLY D 341 17.25 9.81 3.63
N GLN D 342 16.90 8.54 3.93
CA GLN D 342 17.85 7.62 4.60
C GLN D 342 17.69 6.27 3.90
N THR D 343 18.80 5.62 3.50
CA THR D 343 18.73 4.34 2.79
C THR D 343 19.88 3.39 3.21
N ILE D 344 19.63 2.08 3.06
CA ILE D 344 20.57 1.02 3.27
C ILE D 344 21.11 0.54 1.89
N LEU D 345 22.43 0.60 1.67
CA LEU D 345 22.98 0.22 0.38
C LEU D 345 22.93 -1.31 0.15
N PRO D 346 22.66 -1.75 -1.11
CA PRO D 346 22.64 -3.16 -1.39
C PRO D 346 24.03 -3.82 -1.18
N ASN D 347 24.00 -5.09 -0.83
CA ASN D 347 25.23 -5.90 -0.71
C ASN D 347 26.26 -5.32 0.25
N SER D 348 25.78 -4.76 1.36
CA SER D 348 26.65 -4.02 2.29
C SER D 348 26.59 -4.53 3.74
N GLU D 349 25.92 -5.67 3.97
CA GLU D 349 25.71 -6.16 5.36
C GLU D 349 27.06 -6.41 6.06
N GLY D 350 27.20 -5.86 7.25
CA GLY D 350 28.40 -6.09 8.03
C GLY D 350 29.60 -5.22 7.75
N THR D 351 29.50 -4.32 6.78
CA THR D 351 30.71 -3.62 6.32
C THR D 351 31.15 -2.45 7.25
N ILE D 352 30.24 -1.86 8.03
CA ILE D 352 30.56 -0.81 9.02
C ILE D 352 29.79 -1.18 10.29
N GLY D 353 30.51 -1.43 11.38
CA GLY D 353 29.87 -1.76 12.64
C GLY D 353 30.61 -1.21 13.87
N GLY D 354 29.92 -1.16 15.00
CA GLY D 354 30.56 -0.73 16.26
C GLY D 354 29.77 -1.28 17.41
N HIS D 355 30.49 -1.92 18.35
CA HIS D 355 29.91 -2.73 19.40
C HIS D 355 30.42 -2.26 20.77
N ILE D 356 29.51 -2.10 21.74
CA ILE D 356 29.87 -1.73 23.14
C ILE D 356 30.08 -3.03 23.94
N ARG D 357 31.35 -3.28 24.33
CA ARG D 357 31.83 -4.50 24.88
C ARG D 357 32.61 -4.18 26.19
N GLU D 358 32.96 -5.24 26.93
CA GLU D 358 33.77 -5.08 28.15
C GLU D 358 35.15 -4.43 27.85
N ALA D 359 35.66 -4.68 26.64
CA ALA D 359 36.93 -4.04 26.19
C ALA D 359 36.84 -2.55 25.66
N GLY D 360 35.64 -1.98 25.66
CA GLY D 360 35.36 -0.71 25.06
C GLY D 360 34.53 -0.77 23.77
N LEU D 361 34.72 0.20 22.89
CA LEU D 361 34.02 0.22 21.61
C LEU D 361 34.93 -0.51 20.58
N ILE D 362 34.39 -1.61 20.03
CA ILE D 362 35.07 -2.50 19.06
C ILE D 362 34.40 -2.29 17.71
N PHE D 363 35.19 -1.99 16.66
CA PHE D 363 34.62 -1.60 15.36
C PHE D 363 34.99 -2.54 14.23
N ASP D 364 34.10 -2.56 13.23
CA ASP D 364 34.28 -3.34 11.98
C ASP D 364 34.29 -2.33 10.84
N LEU D 365 35.33 -2.46 9.98
CA LEU D 365 35.48 -1.60 8.80
C LEU D 365 35.98 -2.45 7.63
N HIS D 366 35.10 -2.73 6.67
CA HIS D 366 35.49 -3.57 5.49
C HIS D 366 36.26 -2.73 4.43
N LYS D 367 37.23 -3.38 3.76
CA LYS D 367 37.97 -2.78 2.65
C LYS D 367 37.05 -2.32 1.49
N ASP D 368 35.90 -2.90 1.32
CA ASP D 368 34.99 -2.55 0.20
C ASP D 368 34.14 -1.27 0.42
N VAL D 369 34.23 -0.61 1.61
CA VAL D 369 33.42 0.58 1.87
C VAL D 369 33.53 1.71 0.78
N PRO D 370 34.75 2.15 0.38
CA PRO D 370 34.82 3.14 -0.65
C PRO D 370 34.16 2.77 -1.99
N MET D 371 34.33 1.54 -2.44
CA MET D 371 33.66 1.05 -3.67
C MET D 371 32.16 1.01 -3.50
N LEU D 372 31.66 0.53 -2.36
CA LEU D 372 30.19 0.42 -2.18
C LEU D 372 29.54 1.81 -2.23
N ILE D 373 30.15 2.79 -1.54
CA ILE D 373 29.62 4.18 -1.57
C ILE D 373 29.65 4.72 -3.02
N SER D 374 30.83 4.65 -3.68
CA SER D 374 30.95 5.27 -4.99
C SER D 374 30.08 4.60 -6.05
N ASN D 375 29.88 3.28 -5.96
CA ASN D 375 29.05 2.55 -6.93
C ASN D 375 27.53 2.86 -6.78
N ASN D 376 27.11 3.43 -5.65
CA ASN D 376 25.73 3.68 -5.37
C ASN D 376 25.35 5.19 -5.27
N ILE D 377 26.33 6.09 -5.23
CA ILE D 377 26.01 7.47 -4.88
C ILE D 377 25.23 8.16 -6.03
N GLU D 378 25.43 7.76 -7.28
CA GLU D 378 24.68 8.38 -8.38
C GLU D 378 23.14 8.08 -8.25
N LYS D 379 22.78 6.85 -7.85
CA LYS D 379 21.38 6.56 -7.55
C LYS D 379 20.78 7.48 -6.47
N CYS D 380 21.56 7.80 -5.42
CA CYS D 380 21.12 8.71 -4.37
C CYS D 380 20.87 10.12 -4.97
N LEU D 381 21.78 10.56 -5.82
CA LEU D 381 21.64 11.90 -6.46
C LEU D 381 20.39 11.97 -7.37
N ILE D 382 20.17 10.93 -8.18
CA ILE D 382 19.00 10.89 -9.10
C ILE D 382 17.69 10.96 -8.26
N GLU D 383 17.60 10.20 -7.17
CA GLU D 383 16.40 10.25 -6.30
C GLU D 383 16.15 11.68 -5.71
N ALA D 384 17.24 12.33 -5.31
CA ALA D 384 17.16 13.67 -4.66
C ALA D 384 16.79 14.74 -5.67
N PHE D 385 17.35 14.65 -6.89
CA PHE D 385 17.39 15.83 -7.81
C PHE D 385 16.49 15.76 -8.98
N THR D 386 16.05 14.56 -9.38
CA THR D 386 15.06 14.49 -10.51
C THR D 386 13.82 15.42 -10.28
N PRO D 387 13.30 15.49 -9.03
CA PRO D 387 12.09 16.37 -8.83
C PRO D 387 12.37 17.87 -9.01
N ILE D 388 13.62 18.25 -8.90
CA ILE D 388 14.11 19.60 -9.02
C ILE D 388 14.56 19.89 -10.45
N GLY D 389 14.60 18.89 -11.33
CA GLY D 389 15.06 19.09 -12.70
C GLY D 389 16.57 19.18 -12.91
N ILE D 390 17.35 18.61 -11.98
CA ILE D 390 18.83 18.71 -12.01
C ILE D 390 19.42 17.33 -12.28
N SER D 391 20.36 17.29 -13.22
CA SER D 391 21.11 16.05 -13.57
C SER D 391 22.62 16.24 -13.64
N ASP D 392 23.10 17.48 -13.58
CA ASP D 392 24.56 17.80 -13.69
C ASP D 392 25.16 17.98 -12.28
N TRP D 393 25.98 17.01 -11.84
CA TRP D 393 26.44 17.00 -10.46
C TRP D 393 27.56 18.01 -10.15
N ASN D 394 28.06 18.65 -11.21
CA ASN D 394 28.94 19.81 -11.06
C ASN D 394 28.19 21.12 -10.95
N SER D 395 26.86 21.10 -11.10
CA SER D 395 26.05 22.35 -11.02
C SER D 395 25.47 22.66 -9.61
N ILE D 396 25.88 21.87 -8.62
CA ILE D 396 25.42 21.96 -7.24
C ILE D 396 26.65 22.05 -6.33
N PHE D 397 26.46 22.50 -5.11
CA PHE D 397 27.49 22.43 -4.06
C PHE D 397 27.32 21.13 -3.24
N TRP D 398 28.41 20.71 -2.58
CA TRP D 398 28.45 19.44 -1.83
C TRP D 398 28.93 19.67 -0.39
N ILE D 399 28.27 19.02 0.56
CA ILE D 399 28.68 19.02 1.98
C ILE D 399 28.78 17.53 2.43
N THR D 400 29.99 16.96 2.31
CA THR D 400 30.17 15.50 2.33
C THR D 400 30.99 15.07 3.54
N HIS D 401 30.46 14.11 4.30
CA HIS D 401 31.21 13.48 5.38
C HIS D 401 32.53 12.86 4.86
N PRO D 402 33.71 13.30 5.38
CA PRO D 402 35.01 12.76 4.89
C PRO D 402 35.39 11.48 5.70
N GLY D 403 34.68 10.36 5.45
CA GLY D 403 34.87 9.18 6.28
C GLY D 403 36.28 8.62 6.14
N GLY D 404 36.86 8.80 4.94
CA GLY D 404 38.28 8.59 4.67
C GLY D 404 38.63 9.18 3.32
N LYS D 405 39.91 9.40 3.10
CA LYS D 405 40.37 9.98 1.86
C LYS D 405 39.94 9.11 0.65
N ALA D 406 39.94 7.77 0.83
CA ALA D 406 39.57 6.89 -0.29
C ALA D 406 38.08 7.00 -0.70
N ILE D 407 37.18 7.31 0.24
CA ILE D 407 35.77 7.52 -0.09
C ILE D 407 35.61 8.77 -0.98
N LEU D 408 36.25 9.88 -0.59
CA LEU D 408 36.23 11.09 -1.41
C LEU D 408 36.85 10.87 -2.79
N ASP D 409 38.02 10.24 -2.84
CA ASP D 409 38.71 10.06 -4.11
C ASP D 409 37.85 9.21 -5.06
N LYS D 410 37.22 8.13 -4.56
CA LYS D 410 36.46 7.25 -5.44
C LYS D 410 35.17 7.94 -5.91
N VAL D 411 34.48 8.69 -5.04
CA VAL D 411 33.26 9.41 -5.47
C VAL D 411 33.62 10.45 -6.55
N GLU D 412 34.70 11.21 -6.33
CA GLU D 412 35.14 12.25 -7.31
C GLU D 412 35.45 11.63 -8.66
N GLU D 413 36.15 10.48 -8.65
CA GLU D 413 36.51 9.81 -9.88
C GLU D 413 35.26 9.26 -10.61
N LYS D 414 34.37 8.61 -9.84
CA LYS D 414 33.16 7.96 -10.44
C LYS D 414 32.34 8.97 -11.19
N LEU D 415 32.17 10.17 -10.56
CA LEU D 415 31.26 11.22 -11.08
C LEU D 415 31.97 12.29 -11.91
N HIS D 416 33.30 12.22 -12.05
CA HIS D 416 34.07 13.28 -12.71
C HIS D 416 33.78 14.66 -12.07
N LEU D 417 33.79 14.72 -10.75
CA LEU D 417 33.58 16.00 -10.06
C LEU D 417 34.81 16.91 -10.17
N LYS D 418 34.52 18.21 -10.40
CA LYS D 418 35.57 19.23 -10.33
C LYS D 418 36.20 19.24 -8.97
N SER D 419 37.46 19.66 -8.91
CA SER D 419 38.19 19.67 -7.59
C SER D 419 37.58 20.62 -6.55
N ASP D 420 36.80 21.61 -6.97
CA ASP D 420 36.16 22.50 -6.02
C ASP D 420 35.13 21.81 -5.13
N LYS D 421 34.53 20.72 -5.57
CA LYS D 421 33.44 20.17 -4.76
C LYS D 421 33.84 19.70 -3.33
N PHE D 422 35.04 19.08 -3.21
CA PHE D 422 35.48 18.47 -1.95
C PHE D 422 36.51 19.32 -1.20
N VAL D 423 36.67 20.59 -1.56
CA VAL D 423 37.64 21.48 -0.91
C VAL D 423 37.46 21.52 0.61
N ASP D 424 36.21 21.75 1.06
CA ASP D 424 35.97 21.90 2.49
C ASP D 424 36.02 20.53 3.23
N SER D 425 35.48 19.46 2.62
CA SER D 425 35.62 18.11 3.17
C SER D 425 37.10 17.72 3.41
N ARG D 426 37.97 18.02 2.42
CA ARG D 426 39.37 17.71 2.52
C ARG D 426 40.09 18.59 3.54
N HIS D 427 39.68 19.86 3.67
CA HIS D 427 40.30 20.78 4.66
C HIS D 427 39.97 20.32 6.09
N VAL D 428 38.69 19.99 6.34
CA VAL D 428 38.30 19.48 7.67
C VAL D 428 39.01 18.16 8.00
N LEU D 429 39.04 17.24 7.02
CA LEU D 429 39.84 15.99 7.22
C LEU D 429 41.30 16.29 7.60
N SER D 430 41.92 17.21 6.87
CA SER D 430 43.31 17.61 7.12
C SER D 430 43.51 18.10 8.59
N GLU D 431 42.60 18.94 9.07
CA GLU D 431 42.83 19.67 10.32
C GLU D 431 42.22 18.99 11.54
N HIS D 432 41.33 17.99 11.32
CA HIS D 432 40.60 17.36 12.43
C HIS D 432 40.44 15.83 12.36
N GLY D 433 40.76 15.20 11.23
CA GLY D 433 40.41 13.77 11.04
C GLY D 433 38.90 13.54 10.93
N ASN D 434 38.53 12.26 11.08
CA ASN D 434 37.13 11.82 11.09
C ASN D 434 36.61 11.89 12.55
N MET D 435 35.73 12.87 12.82
CA MET D 435 35.13 13.05 14.13
C MET D 435 33.72 12.43 14.25
N SER D 436 33.38 11.44 13.42
CA SER D 436 32.07 10.82 13.38
C SER D 436 30.96 11.86 13.03
N SER D 437 29.78 11.81 13.66
N SER D 437 29.78 11.81 13.66
CA SER D 437 28.60 12.59 13.22
CA SER D 437 28.61 12.63 13.27
C SER D 437 28.88 14.14 13.12
C SER D 437 28.89 14.15 13.11
N SER D 438 29.70 14.73 14.01
CA SER D 438 29.92 16.17 13.93
CA SER D 438 29.98 16.18 13.95
C SER D 438 30.60 16.63 12.61
N THR D 439 31.35 15.76 11.96
CA THR D 439 32.30 16.16 10.91
C THR D 439 31.57 16.91 9.79
N VAL D 440 30.42 16.41 9.33
CA VAL D 440 29.71 17.06 8.23
C VAL D 440 29.23 18.47 8.59
N LEU D 441 28.97 18.72 9.88
CA LEU D 441 28.62 20.07 10.33
C LEU D 441 29.82 21.04 10.41
N PHE D 442 31.02 20.53 10.71
CA PHE D 442 32.24 21.30 10.46
C PHE D 442 32.42 21.67 8.99
N VAL D 443 32.15 20.71 8.09
CA VAL D 443 32.24 20.99 6.63
C VAL D 443 31.22 22.09 6.23
N MET D 444 30.00 22.01 6.75
CA MET D 444 28.97 23.06 6.48
C MET D 444 29.45 24.43 6.94
N ASP D 445 30.05 24.50 8.14
CA ASP D 445 30.57 25.76 8.68
C ASP D 445 31.69 26.32 7.79
N GLU D 446 32.63 25.45 7.39
CA GLU D 446 33.76 25.90 6.55
CA GLU D 446 33.75 25.90 6.51
C GLU D 446 33.27 26.41 5.18
N LEU D 447 32.30 25.74 4.58
CA LEU D 447 31.76 26.14 3.27
C LEU D 447 31.22 27.55 3.35
N ARG D 448 30.35 27.84 4.35
CA ARG D 448 29.70 29.17 4.40
C ARG D 448 30.70 30.29 4.81
N LYS D 449 31.70 29.96 5.67
CA LYS D 449 32.72 30.94 5.99
C LYS D 449 33.64 31.25 4.78
N ARG D 450 34.10 30.20 4.09
CA ARG D 450 34.96 30.37 2.91
C ARG D 450 34.26 31.08 1.80
N SER D 451 33.00 30.81 1.58
CA SER D 451 32.20 31.50 0.53
C SER D 451 32.18 33.00 0.76
N LEU D 452 31.96 33.42 2.02
CA LEU D 452 32.09 34.83 2.37
C LEU D 452 33.50 35.42 2.12
N GLU D 453 34.52 34.76 2.65
CA GLU D 453 35.91 35.24 2.53
C GLU D 453 36.42 35.38 1.06
N GLU D 454 35.94 34.48 0.16
CA GLU D 454 36.43 34.41 -1.22
C GLU D 454 35.55 35.18 -2.22
N GLY D 455 34.59 35.92 -1.68
CA GLY D 455 33.74 36.79 -2.55
C GLY D 455 32.67 36.10 -3.35
N LYS D 456 32.18 34.91 -2.88
CA LYS D 456 31.14 34.21 -3.58
C LYS D 456 29.72 34.79 -3.30
N SER D 457 28.80 34.56 -4.25
CA SER D 457 27.48 35.26 -4.19
C SER D 457 26.43 34.54 -3.31
N THR D 458 26.72 33.30 -2.90
CA THR D 458 25.84 32.56 -1.95
C THR D 458 26.69 31.86 -0.92
N THR D 459 26.04 31.38 0.15
CA THR D 459 26.69 30.56 1.21
C THR D 459 27.14 29.18 0.71
N GLY D 460 26.68 28.77 -0.52
CA GLY D 460 27.09 27.52 -1.12
C GLY D 460 28.06 27.67 -2.29
N ASP D 461 29.15 28.41 -2.09
CA ASP D 461 30.20 28.62 -3.14
C ASP D 461 29.62 29.21 -4.41
N GLY D 462 28.58 30.07 -4.28
CA GLY D 462 27.94 30.71 -5.44
C GLY D 462 26.80 29.95 -6.12
N PHE D 463 26.58 28.68 -5.74
CA PHE D 463 25.55 27.81 -6.33
C PHE D 463 24.26 27.99 -5.53
N GLU D 464 23.13 27.74 -6.17
CA GLU D 464 21.78 27.76 -5.54
C GLU D 464 21.48 26.48 -4.75
N TRP D 465 21.63 25.33 -5.39
CA TRP D 465 21.27 24.03 -4.85
C TRP D 465 22.48 23.21 -4.41
N GLY D 466 22.30 22.44 -3.35
CA GLY D 466 23.36 21.58 -2.87
C GLY D 466 22.86 20.32 -2.21
N VAL D 467 23.80 19.45 -1.85
CA VAL D 467 23.48 18.14 -1.22
C VAL D 467 24.44 17.91 -0.05
N LEU D 468 23.88 17.39 1.05
CA LEU D 468 24.63 16.97 2.23
C LEU D 468 24.52 15.43 2.40
N PHE D 469 25.65 14.77 2.66
CA PHE D 469 25.71 13.27 2.79
C PHE D 469 26.46 12.89 4.08
N GLY D 470 25.84 11.99 4.84
CA GLY D 470 26.54 11.22 5.92
C GLY D 470 26.52 9.73 5.60
N PHE D 471 27.58 8.99 5.99
CA PHE D 471 27.74 7.55 5.70
C PHE D 471 28.13 6.84 6.98
N GLY D 472 27.50 5.69 7.28
CA GLY D 472 27.87 4.98 8.50
C GLY D 472 27.22 3.59 8.58
N PRO D 473 27.10 3.02 9.81
CA PRO D 473 26.67 1.58 9.94
C PRO D 473 25.36 1.23 9.20
N GLY D 474 25.40 0.11 8.48
CA GLY D 474 24.21 -0.37 7.75
C GLY D 474 24.45 -1.22 6.50
N LEU D 475 25.15 -0.72 5.46
CA LEU D 475 25.76 0.64 5.35
C LEU D 475 24.65 1.67 5.04
N THR D 476 24.46 2.61 5.95
CA THR D 476 23.43 3.67 5.87
C THR D 476 23.96 4.95 5.24
N VAL D 477 23.16 5.53 4.33
CA VAL D 477 23.43 6.85 3.76
C VAL D 477 22.28 7.80 4.19
N GLU D 478 22.64 8.91 4.85
CA GLU D 478 21.72 10.04 5.11
C GLU D 478 21.97 11.09 4.04
N ARG D 479 20.90 11.58 3.40
CA ARG D 479 20.96 12.63 2.35
C ARG D 479 20.03 13.79 2.72
N VAL D 480 20.52 15.02 2.55
CA VAL D 480 19.69 16.22 2.70
C VAL D 480 19.91 17.10 1.47
N VAL D 481 18.84 17.43 0.74
CA VAL D 481 18.91 18.50 -0.29
C VAL D 481 18.81 19.85 0.47
N VAL D 482 19.74 20.75 0.17
CA VAL D 482 19.80 22.06 0.80
C VAL D 482 19.80 23.17 -0.26
N ARG D 483 19.36 24.36 0.13
CA ARG D 483 19.51 25.56 -0.69
C ARG D 483 20.38 26.54 0.06
N SER D 484 21.25 27.22 -0.67
CA SER D 484 22.08 28.29 -0.10
C SER D 484 21.19 29.55 0.09
N VAL D 485 21.79 30.59 0.68
CA VAL D 485 21.20 31.90 0.89
C VAL D 485 22.14 32.93 0.22
N PRO D 486 21.56 33.96 -0.40
CA PRO D 486 22.45 35.00 -1.04
C PRO D 486 23.33 35.72 -0.02
N ILE D 487 24.55 36.07 -0.40
CA ILE D 487 25.38 37.00 0.40
C ILE D 487 25.15 38.48 -0.06
N1A COA E . -13.70 20.36 -24.35
C2A COA E . -13.92 21.54 -25.00
N3A COA E . -13.01 22.25 -25.65
C4A COA E . -11.73 21.76 -25.69
C5A COA E . -11.38 20.51 -25.02
C6A COA E . -12.46 19.77 -24.36
N6A COA E . -12.24 18.60 -23.73
N7A COA E . -10.04 20.34 -25.23
C8A COA E . -9.57 21.36 -26.01
N9A COA E . -10.60 22.21 -26.24
C1B COA E . -10.55 23.48 -26.96
C2B COA E . -9.84 24.56 -26.11
O2B COA E . -10.72 25.29 -25.22
C3B COA E . -9.22 25.42 -27.23
O3B COA E . -10.24 26.34 -27.68
P3B COA E . -10.17 27.96 -27.42
O7A COA E . -11.36 28.52 -28.23
O8A COA E . -10.36 27.94 -25.91
O9A COA E . -8.75 28.35 -27.80
C4B COA E . -8.86 24.45 -28.37
O4B COA E . -9.67 23.27 -28.08
C5B COA E . -7.39 24.01 -28.45
O5B COA E . -7.03 23.42 -27.18
P1A COA E . -5.61 23.78 -26.42
O1A COA E . -5.84 23.51 -24.87
O2A COA E . -5.06 25.05 -27.04
O3A COA E . -4.66 22.50 -26.89
P2A COA E . -3.96 22.15 -28.31
O4A COA E . -2.41 22.27 -28.08
O5A COA E . -4.67 23.03 -29.40
O6A COA E . -4.32 20.57 -28.40
CBP COA E . -5.80 18.69 -28.09
CCP COA E . -5.68 20.15 -28.53
CDP COA E . -4.95 17.75 -29.02
CEP COA E . -7.30 18.33 -28.23
CAP COA E . -5.33 18.56 -26.62
OAP COA E . -6.07 19.53 -25.80
C9P COA E . -5.45 17.15 -26.02
O9P COA E . -4.62 16.27 -26.35
N8P COA E . -6.42 16.98 -25.08
C7P COA E . -6.68 15.71 -24.39
C6P COA E . -7.78 14.94 -25.09
C5P COA E . -8.38 13.88 -24.18
O5P COA E . -8.91 14.15 -23.11
N4P COA E . -8.31 12.60 -24.61
C3P COA E . -8.89 11.48 -23.84
C2P COA E . -10.08 10.81 -24.66
S1P COA E . -11.07 9.72 -23.63
C1 PEG F . -15.32 3.95 -28.91
O1 PEG F . -14.79 4.09 -30.26
C2 PEG F . -14.59 4.96 -28.03
O2 PEG F . -15.35 5.98 -27.50
C3 PEG F . -14.79 6.98 -26.63
C4 PEG F . -15.57 7.29 -25.38
O4 PEG F . -14.92 7.10 -24.12
N1A COA G . -42.33 -18.27 -29.85
C2A COA G . -43.60 -18.14 -30.36
N3A COA G . -44.69 -18.76 -29.81
C4A COA G . -44.48 -19.56 -28.69
C5A COA G . -43.13 -19.72 -28.10
C6A COA G . -42.05 -19.02 -28.75
N6A COA G . -40.78 -19.17 -28.29
N7A COA G . -43.22 -20.58 -27.01
C8A COA G . -44.54 -20.91 -26.92
N9A COA G . -45.28 -20.31 -27.89
C1B COA G . -46.74 -20.47 -28.10
C2B COA G . -47.09 -21.86 -28.67
O2B COA G . -46.93 -21.99 -30.10
C3B COA G . -48.52 -22.02 -28.20
O3B COA G . -49.40 -21.37 -29.10
P3B COA G . -50.36 -22.10 -30.20
O7A COA G . -51.23 -20.94 -30.76
O8A COA G . -49.30 -22.65 -31.15
O9A COA G . -51.21 -23.20 -29.52
C4B COA G . -48.52 -21.29 -26.84
O4B COA G . -47.37 -20.40 -26.84
C5B COA G . -48.41 -22.31 -25.71
O5B COA G . -47.15 -23.02 -25.85
P1A COA G . -47.04 -24.61 -25.39
O1A COA G . -45.80 -25.13 -26.15
O2A COA G . -48.36 -25.31 -25.62
O3A COA G . -46.52 -24.54 -23.81
P2A COA G . -47.30 -24.16 -22.46
O4A COA G . -47.43 -25.43 -21.54
O5A COA G . -48.51 -23.24 -22.75
O6A COA G . -46.16 -23.24 -21.83
CBP COA G . -44.43 -21.56 -21.93
CCP COA G . -45.82 -21.95 -22.43
CDP COA G . -44.44 -21.38 -20.39
CEP COA G . -44.11 -20.23 -22.56
CAP COA G . -43.41 -22.66 -22.33
OAP COA G . -43.47 -22.95 -23.75
C9P COA G . -41.96 -22.44 -21.89
O9P COA G . -41.59 -22.60 -20.70
N8P COA G . -41.12 -22.19 -22.87
C7P COA G . -39.68 -21.89 -22.70
C6P COA G . -39.40 -20.37 -22.53
C5P COA G . -37.96 -20.06 -22.85
O5P COA G . -37.46 -20.39 -23.95
N4P COA G . -37.23 -19.46 -21.95
C3P COA G . -35.86 -19.08 -22.14
C2P COA G . -35.70 -17.49 -22.04
S1P COA G . -34.13 -16.88 -22.63
C1 PEG H . -32.67 -11.85 -23.93
O1 PEG H . -33.48 -13.02 -24.32
C2 PEG H . -32.61 -11.88 -22.48
O2 PEG H . -33.37 -10.80 -21.94
C3 PEG H . -32.70 -10.15 -20.93
C4 PEG H . -33.55 -9.67 -19.86
O4 PEG H . -32.98 -8.36 -19.42
N1A COA I . 15.42 1.26 47.66
C2A COA I . 15.71 0.56 48.77
N3A COA I . 14.76 -0.02 49.51
C4A COA I . 13.43 0.10 49.14
C5A COA I . 13.04 0.87 47.95
C6A COA I . 14.15 1.48 47.21
N6A COA I . 13.90 2.21 46.07
N7A COA I . 11.67 0.82 47.82
C8A COA I . 11.21 0.08 48.85
N9A COA I . 12.26 -0.35 49.65
C1B COA I . 12.19 -1.17 50.85
C2B COA I . 11.54 -0.38 52.02
O2B COA I . 12.51 0.43 52.68
C3B COA I . 10.96 -1.54 52.84
O3B COA I . 12.00 -2.10 53.66
P3B COA I . 12.15 -1.73 55.24
O7A COA I . 13.23 -2.69 55.78
O8A COA I . 12.56 -0.25 55.21
O9A COA I . 10.75 -1.97 55.79
C4B COA I . 10.54 -2.55 51.77
O4B COA I . 11.33 -2.26 50.57
C5B COA I . 9.06 -2.46 51.42
O5B COA I . 8.81 -1.08 51.06
P1A COA I . 7.45 -0.29 51.51
O1A COA I . 7.62 1.25 51.36
O2A COA I . 6.97 -0.89 52.83
O3A COA I . 6.49 -0.62 50.24
P2A COA I . 5.54 -1.91 49.95
O4A COA I . 4.07 -1.59 50.15
O5A COA I . 6.18 -3.16 50.61
O6A COA I . 5.82 -1.96 48.32
CBP COA I . 7.22 -1.69 46.37
CCP COA I . 7.13 -2.26 47.81
CDP COA I . 6.36 -2.54 45.38
CEP COA I . 8.68 -1.89 45.97
CAP COA I . 6.87 -0.16 46.37
OAP COA I . 7.71 0.53 47.28
C9P COA I . 6.90 0.55 45.03
O9P COA I . 6.00 0.32 44.19
N8P COA I . 7.95 1.43 44.85
C7P COA I . 8.14 2.12 43.57
C6P COA I . 9.18 1.39 42.69
C5P COA I . 9.76 2.39 41.66
O5P COA I . 10.37 3.40 42.05
N4P COA I . 9.61 2.12 40.33
C3P COA I . 10.25 2.90 39.27
C2P COA I . 11.23 1.98 38.45
S1P COA I . 12.20 2.96 37.29
N1A COA J . 40.71 -3.38 6.84
C2A COA J . 41.95 -4.00 6.80
N3A COA J . 43.04 -3.52 6.16
C4A COA J . 42.91 -2.33 5.51
C5A COA J . 41.63 -1.61 5.46
C6A COA J . 40.52 -2.19 6.19
N6A COA J . 39.34 -1.60 6.18
N7A COA J . 41.80 -0.46 4.73
C8A COA J . 43.10 -0.49 4.32
N9A COA J . 43.74 -1.60 4.80
C1B COA J . 45.17 -2.04 4.58
C2B COA J . 45.45 -2.53 3.13
O2B COA J . 44.97 -3.88 3.02
C3B COA J . 46.97 -2.23 3.02
O3B COA J . 47.71 -3.12 3.78
P3B COA J . 48.97 -3.82 3.11
O7A COA J . 49.31 -5.12 3.87
O8A COA J . 48.44 -4.23 1.72
O9A COA J . 50.58 -3.22 2.67
C4B COA J . 47.07 -0.92 3.82
O4B COA J . 46.00 -0.92 4.82
C5B COA J . 46.95 0.36 2.99
O5B COA J . 45.65 0.41 2.35
P1A COA J . 45.53 1.01 0.80
O1A COA J . 44.25 0.50 0.13
O2A COA J . 46.90 0.95 0.08
O3A COA J . 45.13 2.57 1.09
P2A COA J . 46.10 3.84 1.39
O4A COA J . 46.19 4.69 0.11
O5A COA J . 47.45 3.35 2.09
O6A COA J . 45.11 4.61 2.41
CBP COA J . 43.37 4.64 4.13
CCP COA J . 44.71 4.05 3.67
CDP COA J . 43.48 6.14 4.42
CEP COA J . 42.98 3.89 5.41
CAP COA J . 42.27 4.42 3.03
OAP COA J . 42.24 3.03 2.73
C9P COA J . 40.87 4.93 3.35
O9P COA J . 40.61 6.17 3.31
N8P COA J . 39.93 3.99 3.64
C7P COA J . 38.52 4.33 3.95
C6P COA J . 38.32 4.34 5.46
C5P COA J . 36.90 4.06 5.88
O5P COA J . 36.34 3.01 5.55
N4P COA J . 36.30 4.99 6.64
C3P COA J . 34.93 4.86 7.20
C2P COA J . 34.95 4.90 8.77
S1P COA J . 33.35 4.41 9.37
#